data_4L8V
#
_entry.id   4L8V
#
_cell.length_a   50.630
_cell.length_b   190.290
_cell.length_c   90.240
_cell.angle_alpha   90.00
_cell.angle_beta   100.31
_cell.angle_gamma   90.00
#
_symmetry.space_group_name_H-M   'P 1 21 1'
#
loop_
_entity.id
_entity.type
_entity.pdbx_description
1 polymer 'Inositol 2-dehydrogenase/D-chiro-inositol 3-dehydrogenase'
2 non-polymer 'NADP NICOTINAMIDE-ADENINE-DINUCLEOTIDE PHOSPHATE'
3 non-polymer 1,2-ETHANEDIOL
4 water water
#
_entity_poly.entity_id   1
_entity_poly.type   'polypeptide(L)'
_entity_poly.pdbx_seq_one_letter_code
;MSLRIGVIGTGKIGKEHINRITNKLSGAEIVAVTSVNQEAAQKVVEQYQLNATVYPNDDSLLADENVDAVLVTSWGPAHE
SSVLKAIKAQKYVFCEKPLATTAEGCMRIVEEEIKVGKRLVQVGFMRRYDSGYVQLKEALDNHVIGEPLMIHCAHRNPTV
GDNYTTDMAVVDTLVHEIDVLHWLVNDDYESVQVIYPKKSKNALPHLKDPQIVVIETKGGIVINAEIYVNCKYGYDIQCE
IVGEDGIIKLPEPSSISLRKEGRFSTDILMDWQRRFVAAYDVEIQDFIDSIQKKGEVSGPTAWDGYIAAVTTDACVKAQE
SGQKEKVELKEKPEFYQ
;
_entity_poly.pdbx_strand_id   A,B,C,D
#
# COMPACT_ATOMS: atom_id res chain seq x y z
N MET A 1 35.94 23.63 -16.74
CA MET A 1 34.85 24.37 -17.39
C MET A 1 34.43 25.61 -16.62
N SER A 2 33.55 25.40 -15.64
CA SER A 2 32.78 26.47 -15.02
C SER A 2 31.94 27.23 -16.06
N LEU A 3 30.71 26.75 -16.27
CA LEU A 3 29.73 27.51 -17.01
C LEU A 3 29.48 28.78 -16.22
N ARG A 4 29.58 29.92 -16.87
CA ARG A 4 29.39 31.19 -16.19
C ARG A 4 27.96 31.68 -16.41
N ILE A 5 27.24 31.89 -15.31
CA ILE A 5 25.78 32.04 -15.37
C ILE A 5 25.29 33.35 -14.81
N GLY A 6 24.44 34.03 -15.58
CA GLY A 6 23.82 35.26 -15.10
C GLY A 6 22.38 35.01 -14.72
N VAL A 7 21.95 35.61 -13.62
CA VAL A 7 20.56 35.44 -13.18
C VAL A 7 19.75 36.71 -13.39
N ILE A 8 18.63 36.57 -14.10
CA ILE A 8 17.73 37.69 -14.34
C ILE A 8 16.50 37.49 -13.45
N GLY A 9 16.37 38.32 -12.41
CA GLY A 9 15.28 38.17 -11.45
C GLY A 9 15.76 37.42 -10.23
N THR A 10 15.93 38.12 -9.11
CA THR A 10 16.41 37.47 -7.89
C THR A 10 15.32 37.33 -6.83
N GLY A 11 14.15 36.85 -7.24
CA GLY A 11 13.08 36.58 -6.31
C GLY A 11 13.26 35.23 -5.62
N LYS A 12 12.15 34.58 -5.27
CA LYS A 12 12.23 33.33 -4.51
C LYS A 12 12.90 32.19 -5.28
N ILE A 13 12.38 31.87 -6.47
CA ILE A 13 12.92 30.79 -7.29
C ILE A 13 14.33 31.13 -7.80
N GLY A 14 14.57 32.43 -8.03
CA GLY A 14 15.88 32.87 -8.46
C GLY A 14 16.92 32.55 -7.40
N LYS A 15 16.61 32.92 -6.16
CA LYS A 15 17.52 32.66 -5.05
C LYS A 15 17.74 31.17 -4.84
N GLU A 16 16.70 30.37 -5.07
CA GLU A 16 16.83 28.92 -4.91
C GLU A 16 17.67 28.28 -6.00
N HIS A 17 17.54 28.78 -7.23
CA HIS A 17 18.40 28.30 -8.30
C HIS A 17 19.86 28.70 -8.01
N ILE A 18 20.07 29.93 -7.58
CA ILE A 18 21.40 30.40 -7.22
C ILE A 18 22.04 29.48 -6.16
N ASN A 19 21.29 29.19 -5.11
CA ASN A 19 21.70 28.20 -4.10
C ASN A 19 22.13 26.85 -4.69
N ARG A 20 21.28 26.26 -5.51
CA ARG A 20 21.61 25.01 -6.22
C ARG A 20 22.95 25.05 -6.94
N ILE A 21 23.10 26.02 -7.83
CA ILE A 21 24.31 26.14 -8.62
C ILE A 21 25.52 26.38 -7.73
N THR A 22 25.35 27.24 -6.72
CA THR A 22 26.47 27.64 -5.86
C THR A 22 26.88 26.57 -4.85
N ASN A 23 25.89 25.90 -4.27
CA ASN A 23 26.14 25.01 -3.12
C ASN A 23 25.80 23.54 -3.34
N LYS A 24 25.18 23.19 -4.46
CA LYS A 24 24.70 21.81 -4.64
C LYS A 24 25.20 21.10 -5.90
N LEU A 25 25.24 21.81 -7.01
CA LEU A 25 25.49 21.19 -8.30
C LEU A 25 26.93 21.35 -8.77
N SER A 26 27.25 20.71 -9.90
CA SER A 26 28.60 20.72 -10.44
C SER A 26 28.73 21.47 -11.77
N GLY A 27 29.85 22.18 -11.95
CA GLY A 27 30.24 22.66 -13.25
C GLY A 27 29.82 24.07 -13.63
N ALA A 28 29.35 24.86 -12.65
CA ALA A 28 28.84 26.19 -12.97
C ALA A 28 28.94 27.13 -11.77
N GLU A 29 28.98 28.43 -12.05
CA GLU A 29 28.93 29.41 -10.98
C GLU A 29 28.20 30.69 -11.41
N ILE A 30 27.62 31.39 -10.44
CA ILE A 30 26.93 32.63 -10.71
C ILE A 30 27.91 33.82 -10.77
N VAL A 31 27.99 34.49 -11.92
CA VAL A 31 28.94 35.60 -12.11
C VAL A 31 28.26 36.95 -12.32
N ALA A 32 26.93 36.93 -12.46
CA ALA A 32 26.19 38.16 -12.71
C ALA A 32 24.74 38.01 -12.29
N VAL A 33 24.20 39.05 -11.65
CA VAL A 33 22.77 39.10 -11.33
C VAL A 33 22.19 40.44 -11.75
N THR A 34 20.89 40.44 -12.00
CA THR A 34 20.13 41.67 -12.17
C THR A 34 18.70 41.45 -11.66
N SER A 35 18.09 42.52 -11.18
CA SER A 35 16.72 42.49 -10.68
C SER A 35 16.14 43.89 -10.76
N VAL A 36 14.82 44.01 -10.67
CA VAL A 36 14.18 45.32 -10.71
C VAL A 36 14.41 46.09 -9.42
N ASN A 37 14.76 45.37 -8.36
CA ASN A 37 15.26 46.00 -7.15
C ASN A 37 16.75 45.73 -7.04
N GLN A 38 17.56 46.70 -7.48
CA GLN A 38 19.00 46.51 -7.55
C GLN A 38 19.66 46.27 -6.18
N GLU A 39 19.08 46.82 -5.12
CA GLU A 39 19.63 46.58 -3.78
C GLU A 39 19.33 45.16 -3.32
N ALA A 40 18.13 44.67 -3.67
CA ALA A 40 17.74 43.30 -3.39
C ALA A 40 18.74 42.31 -4.03
N ALA A 41 19.10 42.57 -5.28
CA ALA A 41 20.12 41.76 -5.95
C ALA A 41 21.44 41.79 -5.20
N GLN A 42 21.77 42.96 -4.65
CA GLN A 42 23.02 43.13 -3.92
C GLN A 42 23.05 42.25 -2.66
N LYS A 43 21.95 42.26 -1.90
CA LYS A 43 21.82 41.40 -0.72
C LYS A 43 22.01 39.93 -1.05
N VAL A 44 21.43 39.50 -2.17
CA VAL A 44 21.56 38.10 -2.61
C VAL A 44 23.02 37.75 -2.85
N VAL A 45 23.72 38.61 -3.57
CA VAL A 45 25.15 38.44 -3.81
C VAL A 45 25.92 38.39 -2.47
N GLU A 46 25.50 39.22 -1.52
CA GLU A 46 26.02 39.15 -0.16
C GLU A 46 25.68 37.80 0.47
N GLN A 47 24.37 37.52 0.54
CA GLN A 47 23.83 36.34 1.20
C GLN A 47 24.50 35.04 0.74
N TYR A 48 24.75 34.93 -0.56
CA TYR A 48 25.32 33.72 -1.12
C TYR A 48 26.80 33.82 -1.35
N GLN A 49 27.37 34.96 -0.97
CA GLN A 49 28.81 35.19 -1.08
C GLN A 49 29.28 34.92 -2.50
N LEU A 50 28.63 35.57 -3.46
CA LEU A 50 28.94 35.41 -4.86
C LEU A 50 30.04 36.36 -5.31
N ASN A 51 30.86 35.90 -6.25
CA ASN A 51 31.79 36.75 -6.97
C ASN A 51 31.07 37.21 -8.24
N ALA A 52 30.05 38.07 -8.06
CA ALA A 52 29.18 38.43 -9.16
C ALA A 52 28.93 39.94 -9.28
N THR A 53 28.78 40.41 -10.51
CA THR A 53 28.44 41.81 -10.75
C THR A 53 26.92 42.02 -10.73
N VAL A 54 26.47 43.01 -9.98
CA VAL A 54 25.07 43.43 -10.03
C VAL A 54 24.85 44.43 -11.17
N TYR A 55 24.01 44.08 -12.13
CA TYR A 55 23.68 44.96 -13.24
C TYR A 55 22.31 45.60 -13.02
N PRO A 56 22.13 46.83 -13.55
CA PRO A 56 20.84 47.54 -13.44
C PRO A 56 19.71 46.87 -14.21
N ASN A 57 20.06 46.22 -15.33
CA ASN A 57 19.07 45.59 -16.21
C ASN A 57 19.66 44.39 -16.95
N ASP A 58 18.82 43.70 -17.71
CA ASP A 58 19.25 42.49 -18.40
C ASP A 58 20.07 42.80 -19.66
N ASP A 59 19.77 43.91 -20.33
CA ASP A 59 20.58 44.34 -21.47
C ASP A 59 22.07 44.36 -21.15
N SER A 60 22.44 45.02 -20.05
CA SER A 60 23.85 45.13 -19.69
C SER A 60 24.41 43.81 -19.15
N LEU A 61 23.57 43.01 -18.50
CA LEU A 61 24.01 41.69 -18.05
C LEU A 61 24.30 40.86 -19.28
N LEU A 62 23.43 40.97 -20.27
CA LEU A 62 23.61 40.18 -21.48
C LEU A 62 24.81 40.69 -22.31
N ALA A 63 25.19 41.95 -22.10
CA ALA A 63 26.34 42.53 -22.77
C ALA A 63 27.66 41.96 -22.22
N ASP A 64 27.67 41.58 -20.94
CA ASP A 64 28.86 40.97 -20.32
C ASP A 64 29.27 39.68 -21.05
N GLU A 65 30.45 39.71 -21.69
CA GLU A 65 30.90 38.57 -22.48
C GLU A 65 31.52 37.47 -21.62
N ASN A 66 31.68 37.73 -20.33
CA ASN A 66 32.02 36.67 -19.39
C ASN A 66 30.76 35.93 -18.89
N VAL A 67 29.60 36.21 -19.49
CA VAL A 67 28.38 35.47 -19.18
C VAL A 67 28.07 34.48 -20.29
N ASP A 68 28.07 33.19 -19.95
CA ASP A 68 27.82 32.13 -20.95
C ASP A 68 26.34 31.81 -21.12
N ALA A 69 25.58 31.90 -20.03
CA ALA A 69 24.18 31.50 -20.05
C ALA A 69 23.41 32.23 -18.97
N VAL A 70 22.09 32.29 -19.13
CA VAL A 70 21.29 32.97 -18.14
C VAL A 70 20.11 32.13 -17.61
N LEU A 71 19.69 32.46 -16.40
CA LEU A 71 18.42 31.96 -15.88
CA LEU A 71 18.43 31.96 -15.87
C LEU A 71 17.45 33.13 -15.89
N VAL A 72 16.27 32.92 -16.45
CA VAL A 72 15.23 33.94 -16.40
C VAL A 72 14.25 33.52 -15.31
N THR A 73 14.37 34.19 -14.18
CA THR A 73 13.58 33.83 -13.01
C THR A 73 12.81 35.05 -12.52
N SER A 74 12.55 35.98 -13.44
CA SER A 74 11.91 37.23 -13.10
C SER A 74 10.39 37.06 -13.00
N TRP A 75 9.71 38.20 -12.87
CA TRP A 75 8.26 38.23 -12.91
C TRP A 75 7.78 37.52 -14.17
N GLY A 76 6.83 36.60 -14.03
CA GLY A 76 6.30 35.85 -15.16
C GLY A 76 6.13 36.59 -16.48
N PRO A 77 5.25 37.62 -16.50
CA PRO A 77 4.99 38.41 -17.71
C PRO A 77 6.23 39.10 -18.29
N ALA A 78 7.33 39.18 -17.54
CA ALA A 78 8.55 39.82 -18.04
C ALA A 78 9.53 38.81 -18.64
N HIS A 79 9.20 37.54 -18.56
CA HIS A 79 10.09 36.49 -19.02
C HIS A 79 10.38 36.60 -20.52
N GLU A 80 9.33 36.85 -21.28
CA GLU A 80 9.41 36.87 -22.74
C GLU A 80 10.44 37.89 -23.26
N SER A 81 10.39 39.11 -22.72
CA SER A 81 11.35 40.15 -23.07
C SER A 81 12.78 39.72 -22.76
N SER A 82 13.03 39.19 -21.58
CA SER A 82 14.38 38.72 -21.25
C SER A 82 14.84 37.58 -22.17
N VAL A 83 13.94 36.67 -22.50
CA VAL A 83 14.33 35.52 -23.33
C VAL A 83 14.75 35.96 -24.74
N LEU A 84 13.92 36.78 -25.38
CA LEU A 84 14.25 37.36 -26.69
C LEU A 84 15.63 38.01 -26.68
N LYS A 85 15.88 38.87 -25.70
CA LYS A 85 17.18 39.53 -25.60
C LYS A 85 18.32 38.54 -25.48
N ALA A 86 18.16 37.50 -24.65
CA ALA A 86 19.20 36.50 -24.48
C ALA A 86 19.45 35.70 -25.77
N ILE A 87 18.37 35.43 -26.52
CA ILE A 87 18.51 34.74 -27.80
C ILE A 87 19.33 35.58 -28.81
N LYS A 88 19.04 36.88 -28.87
CA LYS A 88 19.76 37.78 -29.77
C LYS A 88 21.22 37.95 -29.33
N ALA A 89 21.45 38.00 -28.02
CA ALA A 89 22.80 38.03 -27.48
C ALA A 89 23.46 36.66 -27.58
N GLN A 90 22.69 35.69 -28.07
CA GLN A 90 23.16 34.31 -28.24
C GLN A 90 23.72 33.63 -26.99
N LYS A 91 23.05 33.84 -25.85
CA LYS A 91 23.39 33.10 -24.62
C LYS A 91 22.41 31.95 -24.46
N TYR A 92 22.84 30.89 -23.78
CA TYR A 92 21.92 29.83 -23.42
C TYR A 92 20.98 30.36 -22.35
N VAL A 93 19.72 29.95 -22.41
CA VAL A 93 18.75 30.46 -21.44
C VAL A 93 17.89 29.37 -20.80
N PHE A 94 17.94 29.30 -19.48
CA PHE A 94 17.00 28.47 -18.76
C PHE A 94 15.93 29.42 -18.26
N CYS A 95 14.72 29.26 -18.80
CA CYS A 95 13.60 30.13 -18.46
C CYS A 95 12.59 29.39 -17.58
N GLU A 96 12.35 29.92 -16.38
CA GLU A 96 11.29 29.38 -15.55
C GLU A 96 9.97 29.62 -16.25
N LYS A 97 8.99 28.76 -15.98
CA LYS A 97 7.67 28.95 -16.56
C LYS A 97 7.10 30.27 -16.08
N PRO A 98 6.33 30.95 -16.94
CA PRO A 98 6.09 30.55 -18.33
C PRO A 98 7.17 31.11 -19.25
N LEU A 99 7.29 30.50 -20.42
CA LEU A 99 8.19 31.00 -21.44
C LEU A 99 7.69 32.36 -21.92
N ALA A 100 6.40 32.43 -22.21
CA ALA A 100 5.75 33.70 -22.55
C ALA A 100 4.31 33.52 -22.13
N THR A 101 3.63 34.60 -21.81
CA THR A 101 2.25 34.51 -21.33
C THR A 101 1.24 34.33 -22.45
N THR A 102 1.68 34.34 -23.71
CA THR A 102 0.77 34.09 -24.83
C THR A 102 1.42 33.17 -25.83
N ALA A 103 0.59 32.48 -26.61
CA ALA A 103 1.05 31.64 -27.69
C ALA A 103 1.88 32.45 -28.69
N GLU A 104 1.43 33.66 -29.01
CA GLU A 104 2.17 34.51 -29.94
C GLU A 104 3.54 34.87 -29.37
N GLY A 105 3.57 35.19 -28.08
CA GLY A 105 4.83 35.40 -27.38
C GLY A 105 5.78 34.22 -27.53
N CYS A 106 5.24 33.00 -27.44
CA CYS A 106 6.08 31.81 -27.57
C CYS A 106 6.56 31.62 -29.01
N MET A 107 5.66 31.87 -29.96
CA MET A 107 5.99 31.76 -31.37
C MET A 107 7.12 32.72 -31.76
N ARG A 108 7.09 33.93 -31.21
CA ARG A 108 8.18 34.89 -31.45
C ARG A 108 9.54 34.31 -30.98
N ILE A 109 9.52 33.67 -29.82
CA ILE A 109 10.75 33.09 -29.27
C ILE A 109 11.20 31.93 -30.13
N VAL A 110 10.24 31.10 -30.51
CA VAL A 110 10.46 29.95 -31.40
C VAL A 110 11.23 30.36 -32.67
N GLU A 111 10.69 31.31 -33.43
CA GLU A 111 11.34 31.69 -34.68
C GLU A 111 12.69 32.38 -34.51
N GLU A 112 12.87 33.13 -33.42
CA GLU A 112 14.19 33.69 -33.12
C GLU A 112 15.21 32.59 -32.87
N GLU A 113 14.82 31.54 -32.14
CA GLU A 113 15.73 30.43 -31.87
C GLU A 113 16.08 29.69 -33.16
N ILE A 114 15.08 29.48 -34.02
CA ILE A 114 15.29 28.79 -35.29
C ILE A 114 16.34 29.54 -36.16
N LYS A 115 16.35 30.87 -36.07
CA LYS A 115 17.36 31.69 -36.75
C LYS A 115 18.77 31.36 -36.27
N VAL A 116 18.93 31.27 -34.94
CA VAL A 116 20.23 30.97 -34.34
C VAL A 116 20.75 29.59 -34.76
N GLY A 117 19.83 28.68 -35.10
CA GLY A 117 20.23 27.40 -35.66
C GLY A 117 20.53 26.29 -34.66
N LYS A 118 20.60 26.63 -33.38
CA LYS A 118 20.71 25.61 -32.34
C LYS A 118 19.82 25.90 -31.14
N ARG A 119 19.72 24.91 -30.24
CA ARG A 119 18.90 25.03 -29.04
C ARG A 119 19.55 25.84 -27.94
N LEU A 120 18.95 27.00 -27.63
CA LEU A 120 19.44 27.90 -26.61
C LEU A 120 18.53 27.87 -25.38
N VAL A 121 17.25 27.64 -25.64
CA VAL A 121 16.22 27.82 -24.64
C VAL A 121 15.77 26.49 -24.05
N GLN A 122 15.82 26.40 -22.72
CA GLN A 122 15.24 25.27 -22.00
C GLN A 122 14.19 25.84 -21.05
N VAL A 123 12.98 25.26 -21.06
CA VAL A 123 11.90 25.71 -20.21
C VAL A 123 11.84 24.87 -18.93
N GLY A 124 11.63 25.53 -17.79
CA GLY A 124 11.69 24.89 -16.47
C GLY A 124 10.48 24.05 -16.08
N PHE A 125 10.06 23.17 -16.98
CA PHE A 125 9.04 22.20 -16.64
C PHE A 125 9.75 21.00 -15.98
N MET A 126 9.94 21.09 -14.67
CA MET A 126 10.78 20.13 -13.93
C MET A 126 10.22 18.71 -13.80
N ARG A 127 8.90 18.51 -13.98
CA ARG A 127 8.32 17.17 -13.84
C ARG A 127 8.93 16.12 -14.76
N ARG A 128 9.35 16.51 -15.96
CA ARG A 128 9.99 15.56 -16.86
C ARG A 128 11.24 14.92 -16.26
N TYR A 129 11.83 15.55 -15.26
CA TYR A 129 13.07 15.04 -14.67
C TYR A 129 12.84 14.27 -13.36
N ASP A 130 11.60 14.29 -12.88
CA ASP A 130 11.21 13.53 -11.70
C ASP A 130 11.26 12.02 -11.98
N SER A 131 11.86 11.27 -11.07
CA SER A 131 12.04 9.82 -11.24
C SER A 131 10.74 9.07 -11.51
N GLY A 132 9.67 9.43 -10.82
CA GLY A 132 8.36 8.83 -11.08
C GLY A 132 7.91 8.98 -12.52
N TYR A 133 7.97 10.20 -13.04
CA TYR A 133 7.55 10.42 -14.42
C TYR A 133 8.49 9.74 -15.42
N VAL A 134 9.79 9.78 -15.15
CA VAL A 134 10.76 9.03 -15.94
C VAL A 134 10.39 7.55 -16.01
N GLN A 135 10.08 6.97 -14.86
CA GLN A 135 9.69 5.55 -14.81
C GLN A 135 8.42 5.31 -15.61
N LEU A 136 7.47 6.23 -15.49
CA LEU A 136 6.24 6.12 -16.31
C LEU A 136 6.60 6.14 -17.80
N LYS A 137 7.43 7.08 -18.22
CA LYS A 137 7.77 7.17 -19.65
C LYS A 137 8.55 5.93 -20.12
N GLU A 138 9.47 5.46 -19.30
CA GLU A 138 10.20 4.23 -19.60
C GLU A 138 9.24 3.05 -19.81
N ALA A 139 8.28 2.88 -18.91
CA ALA A 139 7.29 1.80 -19.05
C ALA A 139 6.49 1.93 -20.34
N LEU A 140 6.05 3.14 -20.63
CA LEU A 140 5.28 3.40 -21.84
C LEU A 140 6.08 3.00 -23.07
N ASP A 141 7.29 3.54 -23.16
CA ASP A 141 8.17 3.30 -24.30
C ASP A 141 8.63 1.85 -24.43
N ASN A 142 8.53 1.08 -23.35
CA ASN A 142 8.80 -0.34 -23.40
C ASN A 142 7.56 -1.17 -23.67
N HIS A 143 6.46 -0.50 -24.03
CA HIS A 143 5.21 -1.17 -24.39
C HIS A 143 4.63 -2.04 -23.26
N VAL A 144 4.89 -1.68 -22.01
CA VAL A 144 4.43 -2.47 -20.88
C VAL A 144 2.89 -2.60 -20.81
N ILE A 145 2.16 -1.57 -21.22
CA ILE A 145 0.71 -1.61 -21.06
C ILE A 145 -0.02 -1.51 -22.39
N GLY A 146 0.75 -1.57 -23.48
CA GLY A 146 0.19 -1.38 -24.81
C GLY A 146 -0.05 0.09 -25.08
N GLU A 147 -1.00 0.39 -25.96
CA GLU A 147 -1.29 1.78 -26.30
C GLU A 147 -2.04 2.45 -25.16
N PRO A 148 -1.58 3.65 -24.76
CA PRO A 148 -2.27 4.46 -23.75
C PRO A 148 -3.65 4.86 -24.26
N LEU A 149 -4.68 4.74 -23.43
CA LEU A 149 -6.06 5.06 -23.85
C LEU A 149 -6.61 6.26 -23.06
N MET A 150 -6.35 6.26 -21.75
CA MET A 150 -6.89 7.29 -20.85
C MET A 150 -5.87 7.66 -19.80
N ILE A 151 -5.92 8.91 -19.37
CA ILE A 151 -5.09 9.36 -18.26
C ILE A 151 -5.99 10.05 -17.23
N HIS A 152 -5.86 9.63 -15.97
CA HIS A 152 -6.63 10.23 -14.90
C HIS A 152 -5.63 10.89 -13.99
N CYS A 153 -5.78 12.19 -13.79
CA CYS A 153 -4.82 12.82 -12.91
C CYS A 153 -5.43 13.86 -12.01
N ALA A 154 -4.68 14.24 -11.00
CA ALA A 154 -5.15 15.21 -10.05
C ALA A 154 -3.99 16.05 -9.62
N HIS A 155 -4.26 17.35 -9.50
CA HIS A 155 -3.27 18.28 -9.00
C HIS A 155 -3.98 18.97 -7.83
N ARG A 156 -3.53 18.70 -6.61
CA ARG A 156 -4.21 19.22 -5.42
C ARG A 156 -3.25 20.03 -4.56
N ASN A 157 -3.78 21.08 -3.95
CA ASN A 157 -3.02 22.00 -3.11
C ASN A 157 -3.86 22.31 -1.86
N PRO A 158 -3.22 22.44 -0.67
CA PRO A 158 -4.00 22.59 0.58
C PRO A 158 -4.83 23.87 0.62
N THR A 159 -4.24 25.00 0.27
CA THR A 159 -4.97 26.26 0.22
C THR A 159 -4.21 27.28 -0.64
N VAL A 160 -4.93 28.25 -1.22
CA VAL A 160 -4.24 29.34 -1.93
C VAL A 160 -4.56 30.71 -1.32
N GLY A 161 -3.79 31.73 -1.73
CA GLY A 161 -4.02 33.10 -1.28
C GLY A 161 -5.21 33.83 -1.89
N ASP A 162 -5.45 35.05 -1.41
CA ASP A 162 -6.55 35.90 -1.87
C ASP A 162 -6.48 36.20 -3.36
N ASN A 163 -5.27 36.25 -3.90
CA ASN A 163 -5.06 36.69 -5.28
C ASN A 163 -4.95 35.56 -6.30
N TYR A 164 -5.26 34.33 -5.88
CA TYR A 164 -5.32 33.23 -6.82
C TYR A 164 -6.70 33.25 -7.48
N THR A 165 -6.72 33.33 -8.81
CA THR A 165 -7.95 33.46 -9.56
C THR A 165 -8.23 32.22 -10.38
N THR A 166 -9.45 32.14 -10.90
CA THR A 166 -9.95 30.97 -11.61
C THR A 166 -9.06 30.54 -12.78
N ASP A 167 -8.64 31.50 -13.60
CA ASP A 167 -7.75 31.23 -14.72
C ASP A 167 -6.41 30.61 -14.29
N MET A 168 -5.94 30.94 -13.10
CA MET A 168 -4.63 30.43 -12.65
C MET A 168 -4.67 28.92 -12.42
N ALA A 169 -5.87 28.37 -12.27
CA ALA A 169 -6.02 26.92 -12.11
C ALA A 169 -5.43 26.19 -13.33
N VAL A 170 -5.61 26.78 -14.52
CA VAL A 170 -5.05 26.17 -15.72
C VAL A 170 -3.73 26.78 -16.12
N VAL A 171 -3.60 28.08 -15.90
CA VAL A 171 -2.40 28.80 -16.33
C VAL A 171 -1.17 28.55 -15.44
N ASP A 172 -1.36 28.54 -14.13
CA ASP A 172 -0.23 28.35 -13.23
C ASP A 172 -0.13 26.93 -12.69
N THR A 173 -1.26 26.22 -12.70
CA THR A 173 -1.32 24.93 -12.01
C THR A 173 -1.39 23.75 -12.98
N LEU A 174 -2.47 23.64 -13.75
CA LEU A 174 -2.59 22.55 -14.70
C LEU A 174 -1.51 22.56 -15.78
N VAL A 175 -0.86 23.72 -15.97
CA VAL A 175 0.15 23.83 -17.01
C VAL A 175 1.25 22.76 -16.84
N HIS A 176 1.51 22.35 -15.61
CA HIS A 176 2.51 21.30 -15.38
C HIS A 176 2.09 19.99 -16.00
N GLU A 177 0.82 19.62 -15.74
CA GLU A 177 0.21 18.44 -16.34
C GLU A 177 0.21 18.54 -17.88
N ILE A 178 -0.20 19.71 -18.38
CA ILE A 178 -0.28 19.94 -19.82
C ILE A 178 1.07 19.68 -20.50
N ASP A 179 2.15 20.12 -19.89
CA ASP A 179 3.46 19.83 -20.46
C ASP A 179 3.84 18.36 -20.33
N VAL A 180 3.67 17.78 -19.15
CA VAL A 180 4.25 16.46 -18.95
C VAL A 180 3.50 15.36 -19.71
N LEU A 181 2.19 15.51 -19.86
CA LEU A 181 1.42 14.43 -20.47
C LEU A 181 1.67 14.23 -21.97
N HIS A 182 1.69 15.31 -22.76
CA HIS A 182 1.91 15.12 -24.20
C HIS A 182 3.31 14.53 -24.43
N TRP A 183 4.26 14.90 -23.58
CA TRP A 183 5.60 14.30 -23.58
C TRP A 183 5.58 12.82 -23.24
N LEU A 184 4.76 12.43 -22.26
CA LEU A 184 4.70 11.03 -21.85
C LEU A 184 4.15 10.13 -22.95
N VAL A 185 3.04 10.53 -23.57
CA VAL A 185 2.37 9.69 -24.57
C VAL A 185 2.69 10.04 -26.04
N ASN A 186 3.51 11.06 -26.26
CA ASN A 186 3.91 11.47 -27.61
C ASN A 186 2.70 11.72 -28.53
N ASP A 187 1.82 12.62 -28.10
CA ASP A 187 0.63 12.92 -28.88
C ASP A 187 0.33 14.41 -28.71
N ASP A 188 -0.44 14.98 -29.63
CA ASP A 188 -0.76 16.39 -29.54
C ASP A 188 -2.17 16.59 -29.03
N TYR A 189 -2.37 17.64 -28.25
CA TYR A 189 -3.70 17.97 -27.76
C TYR A 189 -4.59 18.48 -28.89
N GLU A 190 -5.87 18.11 -28.86
CA GLU A 190 -6.82 18.52 -29.89
C GLU A 190 -7.95 19.39 -29.35
N SER A 191 -8.49 19.01 -28.21
CA SER A 191 -9.61 19.75 -27.64
C SER A 191 -9.73 19.61 -26.12
N VAL A 192 -10.35 20.61 -25.51
CA VAL A 192 -10.53 20.65 -24.07
C VAL A 192 -11.94 21.08 -23.70
N GLN A 193 -12.36 20.67 -22.50
CA GLN A 193 -13.65 21.05 -21.94
C GLN A 193 -13.47 21.20 -20.44
N VAL A 194 -14.07 22.23 -19.85
CA VAL A 194 -13.99 22.43 -18.40
C VAL A 194 -15.36 22.21 -17.73
N ILE A 195 -15.37 21.46 -16.65
CA ILE A 195 -16.59 21.19 -15.88
C ILE A 195 -16.40 21.62 -14.43
N TYR A 196 -17.38 22.35 -13.87
CA TYR A 196 -17.24 22.83 -12.48
C TYR A 196 -18.15 22.09 -11.53
N PRO A 197 -17.57 21.36 -10.56
CA PRO A 197 -18.42 20.76 -9.53
C PRO A 197 -18.84 21.91 -8.62
N LYS A 198 -19.69 21.64 -7.63
CA LYS A 198 -20.05 22.68 -6.67
C LYS A 198 -18.80 23.25 -6.02
N LYS A 199 -18.83 24.53 -5.69
CA LYS A 199 -17.68 25.20 -5.12
C LYS A 199 -17.38 24.63 -3.75
N SER A 200 -16.09 24.47 -3.45
CA SER A 200 -15.67 24.06 -2.12
C SER A 200 -15.85 25.20 -1.12
N LYS A 201 -16.23 24.85 0.11
CA LYS A 201 -16.27 25.80 1.22
C LYS A 201 -14.90 26.41 1.48
N ASN A 202 -13.84 25.71 1.05
CA ASN A 202 -12.48 26.19 1.31
C ASN A 202 -12.02 27.23 0.30
N ALA A 203 -12.84 27.49 -0.72
CA ALA A 203 -12.48 28.44 -1.76
C ALA A 203 -13.18 29.78 -1.56
N LEU A 204 -12.44 30.87 -1.79
CA LEU A 204 -13.00 32.22 -1.73
C LEU A 204 -14.07 32.37 -2.81
N PRO A 205 -15.08 33.24 -2.56
CA PRO A 205 -16.29 33.25 -3.42
C PRO A 205 -16.02 33.64 -4.87
N HIS A 206 -14.87 34.25 -5.15
CA HIS A 206 -14.51 34.65 -6.51
C HIS A 206 -13.83 33.54 -7.30
N LEU A 207 -13.32 32.54 -6.59
CA LEU A 207 -12.59 31.43 -7.21
C LEU A 207 -13.50 30.24 -7.51
N LYS A 208 -13.42 29.72 -8.74
CA LYS A 208 -14.06 28.44 -9.03
C LYS A 208 -13.05 27.32 -8.76
N ASP A 209 -13.36 26.51 -7.75
CA ASP A 209 -12.46 25.47 -7.26
C ASP A 209 -13.37 24.52 -6.51
N PRO A 210 -13.33 23.21 -6.85
CA PRO A 210 -12.38 22.59 -7.77
C PRO A 210 -12.84 22.71 -9.22
N GLN A 211 -12.05 22.20 -10.16
CA GLN A 211 -12.45 22.10 -11.55
C GLN A 211 -12.04 20.74 -12.13
N ILE A 212 -12.80 20.27 -13.10
CA ILE A 212 -12.42 19.11 -13.89
C ILE A 212 -12.14 19.57 -15.31
N VAL A 213 -10.98 19.19 -15.84
CA VAL A 213 -10.57 19.53 -17.19
C VAL A 213 -10.43 18.25 -18.00
N VAL A 214 -11.23 18.12 -19.05
CA VAL A 214 -11.13 16.96 -19.95
C VAL A 214 -10.37 17.38 -21.20
N ILE A 215 -9.35 16.61 -21.56
CA ILE A 215 -8.53 16.95 -22.73
C ILE A 215 -8.44 15.73 -23.66
N GLU A 216 -8.61 15.94 -24.97
CA GLU A 216 -8.47 14.85 -25.94
C GLU A 216 -7.28 15.13 -26.83
N THR A 217 -6.45 14.12 -27.06
CA THR A 217 -5.33 14.22 -27.99
C THR A 217 -5.82 13.84 -29.38
N LYS A 218 -5.01 14.16 -30.40
CA LYS A 218 -5.30 13.80 -31.78
C LYS A 218 -5.47 12.31 -31.98
N GLY A 219 -4.62 11.52 -31.32
CA GLY A 219 -4.72 10.08 -31.45
C GLY A 219 -5.86 9.46 -30.65
N GLY A 220 -6.62 10.29 -29.95
CA GLY A 220 -7.79 9.81 -29.23
C GLY A 220 -7.56 9.35 -27.79
N ILE A 221 -6.49 9.85 -27.17
CA ILE A 221 -6.30 9.63 -25.75
C ILE A 221 -7.14 10.68 -25.01
N VAL A 222 -7.85 10.24 -23.98
CA VAL A 222 -8.68 11.13 -23.18
C VAL A 222 -8.11 11.33 -21.78
N ILE A 223 -7.84 12.58 -21.46
CA ILE A 223 -7.25 12.94 -20.18
C ILE A 223 -8.32 13.60 -19.31
N ASN A 224 -8.52 13.08 -18.11
CA ASN A 224 -9.37 13.72 -17.10
C ASN A 224 -8.50 14.24 -15.97
N ALA A 225 -8.45 15.56 -15.81
CA ALA A 225 -7.61 16.16 -14.79
C ALA A 225 -8.47 16.86 -13.77
N GLU A 226 -8.26 16.51 -12.51
CA GLU A 226 -8.88 17.22 -11.41
C GLU A 226 -7.91 18.28 -10.89
N ILE A 227 -8.40 19.51 -10.76
CA ILE A 227 -7.66 20.57 -10.12
C ILE A 227 -8.44 21.01 -8.88
N TYR A 228 -7.79 20.97 -7.72
CA TYR A 228 -8.43 21.39 -6.48
C TYR A 228 -7.38 22.06 -5.61
N VAL A 229 -7.35 23.39 -5.64
CA VAL A 229 -6.24 24.12 -5.01
C VAL A 229 -6.52 24.48 -3.55
N ASN A 230 -7.69 24.08 -3.07
CA ASN A 230 -8.08 24.26 -1.68
C ASN A 230 -8.49 22.95 -1.00
N CYS A 231 -7.75 21.85 -1.23
CA CYS A 231 -8.21 20.53 -0.78
C CYS A 231 -7.98 20.31 0.73
N LYS A 232 -7.19 21.20 1.32
CA LYS A 232 -6.92 21.25 2.76
C LYS A 232 -5.99 20.15 3.28
N TYR A 233 -6.18 18.91 2.84
CA TYR A 233 -5.40 17.80 3.40
C TYR A 233 -3.92 17.80 3.03
N GLY A 234 -3.56 18.35 1.87
CA GLY A 234 -2.16 18.33 1.48
C GLY A 234 -1.89 18.80 0.07
N TYR A 235 -0.62 18.77 -0.32
CA TYR A 235 -0.20 18.95 -1.71
C TYR A 235 -0.03 17.55 -2.30
N ASP A 236 -0.74 17.28 -3.40
CA ASP A 236 -0.88 15.91 -3.87
C ASP A 236 -0.95 15.88 -5.39
N ILE A 237 0.00 15.17 -5.99
CA ILE A 237 -0.01 14.98 -7.44
C ILE A 237 -0.30 13.51 -7.71
N GLN A 238 -1.37 13.21 -8.44
CA GLN A 238 -1.67 11.81 -8.76
C GLN A 238 -1.79 11.65 -10.27
N CYS A 239 -1.32 10.52 -10.81
CA CYS A 239 -1.36 10.28 -12.25
C CYS A 239 -1.41 8.81 -12.61
N GLU A 240 -2.48 8.43 -13.31
CA GLU A 240 -2.71 7.04 -13.69
C GLU A 240 -2.88 6.99 -15.20
N ILE A 241 -2.16 6.08 -15.84
CA ILE A 241 -2.30 5.92 -17.28
C ILE A 241 -2.89 4.56 -17.58
N VAL A 242 -4.06 4.55 -18.21
CA VAL A 242 -4.72 3.29 -18.52
C VAL A 242 -4.38 2.91 -19.97
N GLY A 243 -3.70 1.79 -20.12
CA GLY A 243 -3.37 1.29 -21.44
C GLY A 243 -4.27 0.13 -21.81
N GLU A 244 -4.11 -0.36 -23.02
CA GLU A 244 -4.93 -1.46 -23.50
C GLU A 244 -4.88 -2.68 -22.60
N ASP A 245 -3.67 -2.99 -22.12
CA ASP A 245 -3.45 -4.27 -21.44
C ASP A 245 -3.06 -4.12 -19.98
N GLY A 246 -2.89 -2.88 -19.53
CA GLY A 246 -2.55 -2.68 -18.15
C GLY A 246 -2.55 -1.23 -17.75
N ILE A 247 -2.25 -0.98 -16.48
CA ILE A 247 -2.33 0.36 -15.94
C ILE A 247 -1.07 0.67 -15.16
N ILE A 248 -0.48 1.84 -15.39
CA ILE A 248 0.65 2.29 -14.59
C ILE A 248 0.27 3.56 -13.82
N LYS A 249 0.91 3.79 -12.70
CA LYS A 249 0.52 4.88 -11.80
C LYS A 249 1.73 5.48 -11.09
N LEU A 250 1.77 6.81 -11.02
CA LEU A 250 2.85 7.56 -10.34
C LEU A 250 2.84 7.19 -8.87
N PRO A 251 4.04 7.02 -8.26
CA PRO A 251 4.07 6.66 -6.84
C PRO A 251 3.78 7.83 -5.87
N GLU A 252 3.44 7.49 -4.63
CA GLU A 252 3.40 8.44 -3.52
C GLU A 252 4.84 8.81 -3.24
N PRO A 253 5.09 10.08 -2.83
CA PRO A 253 6.46 10.40 -2.36
C PRO A 253 6.81 9.56 -1.14
N SER A 254 8.08 9.24 -1.03
CA SER A 254 8.59 8.34 0.00
C SER A 254 8.25 8.78 1.43
N SER A 255 7.79 7.86 2.24
CA SER A 255 7.44 8.18 3.61
C SER A 255 7.47 6.95 4.51
N ILE A 256 7.96 7.09 5.74
CA ILE A 256 7.85 6.00 6.69
C ILE A 256 6.39 5.81 7.00
N SER A 257 6.02 4.61 7.42
CA SER A 257 4.67 4.38 7.85
C SER A 257 4.60 4.31 9.37
N LEU A 258 3.40 4.49 9.86
CA LEU A 258 3.15 4.61 11.29
C LEU A 258 1.88 3.85 11.60
N ARG A 259 1.96 2.95 12.57
CA ARG A 259 0.73 2.42 13.15
C ARG A 259 0.58 3.15 14.50
N LYS A 260 -0.55 3.83 14.69
CA LYS A 260 -0.77 4.59 15.93
C LYS A 260 -2.22 5.00 16.04
N GLU A 261 -2.77 4.88 17.26
CA GLU A 261 -4.13 5.34 17.54
C GLU A 261 -5.14 4.85 16.51
N GLY A 262 -5.15 3.55 16.26
CA GLY A 262 -6.15 2.98 15.35
C GLY A 262 -5.97 3.23 13.86
N ARG A 263 -4.84 3.83 13.46
CA ARG A 263 -4.58 4.16 12.05
C ARG A 263 -3.21 3.65 11.58
N PHE A 264 -3.17 3.11 10.37
CA PHE A 264 -1.92 2.80 9.68
C PHE A 264 -1.77 3.90 8.63
N SER A 265 -0.70 4.68 8.66
CA SER A 265 -0.62 5.84 7.79
C SER A 265 0.77 6.17 7.30
N THR A 266 0.80 6.96 6.22
CA THR A 266 2.02 7.57 5.70
C THR A 266 1.80 9.09 5.59
N ASP A 267 2.89 9.86 5.44
CA ASP A 267 2.80 11.31 5.30
C ASP A 267 2.33 11.75 3.91
N ILE A 268 1.56 12.83 3.88
CA ILE A 268 1.26 13.50 2.63
C ILE A 268 1.93 14.87 2.76
N LEU A 269 2.69 15.29 1.76
CA LEU A 269 3.39 16.57 1.87
C LEU A 269 2.40 17.73 2.00
N MET A 270 2.81 18.76 2.73
CA MET A 270 1.98 19.95 2.89
C MET A 270 2.52 21.08 2.01
N ASP A 271 3.70 20.86 1.46
CA ASP A 271 4.49 21.93 0.86
C ASP A 271 4.95 21.55 -0.54
N TRP A 272 4.42 22.24 -1.56
CA TRP A 272 4.79 21.97 -2.95
C TRP A 272 6.30 21.95 -3.18
N GLN A 273 7.05 22.73 -2.42
CA GLN A 273 8.49 22.83 -2.58
C GLN A 273 9.23 21.53 -2.25
N ARG A 274 8.63 20.71 -1.39
CA ARG A 274 9.24 19.42 -1.05
C ARG A 274 8.96 18.31 -2.07
N ARG A 275 7.94 18.49 -2.91
CA ARG A 275 7.48 17.44 -3.83
C ARG A 275 8.46 17.10 -4.94
N PHE A 276 9.02 18.13 -5.58
CA PHE A 276 9.88 17.92 -6.75
C PHE A 276 11.30 18.48 -6.57
N VAL A 277 11.74 18.62 -5.31
CA VAL A 277 13.08 19.21 -5.06
C VAL A 277 14.19 18.58 -5.88
N ALA A 278 14.19 17.25 -5.98
CA ALA A 278 15.24 16.54 -6.70
C ALA A 278 15.18 16.82 -8.20
N ALA A 279 13.96 16.88 -8.75
CA ALA A 279 13.75 17.25 -10.15
C ALA A 279 14.40 18.60 -10.53
N TYR A 280 14.27 19.61 -9.67
CA TYR A 280 14.88 20.91 -9.93
C TYR A 280 16.39 20.81 -9.99
N ASP A 281 16.97 20.04 -9.07
CA ASP A 281 18.40 19.80 -9.07
C ASP A 281 18.80 19.15 -10.39
N VAL A 282 18.11 18.07 -10.75
CA VAL A 282 18.39 17.35 -11.99
C VAL A 282 18.21 18.23 -13.25
N GLU A 283 17.13 19.00 -13.33
CA GLU A 283 16.91 19.83 -14.53
C GLU A 283 18.04 20.86 -14.78
N ILE A 284 18.48 21.54 -13.72
CA ILE A 284 19.58 22.51 -13.83
C ILE A 284 20.93 21.84 -14.11
N GLN A 285 21.15 20.67 -13.51
CA GLN A 285 22.37 19.94 -13.78
C GLN A 285 22.40 19.54 -15.25
N ASP A 286 21.24 19.17 -15.77
CA ASP A 286 21.11 18.80 -17.17
C ASP A 286 21.32 20.00 -18.12
N PHE A 287 20.88 21.18 -17.70
CA PHE A 287 21.10 22.41 -18.46
C PHE A 287 22.62 22.64 -18.59
N ILE A 288 23.29 22.63 -17.45
CA ILE A 288 24.74 22.76 -17.38
C ILE A 288 25.47 21.71 -18.21
N ASP A 289 25.12 20.45 -18.03
CA ASP A 289 25.86 19.35 -18.64
C ASP A 289 25.65 19.29 -20.15
N SER A 290 24.43 19.55 -20.59
CA SER A 290 24.10 19.56 -22.01
C SER A 290 24.90 20.64 -22.75
N ILE A 291 24.96 21.83 -22.16
CA ILE A 291 25.72 22.92 -22.74
C ILE A 291 27.21 22.55 -22.82
N GLN A 292 27.77 22.15 -21.69
CA GLN A 292 29.20 21.83 -21.61
C GLN A 292 29.63 20.67 -22.50
N LYS A 293 28.71 19.76 -22.78
CA LYS A 293 29.05 18.58 -23.58
C LYS A 293 28.61 18.66 -25.03
N LYS A 294 27.46 19.28 -25.28
CA LYS A 294 26.88 19.29 -26.63
C LYS A 294 26.82 20.68 -27.25
N GLY A 295 27.09 21.72 -26.46
CA GLY A 295 27.00 23.08 -26.96
C GLY A 295 25.58 23.54 -27.23
N GLU A 296 24.60 22.79 -26.71
CA GLU A 296 23.20 23.19 -26.77
C GLU A 296 22.40 22.55 -25.64
N VAL A 297 21.20 23.07 -25.38
CA VAL A 297 20.36 22.55 -24.29
C VAL A 297 19.57 21.30 -24.70
N SER A 298 19.03 20.58 -23.71
CA SER A 298 18.36 19.31 -23.94
C SER A 298 17.00 19.11 -23.28
N GLY A 299 16.50 20.10 -22.55
CA GLY A 299 15.25 19.85 -21.82
C GLY A 299 13.99 20.20 -22.62
N PRO A 300 12.91 20.58 -21.92
CA PRO A 300 11.70 21.07 -22.60
C PRO A 300 12.08 22.28 -23.47
N THR A 301 11.56 22.33 -24.69
CA THR A 301 12.02 23.27 -25.71
C THR A 301 11.11 24.51 -25.75
N ALA A 302 11.49 25.49 -26.56
CA ALA A 302 10.65 26.64 -26.77
C ALA A 302 9.34 26.18 -27.40
N TRP A 303 9.41 25.13 -28.20
CA TRP A 303 8.21 24.57 -28.78
C TRP A 303 7.26 23.99 -27.71
N ASP A 304 7.81 23.31 -26.71
CA ASP A 304 6.98 22.81 -25.60
C ASP A 304 6.33 23.99 -24.88
N GLY A 305 7.05 25.09 -24.78
CA GLY A 305 6.52 26.31 -24.19
C GLY A 305 5.33 26.80 -24.99
N TYR A 306 5.47 26.76 -26.31
CA TYR A 306 4.38 27.12 -27.21
C TYR A 306 3.16 26.21 -27.02
N ILE A 307 3.39 24.91 -27.00
CA ILE A 307 2.31 23.94 -26.85
C ILE A 307 1.53 24.25 -25.56
N ALA A 308 2.26 24.45 -24.48
CA ALA A 308 1.64 24.75 -23.19
C ALA A 308 0.81 26.02 -23.27
N ALA A 309 1.33 27.01 -24.01
CA ALA A 309 0.67 28.30 -24.10
C ALA A 309 -0.64 28.22 -24.88
N VAL A 310 -0.62 27.50 -25.99
CA VAL A 310 -1.81 27.30 -26.80
C VAL A 310 -2.87 26.52 -26.03
N THR A 311 -2.42 25.50 -25.29
CA THR A 311 -3.35 24.61 -24.61
C THR A 311 -4.02 25.29 -23.42
N THR A 312 -3.24 26.03 -22.63
CA THR A 312 -3.82 26.74 -21.49
C THR A 312 -4.77 27.82 -22.01
N ASP A 313 -4.43 28.43 -23.13
CA ASP A 313 -5.32 29.41 -23.73
C ASP A 313 -6.66 28.79 -24.07
N ALA A 314 -6.64 27.61 -24.68
CA ALA A 314 -7.89 26.92 -24.98
C ALA A 314 -8.65 26.55 -23.71
N CYS A 315 -7.90 26.18 -22.66
CA CYS A 315 -8.52 25.83 -21.38
C CYS A 315 -9.21 27.04 -20.74
N VAL A 316 -8.54 28.19 -20.77
CA VAL A 316 -9.15 29.40 -20.24
C VAL A 316 -10.43 29.70 -21.03
N LYS A 317 -10.33 29.62 -22.36
CA LYS A 317 -11.50 29.73 -23.25
C LYS A 317 -12.64 28.82 -22.80
N ALA A 318 -12.30 27.56 -22.54
CA ALA A 318 -13.29 26.58 -22.12
C ALA A 318 -13.89 26.91 -20.74
N GLN A 319 -13.08 27.49 -19.86
CA GLN A 319 -13.58 27.93 -18.55
C GLN A 319 -14.74 28.93 -18.72
N GLU A 320 -14.56 29.85 -19.65
CA GLU A 320 -15.54 30.92 -19.85
C GLU A 320 -16.75 30.50 -20.68
N SER A 321 -16.55 29.63 -21.66
CA SER A 321 -17.64 29.23 -22.56
C SER A 321 -18.48 28.07 -22.03
N GLY A 322 -17.89 27.18 -21.25
CA GLY A 322 -18.58 25.97 -20.81
C GLY A 322 -18.68 24.95 -21.94
N GLN A 323 -18.05 25.25 -23.07
CA GLN A 323 -18.12 24.41 -24.27
C GLN A 323 -16.79 23.73 -24.55
N LYS A 324 -16.82 22.68 -25.37
CA LYS A 324 -15.61 22.10 -25.93
C LYS A 324 -14.87 23.11 -26.82
N GLU A 325 -13.57 23.29 -26.58
CA GLU A 325 -12.77 24.23 -27.39
C GLU A 325 -11.65 23.50 -28.11
N LYS A 326 -11.38 23.92 -29.34
CA LYS A 326 -10.26 23.37 -30.10
C LYS A 326 -8.93 23.90 -29.60
N VAL A 327 -7.93 23.04 -29.56
CA VAL A 327 -6.56 23.45 -29.34
C VAL A 327 -5.93 23.57 -30.72
N GLU A 328 -5.71 24.81 -31.15
CA GLU A 328 -5.21 25.05 -32.50
C GLU A 328 -3.70 25.16 -32.52
N LEU A 329 -3.04 24.04 -32.80
CA LEU A 329 -1.58 23.98 -32.84
C LEU A 329 -1.04 24.02 -34.27
N LYS A 330 -0.11 24.93 -34.53
CA LYS A 330 0.61 24.91 -35.80
C LYS A 330 1.47 23.67 -35.83
N GLU A 331 1.79 23.19 -37.03
CA GLU A 331 2.62 22.01 -37.19
C GLU A 331 4.01 22.26 -36.61
N LYS A 332 4.64 21.19 -36.14
CA LYS A 332 5.89 21.30 -35.41
C LYS A 332 7.06 21.45 -36.35
N PRO A 333 7.85 22.53 -36.19
CA PRO A 333 9.01 22.76 -37.06
C PRO A 333 10.03 21.62 -36.98
N GLU A 334 10.61 21.28 -38.13
CA GLU A 334 11.65 20.24 -38.22
C GLU A 334 12.78 20.48 -37.23
N PHE A 335 13.06 21.75 -36.96
CA PHE A 335 14.05 22.15 -35.97
C PHE A 335 13.85 21.44 -34.61
N TYR A 336 12.60 21.25 -34.20
CA TYR A 336 12.32 20.74 -32.86
C TYR A 336 12.07 19.23 -32.76
N GLN A 337 12.50 18.46 -33.77
CA GLN A 337 12.40 17.01 -33.70
C GLN A 337 13.62 16.39 -33.01
N MET B 1 -41.48 -19.90 11.64
CA MET B 1 -40.67 -20.83 10.86
C MET B 1 -40.18 -20.19 9.56
N SER B 2 -39.64 -21.00 8.65
CA SER B 2 -38.99 -20.52 7.43
C SER B 2 -39.83 -19.60 6.55
N LEU B 3 -39.17 -18.68 5.87
CA LEU B 3 -39.77 -17.90 4.79
C LEU B 3 -39.80 -18.79 3.57
N ARG B 4 -40.96 -18.95 2.96
CA ARG B 4 -41.13 -19.93 1.88
C ARG B 4 -41.00 -19.25 0.53
N ILE B 5 -39.98 -19.64 -0.23
CA ILE B 5 -39.55 -18.88 -1.39
C ILE B 5 -39.73 -19.65 -2.69
N GLY B 6 -40.34 -19.00 -3.68
CA GLY B 6 -40.44 -19.60 -4.99
C GLY B 6 -39.45 -18.94 -5.92
N VAL B 7 -38.89 -19.71 -6.85
CA VAL B 7 -37.90 -19.15 -7.76
C VAL B 7 -38.38 -19.14 -9.21
N ILE B 8 -38.38 -17.95 -9.80
CA ILE B 8 -38.80 -17.76 -11.19
C ILE B 8 -37.57 -17.56 -12.04
N GLY B 9 -37.26 -18.53 -12.88
CA GLY B 9 -36.06 -18.47 -13.68
C GLY B 9 -34.93 -19.22 -12.97
N THR B 10 -34.67 -20.43 -13.43
CA THR B 10 -33.65 -21.26 -12.79
C THR B 10 -32.42 -21.49 -13.69
N GLY B 11 -31.82 -20.37 -14.11
CA GLY B 11 -30.55 -20.41 -14.78
C GLY B 11 -29.41 -20.24 -13.78
N LYS B 12 -28.36 -19.52 -14.16
CA LYS B 12 -27.16 -19.41 -13.33
C LYS B 12 -27.39 -18.71 -11.98
N ILE B 13 -27.90 -17.49 -12.04
CA ILE B 13 -28.13 -16.69 -10.83
C ILE B 13 -29.17 -17.35 -9.93
N GLY B 14 -30.19 -17.91 -10.56
CA GLY B 14 -31.23 -18.60 -9.84
C GLY B 14 -30.67 -19.76 -9.03
N LYS B 15 -29.72 -20.49 -9.63
CA LYS B 15 -29.14 -21.64 -8.93
C LYS B 15 -28.27 -21.19 -7.77
N GLU B 16 -27.49 -20.12 -7.98
CA GLU B 16 -26.62 -19.58 -6.93
C GLU B 16 -27.43 -19.10 -5.73
N HIS B 17 -28.51 -18.36 -5.99
CA HIS B 17 -29.38 -17.89 -4.90
C HIS B 17 -30.04 -19.06 -4.19
N ILE B 18 -30.48 -20.06 -4.95
CA ILE B 18 -31.02 -21.28 -4.36
C ILE B 18 -29.98 -21.92 -3.46
N ASN B 19 -28.73 -21.93 -3.94
CA ASN B 19 -27.64 -22.51 -3.17
C ASN B 19 -27.42 -21.79 -1.84
N ARG B 20 -27.34 -20.46 -1.88
CA ARG B 20 -27.15 -19.70 -0.64
C ARG B 20 -28.33 -19.87 0.31
N ILE B 21 -29.55 -19.82 -0.21
CA ILE B 21 -30.73 -20.00 0.63
C ILE B 21 -30.78 -21.43 1.22
N THR B 22 -30.50 -22.42 0.39
CA THR B 22 -30.56 -23.80 0.87
C THR B 22 -29.39 -24.17 1.79
N ASN B 23 -28.19 -23.65 1.50
CA ASN B 23 -26.98 -24.12 2.18
C ASN B 23 -26.16 -23.11 2.99
N LYS B 24 -26.45 -21.81 2.86
CA LYS B 24 -25.62 -20.79 3.52
C LYS B 24 -26.38 -19.88 4.49
N LEU B 25 -27.62 -19.54 4.17
CA LEU B 25 -28.30 -18.50 4.92
C LEU B 25 -29.30 -19.05 5.93
N SER B 26 -29.85 -18.14 6.75
CA SER B 26 -30.75 -18.49 7.85
C SER B 26 -32.17 -18.07 7.52
N GLY B 27 -33.14 -18.95 7.80
CA GLY B 27 -34.54 -18.57 7.86
C GLY B 27 -35.44 -18.77 6.64
N ALA B 28 -34.92 -19.39 5.58
CA ALA B 28 -35.74 -19.55 4.38
C ALA B 28 -35.52 -20.90 3.72
N GLU B 29 -36.43 -21.28 2.83
CA GLU B 29 -36.28 -22.50 2.04
C GLU B 29 -36.96 -22.32 0.71
N ILE B 30 -36.47 -23.01 -0.31
CA ILE B 30 -37.14 -23.00 -1.60
C ILE B 30 -38.26 -24.04 -1.61
N VAL B 31 -39.49 -23.61 -1.88
CA VAL B 31 -40.64 -24.50 -1.88
C VAL B 31 -41.24 -24.64 -3.27
N ALA B 32 -40.78 -23.81 -4.20
CA ALA B 32 -41.30 -23.85 -5.56
C ALA B 32 -40.30 -23.28 -6.54
N VAL B 33 -40.22 -23.90 -7.72
CA VAL B 33 -39.44 -23.33 -8.82
C VAL B 33 -40.27 -23.38 -10.10
N THR B 34 -39.91 -22.53 -11.04
CA THR B 34 -40.46 -22.60 -12.39
C THR B 34 -39.38 -22.10 -13.32
N SER B 35 -39.46 -22.50 -14.58
CA SER B 35 -38.56 -21.95 -15.57
C SER B 35 -39.27 -21.82 -16.90
N VAL B 36 -38.64 -22.39 -17.92
CA VAL B 36 -39.10 -22.33 -19.28
C VAL B 36 -38.67 -23.65 -19.89
N ASN B 37 -37.48 -24.10 -19.49
CA ASN B 37 -37.03 -25.46 -19.77
C ASN B 37 -37.37 -26.36 -18.58
N GLN B 38 -38.61 -26.84 -18.56
CA GLN B 38 -39.16 -27.60 -17.44
C GLN B 38 -38.39 -28.87 -17.08
N GLU B 39 -37.27 -29.09 -17.74
CA GLU B 39 -36.35 -30.19 -17.38
C GLU B 39 -35.30 -29.69 -16.41
N ALA B 40 -34.68 -28.56 -16.75
CA ALA B 40 -33.68 -27.93 -15.89
C ALA B 40 -34.27 -27.59 -14.52
N ALA B 41 -35.54 -27.22 -14.51
CA ALA B 41 -36.24 -26.92 -13.27
C ALA B 41 -36.31 -28.14 -12.34
N GLN B 42 -36.84 -29.24 -12.84
CA GLN B 42 -36.88 -30.50 -12.08
C GLN B 42 -35.46 -30.92 -11.68
N LYS B 43 -34.51 -30.67 -12.57
CA LYS B 43 -33.10 -30.97 -12.34
C LYS B 43 -32.53 -30.22 -11.13
N VAL B 44 -32.80 -28.92 -11.05
CA VAL B 44 -32.32 -28.10 -9.95
C VAL B 44 -32.88 -28.61 -8.62
N VAL B 45 -34.14 -29.01 -8.64
CA VAL B 45 -34.80 -29.59 -7.47
C VAL B 45 -34.01 -30.77 -6.91
N GLU B 46 -33.54 -31.64 -7.79
CA GLU B 46 -32.82 -32.83 -7.40
C GLU B 46 -31.37 -32.52 -7.04
N GLN B 47 -30.71 -31.72 -7.88
CA GLN B 47 -29.32 -31.32 -7.62
C GLN B 47 -29.16 -30.70 -6.24
N TYR B 48 -30.12 -29.87 -5.86
CA TYR B 48 -30.08 -29.20 -4.56
C TYR B 48 -30.97 -29.90 -3.52
N GLN B 49 -31.48 -31.07 -3.88
CA GLN B 49 -32.32 -31.88 -2.99
C GLN B 49 -33.43 -31.06 -2.34
N LEU B 50 -34.27 -30.43 -3.17
CA LEU B 50 -35.33 -29.56 -2.66
C LEU B 50 -36.68 -30.24 -2.56
N ASN B 51 -37.37 -30.03 -1.44
CA ASN B 51 -38.78 -30.38 -1.37
C ASN B 51 -39.61 -29.23 -1.96
N ALA B 52 -39.64 -29.16 -3.29
CA ALA B 52 -40.27 -28.06 -4.00
C ALA B 52 -41.03 -28.53 -5.23
N THR B 53 -42.22 -27.97 -5.42
CA THR B 53 -42.99 -28.24 -6.63
C THR B 53 -42.34 -27.53 -7.81
N VAL B 54 -42.31 -28.19 -8.96
CA VAL B 54 -41.99 -27.51 -10.21
C VAL B 54 -43.29 -27.10 -10.89
N TYR B 55 -43.40 -25.82 -11.19
CA TYR B 55 -44.57 -25.31 -11.88
C TYR B 55 -44.19 -25.02 -13.32
N PRO B 56 -45.20 -24.96 -14.22
CA PRO B 56 -44.96 -24.64 -15.64
C PRO B 56 -44.80 -23.15 -15.91
N ASN B 57 -45.26 -22.30 -14.99
CA ASN B 57 -45.13 -20.84 -15.15
C ASN B 57 -45.27 -20.05 -13.86
N ASP B 58 -45.08 -18.73 -13.96
CA ASP B 58 -45.17 -17.83 -12.82
C ASP B 58 -46.58 -17.77 -12.24
N ASP B 59 -47.57 -17.67 -13.12
CA ASP B 59 -48.97 -17.63 -12.72
C ASP B 59 -49.33 -18.78 -11.77
N SER B 60 -48.95 -19.99 -12.15
CA SER B 60 -49.20 -21.18 -11.31
C SER B 60 -48.32 -21.19 -10.06
N LEU B 61 -47.07 -20.76 -10.18
CA LEU B 61 -46.21 -20.62 -9.00
C LEU B 61 -46.79 -19.58 -8.05
N LEU B 62 -47.16 -18.41 -8.60
CA LEU B 62 -47.71 -17.35 -7.77
C LEU B 62 -49.07 -17.75 -7.19
N ALA B 63 -49.77 -18.64 -7.90
CA ALA B 63 -51.01 -19.19 -7.36
C ALA B 63 -50.76 -19.93 -6.05
N ASP B 64 -49.67 -20.68 -5.98
CA ASP B 64 -49.36 -21.51 -4.82
C ASP B 64 -49.44 -20.72 -3.52
N GLU B 65 -50.40 -21.09 -2.69
CA GLU B 65 -50.74 -20.33 -1.49
C GLU B 65 -49.71 -20.49 -0.38
N ASN B 66 -48.80 -21.46 -0.52
CA ASN B 66 -47.76 -21.61 0.49
C ASN B 66 -46.41 -20.97 0.12
N VAL B 67 -46.38 -20.24 -0.99
CA VAL B 67 -45.23 -19.42 -1.36
C VAL B 67 -45.40 -18.03 -0.74
N ASP B 68 -44.42 -17.60 0.06
CA ASP B 68 -44.52 -16.30 0.71
C ASP B 68 -43.86 -15.20 -0.12
N ALA B 69 -42.83 -15.57 -0.88
CA ALA B 69 -42.00 -14.61 -1.60
C ALA B 69 -41.33 -15.24 -2.81
N VAL B 70 -40.95 -14.42 -3.78
CA VAL B 70 -40.32 -14.94 -4.97
C VAL B 70 -38.99 -14.25 -5.29
N LEU B 71 -38.13 -14.97 -5.98
CA LEU B 71 -36.93 -14.39 -6.54
C LEU B 71 -37.16 -14.41 -8.03
N VAL B 72 -36.95 -13.27 -8.68
CA VAL B 72 -37.07 -13.21 -10.13
C VAL B 72 -35.67 -13.17 -10.73
N THR B 73 -35.24 -14.32 -11.22
CA THR B 73 -33.90 -14.49 -11.72
C THR B 73 -33.97 -15.03 -13.15
N SER B 74 -35.02 -14.62 -13.87
CA SER B 74 -35.27 -15.10 -15.21
C SER B 74 -34.51 -14.26 -16.23
N TRP B 75 -34.73 -14.56 -17.50
CA TRP B 75 -34.20 -13.77 -18.60
C TRP B 75 -34.58 -12.30 -18.39
N GLY B 76 -33.61 -11.40 -18.54
CA GLY B 76 -33.77 -9.98 -18.24
C GLY B 76 -35.09 -9.31 -18.61
N PRO B 77 -35.42 -9.28 -19.90
CA PRO B 77 -36.69 -8.77 -20.44
C PRO B 77 -37.96 -9.30 -19.75
N ALA B 78 -37.91 -10.51 -19.21
CA ALA B 78 -39.09 -11.14 -18.62
C ALA B 78 -39.35 -10.74 -17.17
N HIS B 79 -38.42 -10.00 -16.56
CA HIS B 79 -38.52 -9.62 -15.16
C HIS B 79 -39.81 -8.87 -14.83
N GLU B 80 -40.05 -7.81 -15.59
CA GLU B 80 -41.17 -6.89 -15.36
C GLU B 80 -42.51 -7.60 -15.18
N SER B 81 -42.82 -8.50 -16.10
CA SER B 81 -44.06 -9.25 -16.08
C SER B 81 -44.23 -9.97 -14.76
N SER B 82 -43.22 -10.75 -14.38
CA SER B 82 -43.26 -11.56 -13.16
C SER B 82 -43.36 -10.70 -11.91
N VAL B 83 -42.63 -9.59 -11.88
CA VAL B 83 -42.67 -8.70 -10.74
C VAL B 83 -44.10 -8.19 -10.56
N LEU B 84 -44.68 -7.71 -11.65
CA LEU B 84 -46.06 -7.20 -11.65
C LEU B 84 -47.03 -8.26 -11.14
N LYS B 85 -46.94 -9.47 -11.69
CA LYS B 85 -47.81 -10.56 -11.27
C LYS B 85 -47.63 -10.85 -9.79
N ALA B 86 -46.39 -10.81 -9.32
CA ALA B 86 -46.09 -11.13 -7.91
C ALA B 86 -46.67 -10.08 -6.98
N ILE B 87 -46.58 -8.81 -7.38
CA ILE B 87 -47.13 -7.72 -6.60
C ILE B 87 -48.65 -7.87 -6.50
N LYS B 88 -49.28 -8.19 -7.62
CA LYS B 88 -50.72 -8.40 -7.66
C LYS B 88 -51.10 -9.60 -6.82
N ALA B 89 -50.25 -10.62 -6.81
CA ALA B 89 -50.45 -11.77 -5.95
C ALA B 89 -50.15 -11.47 -4.49
N GLN B 90 -49.75 -10.24 -4.20
CA GLN B 90 -49.34 -9.84 -2.84
C GLN B 90 -48.16 -10.66 -2.25
N LYS B 91 -47.22 -11.09 -3.09
CA LYS B 91 -46.02 -11.77 -2.59
C LYS B 91 -44.82 -10.82 -2.54
N TYR B 92 -43.91 -11.08 -1.61
CA TYR B 92 -42.68 -10.29 -1.58
C TYR B 92 -41.80 -10.70 -2.76
N VAL B 93 -41.05 -9.76 -3.30
CA VAL B 93 -40.23 -10.07 -4.46
C VAL B 93 -38.84 -9.46 -4.44
N PHE B 94 -37.84 -10.33 -4.57
CA PHE B 94 -36.47 -9.92 -4.80
C PHE B 94 -36.27 -10.06 -6.30
N CYS B 95 -35.97 -8.96 -6.97
CA CYS B 95 -35.82 -9.01 -8.42
C CYS B 95 -34.39 -8.73 -8.82
N GLU B 96 -33.76 -9.69 -9.46
CA GLU B 96 -32.42 -9.45 -9.98
C GLU B 96 -32.51 -8.35 -11.02
N LYS B 97 -31.45 -7.54 -11.13
CA LYS B 97 -31.43 -6.47 -12.12
C LYS B 97 -31.61 -7.08 -13.51
N PRO B 98 -32.29 -6.37 -14.42
CA PRO B 98 -32.98 -5.09 -14.22
C PRO B 98 -34.39 -5.32 -13.71
N LEU B 99 -34.94 -4.33 -13.03
CA LEU B 99 -36.31 -4.39 -12.60
C LEU B 99 -37.20 -4.46 -13.83
N ALA B 100 -36.89 -3.62 -14.82
CA ALA B 100 -37.56 -3.66 -16.11
C ALA B 100 -36.63 -3.05 -17.17
N THR B 101 -36.91 -3.33 -18.43
CA THR B 101 -36.06 -2.85 -19.52
C THR B 101 -36.32 -1.39 -19.92
N THR B 102 -37.37 -0.79 -19.37
CA THR B 102 -37.62 0.63 -19.61
C THR B 102 -38.00 1.34 -18.33
N ALA B 103 -37.83 2.65 -18.32
CA ALA B 103 -38.22 3.47 -17.18
C ALA B 103 -39.75 3.38 -16.95
N GLU B 104 -40.50 3.30 -18.05
CA GLU B 104 -41.96 3.09 -17.96
C GLU B 104 -42.26 1.78 -17.25
N GLY B 105 -41.56 0.72 -17.63
CA GLY B 105 -41.67 -0.56 -16.95
C GLY B 105 -41.43 -0.41 -15.46
N CYS B 106 -40.38 0.30 -15.08
CA CYS B 106 -40.09 0.51 -13.66
C CYS B 106 -41.20 1.33 -12.97
N MET B 107 -41.66 2.38 -13.66
CA MET B 107 -42.74 3.20 -13.13
C MET B 107 -44.03 2.40 -12.87
N ARG B 108 -44.35 1.47 -13.76
CA ARG B 108 -45.55 0.63 -13.62
C ARG B 108 -45.47 -0.20 -12.35
N ILE B 109 -44.26 -0.75 -12.12
CA ILE B 109 -44.04 -1.55 -10.94
C ILE B 109 -44.16 -0.66 -9.72
N VAL B 110 -43.59 0.54 -9.79
CA VAL B 110 -43.71 1.51 -8.69
C VAL B 110 -45.20 1.77 -8.35
N GLU B 111 -46.06 1.84 -9.37
CA GLU B 111 -47.48 2.17 -9.15
C GLU B 111 -48.22 1.04 -8.48
N GLU B 112 -47.97 -0.20 -8.92
CA GLU B 112 -48.68 -1.35 -8.31
C GLU B 112 -48.30 -1.54 -6.87
N GLU B 113 -47.03 -1.27 -6.55
CA GLU B 113 -46.56 -1.43 -5.19
C GLU B 113 -47.24 -0.40 -4.28
N ILE B 114 -47.31 0.84 -4.76
CA ILE B 114 -48.05 1.88 -4.03
C ILE B 114 -49.51 1.44 -3.81
N LYS B 115 -50.12 0.78 -4.80
CA LYS B 115 -51.49 0.27 -4.66
C LYS B 115 -51.59 -0.82 -3.58
N VAL B 116 -50.60 -1.70 -3.53
CA VAL B 116 -50.54 -2.72 -2.49
C VAL B 116 -50.37 -2.10 -1.12
N GLY B 117 -49.68 -0.96 -1.07
CA GLY B 117 -49.61 -0.21 0.16
C GLY B 117 -48.46 -0.54 1.08
N LYS B 118 -47.58 -1.43 0.66
CA LYS B 118 -46.31 -1.64 1.37
C LYS B 118 -45.20 -2.12 0.45
N ARG B 119 -43.97 -2.12 0.95
CA ARG B 119 -42.82 -2.48 0.11
C ARG B 119 -42.72 -3.98 -0.07
N LEU B 120 -42.91 -4.44 -1.31
CA LEU B 120 -42.80 -5.85 -1.65
C LEU B 120 -41.52 -6.11 -2.44
N VAL B 121 -41.02 -5.07 -3.10
CA VAL B 121 -39.99 -5.22 -4.11
C VAL B 121 -38.61 -4.77 -3.64
N GLN B 122 -37.68 -5.73 -3.61
CA GLN B 122 -36.27 -5.40 -3.42
C GLN B 122 -35.54 -5.66 -4.74
N VAL B 123 -34.77 -4.68 -5.19
CA VAL B 123 -34.01 -4.81 -6.42
C VAL B 123 -32.56 -5.25 -6.05
N GLY B 124 -32.01 -6.20 -6.81
CA GLY B 124 -30.72 -6.78 -6.48
C GLY B 124 -29.47 -5.98 -6.82
N PHE B 125 -29.41 -4.75 -6.33
CA PHE B 125 -28.18 -3.95 -6.45
C PHE B 125 -27.27 -4.25 -5.27
N MET B 126 -26.47 -5.31 -5.39
CA MET B 126 -25.77 -5.86 -4.24
C MET B 126 -24.63 -4.99 -3.72
N ARG B 127 -24.15 -4.04 -4.50
CA ARG B 127 -23.00 -3.24 -4.06
C ARG B 127 -23.26 -2.51 -2.75
N ARG B 128 -24.50 -2.09 -2.51
CA ARG B 128 -24.84 -1.41 -1.28
C ARG B 128 -24.57 -2.25 -0.04
N TYR B 129 -24.50 -3.57 -0.22
CA TYR B 129 -24.25 -4.47 0.92
C TYR B 129 -22.79 -4.89 1.01
N ASP B 130 -21.95 -4.44 0.08
CA ASP B 130 -20.53 -4.72 0.14
C ASP B 130 -19.90 -3.94 1.28
N SER B 131 -19.02 -4.57 2.05
CA SER B 131 -18.46 -3.93 3.23
C SER B 131 -17.66 -2.67 2.89
N GLY B 132 -17.03 -2.63 1.73
CA GLY B 132 -16.26 -1.47 1.33
C GLY B 132 -17.18 -0.27 1.07
N TYR B 133 -18.27 -0.51 0.36
CA TYR B 133 -19.22 0.57 0.11
C TYR B 133 -19.94 0.98 1.39
N VAL B 134 -20.25 0.02 2.24
CA VAL B 134 -20.82 0.33 3.55
C VAL B 134 -19.89 1.24 4.32
N GLN B 135 -18.59 0.95 4.31
CA GLN B 135 -17.63 1.80 4.99
C GLN B 135 -17.56 3.19 4.37
N LEU B 136 -17.58 3.28 3.04
CA LEU B 136 -17.62 4.61 2.41
C LEU B 136 -18.87 5.40 2.88
N LYS B 137 -20.03 4.75 2.86
CA LYS B 137 -21.28 5.43 3.25
C LYS B 137 -21.17 5.95 4.68
N GLU B 138 -20.57 5.14 5.56
CA GLU B 138 -20.45 5.49 6.97
C GLU B 138 -19.50 6.66 7.19
N ALA B 139 -18.39 6.68 6.47
CA ALA B 139 -17.45 7.81 6.52
C ALA B 139 -18.17 9.08 6.06
N LEU B 140 -18.92 8.98 4.98
CA LEU B 140 -19.64 10.13 4.45
C LEU B 140 -20.66 10.64 5.45
N ASP B 141 -21.42 9.72 6.04
CA ASP B 141 -22.48 10.12 6.94
C ASP B 141 -21.93 10.65 8.28
N ASN B 142 -20.68 10.33 8.58
CA ASN B 142 -20.00 10.87 9.75
C ASN B 142 -19.24 12.14 9.42
N HIS B 143 -19.43 12.64 8.20
CA HIS B 143 -18.83 13.91 7.80
C HIS B 143 -17.31 13.92 7.84
N VAL B 144 -16.70 12.75 7.68
CA VAL B 144 -15.23 12.65 7.72
C VAL B 144 -14.51 13.56 6.72
N ILE B 145 -15.07 13.74 5.52
CA ILE B 145 -14.36 14.55 4.52
C ILE B 145 -15.06 15.85 4.09
N GLY B 146 -16.14 16.21 4.76
CA GLY B 146 -16.90 17.37 4.34
C GLY B 146 -17.90 16.95 3.27
N GLU B 147 -18.36 17.92 2.49
CA GLU B 147 -19.26 17.63 1.37
C GLU B 147 -18.51 16.95 0.24
N PRO B 148 -19.12 15.92 -0.36
CA PRO B 148 -18.58 15.30 -1.56
C PRO B 148 -18.62 16.29 -2.72
N LEU B 149 -17.51 16.46 -3.41
CA LEU B 149 -17.45 17.37 -4.54
C LEU B 149 -17.31 16.59 -5.87
N MET B 150 -16.49 15.56 -5.88
CA MET B 150 -16.24 14.78 -7.09
C MET B 150 -16.08 13.30 -6.78
N ILE B 151 -16.51 12.47 -7.72
CA ILE B 151 -16.29 11.04 -7.60
C ILE B 151 -15.57 10.54 -8.85
N HIS B 152 -14.50 9.78 -8.66
CA HIS B 152 -13.77 9.16 -9.76
C HIS B 152 -13.92 7.68 -9.58
N CYS B 153 -14.45 7.00 -10.59
CA CYS B 153 -14.55 5.56 -10.49
C CYS B 153 -14.27 4.86 -11.80
N ALA B 154 -14.01 3.56 -11.69
CA ALA B 154 -13.70 2.76 -12.85
C ALA B 154 -14.37 1.41 -12.65
N HIS B 155 -14.90 0.88 -13.74
CA HIS B 155 -15.51 -0.43 -13.71
C HIS B 155 -14.83 -1.15 -14.86
N ARG B 156 -13.95 -2.08 -14.54
CA ARG B 156 -13.15 -2.74 -15.57
C ARG B 156 -13.36 -4.24 -15.58
N ASN B 157 -13.26 -4.83 -16.76
CA ASN B 157 -13.57 -6.25 -16.94
C ASN B 157 -12.55 -6.81 -17.95
N PRO B 158 -12.07 -8.04 -17.73
CA PRO B 158 -10.94 -8.54 -18.56
C PRO B 158 -11.29 -8.61 -20.03
N THR B 159 -12.45 -9.19 -20.34
CA THR B 159 -12.91 -9.28 -21.73
C THR B 159 -14.40 -9.57 -21.76
N VAL B 160 -15.08 -9.21 -22.85
CA VAL B 160 -16.49 -9.56 -23.01
C VAL B 160 -16.73 -10.42 -24.26
N GLY B 161 -17.88 -11.09 -24.30
CA GLY B 161 -18.30 -11.85 -25.46
C GLY B 161 -18.72 -10.96 -26.63
N ASP B 162 -18.81 -11.55 -27.82
CA ASP B 162 -19.11 -10.74 -29.01
C ASP B 162 -20.54 -10.16 -29.03
N ASN B 163 -21.38 -10.65 -28.13
CA ASN B 163 -22.75 -10.18 -28.02
CA ASN B 163 -22.75 -10.21 -27.97
C ASN B 163 -22.89 -8.89 -27.21
N TYR B 164 -21.79 -8.45 -26.59
CA TYR B 164 -21.79 -7.26 -25.75
C TYR B 164 -21.79 -6.01 -26.63
N THR B 165 -22.76 -5.13 -26.44
CA THR B 165 -22.90 -3.94 -27.29
C THR B 165 -22.59 -2.66 -26.52
N THR B 166 -22.36 -1.57 -27.25
CA THR B 166 -21.94 -0.29 -26.67
C THR B 166 -22.88 0.20 -25.57
N ASP B 167 -24.18 0.08 -25.81
CA ASP B 167 -25.18 0.47 -24.81
C ASP B 167 -25.12 -0.38 -23.53
N MET B 168 -24.65 -1.62 -23.65
CA MET B 168 -24.51 -2.48 -22.46
C MET B 168 -23.45 -1.97 -21.48
N ALA B 169 -22.56 -1.10 -21.95
CA ALA B 169 -21.59 -0.50 -21.07
C ALA B 169 -22.28 0.33 -20.00
N VAL B 170 -23.37 1.00 -20.36
CA VAL B 170 -24.09 1.76 -19.35
C VAL B 170 -25.28 0.96 -18.78
N VAL B 171 -25.94 0.18 -19.64
CA VAL B 171 -27.13 -0.57 -19.20
C VAL B 171 -26.80 -1.77 -18.31
N ASP B 172 -25.77 -2.53 -18.64
CA ASP B 172 -25.51 -3.75 -17.86
C ASP B 172 -24.38 -3.55 -16.87
N THR B 173 -23.55 -2.56 -17.14
CA THR B 173 -22.31 -2.44 -16.40
C THR B 173 -22.31 -1.21 -15.48
N LEU B 174 -22.36 -0.01 -16.04
CA LEU B 174 -22.32 1.21 -15.22
C LEU B 174 -23.54 1.35 -14.32
N VAL B 175 -24.59 0.62 -14.63
CA VAL B 175 -25.82 0.68 -13.84
C VAL B 175 -25.54 0.42 -12.36
N HIS B 176 -24.51 -0.40 -12.08
CA HIS B 176 -24.12 -0.66 -10.69
C HIS B 176 -23.57 0.61 -10.03
N GLU B 177 -22.67 1.31 -10.72
CA GLU B 177 -22.18 2.60 -10.24
C GLU B 177 -23.35 3.58 -10.06
N ILE B 178 -24.21 3.62 -11.07
CA ILE B 178 -25.33 4.58 -11.09
C ILE B 178 -26.17 4.39 -9.83
N ASP B 179 -26.50 3.16 -9.50
CA ASP B 179 -27.23 2.90 -8.27
C ASP B 179 -26.46 3.27 -7.01
N VAL B 180 -25.22 2.77 -6.89
CA VAL B 180 -24.51 2.92 -5.63
C VAL B 180 -24.16 4.37 -5.34
N LEU B 181 -23.86 5.15 -6.37
CA LEU B 181 -23.38 6.50 -6.10
C LEU B 181 -24.44 7.45 -5.53
N HIS B 182 -25.63 7.44 -6.11
CA HIS B 182 -26.67 8.35 -5.63
C HIS B 182 -27.07 7.96 -4.21
N TRP B 183 -27.06 6.66 -3.92
CA TRP B 183 -27.25 6.18 -2.57
C TRP B 183 -26.16 6.67 -1.61
N LEU B 184 -24.91 6.63 -2.05
CA LEU B 184 -23.81 7.04 -1.20
C LEU B 184 -23.88 8.51 -0.83
N VAL B 185 -24.17 9.36 -1.81
CA VAL B 185 -24.12 10.79 -1.58
C VAL B 185 -25.50 11.43 -1.40
N ASN B 186 -26.55 10.63 -1.51
CA ASN B 186 -27.92 11.11 -1.29
C ASN B 186 -28.22 12.32 -2.16
N ASP B 187 -28.12 12.14 -3.48
CA ASP B 187 -28.34 13.24 -4.41
C ASP B 187 -28.90 12.67 -5.71
N ASP B 188 -29.60 13.50 -6.47
CA ASP B 188 -30.22 13.06 -7.72
C ASP B 188 -29.38 13.46 -8.91
N TYR B 189 -29.38 12.63 -9.95
CA TYR B 189 -28.67 12.96 -11.18
C TYR B 189 -29.40 14.00 -12.03
N GLU B 190 -28.63 14.84 -12.70
CA GLU B 190 -29.15 15.95 -13.46
C GLU B 190 -28.78 15.84 -14.94
N SER B 191 -27.51 15.55 -15.20
CA SER B 191 -27.02 15.49 -16.57
C SER B 191 -25.84 14.53 -16.79
N VAL B 192 -25.74 14.03 -18.01
CA VAL B 192 -24.72 13.05 -18.36
C VAL B 192 -24.10 13.42 -19.70
N GLN B 193 -22.84 13.05 -19.86
CA GLN B 193 -22.10 13.26 -21.09
C GLN B 193 -21.17 12.07 -21.26
N VAL B 194 -20.97 11.61 -22.50
CA VAL B 194 -20.14 10.44 -22.76
C VAL B 194 -19.00 10.81 -23.69
N ILE B 195 -17.78 10.42 -23.34
CA ILE B 195 -16.63 10.73 -24.16
C ILE B 195 -15.93 9.43 -24.55
N TYR B 196 -15.61 9.27 -25.84
CA TYR B 196 -14.96 8.03 -26.27
C TYR B 196 -13.48 8.23 -26.51
N PRO B 197 -12.62 7.52 -25.75
CA PRO B 197 -11.22 7.48 -26.17
C PRO B 197 -11.13 6.65 -27.44
N LYS B 198 -9.93 6.57 -28.04
CA LYS B 198 -9.75 5.65 -29.16
C LYS B 198 -10.08 4.23 -28.73
N LYS B 199 -10.58 3.42 -29.66
CA LYS B 199 -11.01 2.07 -29.34
C LYS B 199 -9.82 1.22 -28.93
N SER B 200 -10.01 0.35 -27.94
CA SER B 200 -8.96 -0.55 -27.53
C SER B 200 -8.80 -1.68 -28.55
N LYS B 201 -7.57 -2.13 -28.77
CA LYS B 201 -7.33 -3.30 -29.63
C LYS B 201 -8.07 -4.55 -29.12
N ASN B 202 -8.37 -4.60 -27.83
CA ASN B 202 -9.00 -5.79 -27.23
C ASN B 202 -10.52 -5.79 -27.39
N ALA B 203 -11.03 -4.71 -27.98
CA ALA B 203 -12.47 -4.56 -28.18
C ALA B 203 -12.80 -4.87 -29.63
N LEU B 204 -13.90 -5.59 -29.84
CA LEU B 204 -14.41 -5.86 -31.18
C LEU B 204 -14.90 -4.57 -31.85
N PRO B 205 -14.83 -4.52 -33.20
CA PRO B 205 -15.07 -3.28 -33.94
C PRO B 205 -16.46 -2.64 -33.73
N HIS B 206 -17.48 -3.44 -33.46
CA HIS B 206 -18.81 -2.88 -33.23
C HIS B 206 -18.94 -2.24 -31.84
N LEU B 207 -17.95 -2.49 -30.99
CA LEU B 207 -18.03 -2.05 -29.59
C LEU B 207 -17.18 -0.82 -29.33
N LYS B 208 -17.81 0.23 -28.81
CA LYS B 208 -17.06 1.38 -28.33
C LYS B 208 -16.63 1.16 -26.88
N ASP B 209 -15.34 0.93 -26.72
CA ASP B 209 -14.77 0.53 -25.44
C ASP B 209 -13.30 0.88 -25.55
N PRO B 210 -12.77 1.65 -24.57
CA PRO B 210 -13.46 2.08 -23.34
C PRO B 210 -14.32 3.30 -23.55
N GLN B 211 -14.94 3.76 -22.45
CA GLN B 211 -15.79 4.93 -22.44
C GLN B 211 -15.54 5.69 -21.16
N ILE B 212 -15.72 7.00 -21.23
CA ILE B 212 -15.72 7.83 -20.05
C ILE B 212 -17.12 8.45 -19.96
N VAL B 213 -17.78 8.28 -18.82
CA VAL B 213 -19.10 8.85 -18.62
C VAL B 213 -19.01 9.89 -17.52
N VAL B 214 -19.42 11.10 -17.83
CA VAL B 214 -19.42 12.19 -16.86
C VAL B 214 -20.85 12.44 -16.45
N ILE B 215 -21.11 12.37 -15.15
CA ILE B 215 -22.46 12.55 -14.62
C ILE B 215 -22.43 13.65 -13.58
N GLU B 216 -23.39 14.58 -13.63
CA GLU B 216 -23.51 15.62 -12.60
C GLU B 216 -24.77 15.39 -11.78
N THR B 217 -24.68 15.59 -10.47
CA THR B 217 -25.86 15.50 -9.61
C THR B 217 -26.49 16.89 -9.50
N LYS B 218 -27.74 16.93 -9.04
CA LYS B 218 -28.43 18.21 -8.85
C LYS B 218 -27.66 19.13 -7.93
N GLY B 219 -27.04 18.56 -6.90
CA GLY B 219 -26.25 19.34 -5.97
C GLY B 219 -24.89 19.75 -6.52
N GLY B 220 -24.56 19.30 -7.72
CA GLY B 220 -23.31 19.72 -8.35
C GLY B 220 -22.11 18.80 -8.05
N ILE B 221 -22.38 17.56 -7.66
CA ILE B 221 -21.30 16.58 -7.54
C ILE B 221 -20.99 16.11 -8.95
N VAL B 222 -19.72 16.07 -9.31
CA VAL B 222 -19.35 15.62 -10.64
C VAL B 222 -18.73 14.22 -10.56
N ILE B 223 -19.32 13.30 -11.31
CA ILE B 223 -18.83 11.94 -11.31
C ILE B 223 -18.13 11.69 -12.64
N ASN B 224 -16.89 11.20 -12.58
CA ASN B 224 -16.16 10.75 -13.77
C ASN B 224 -16.02 9.24 -13.71
N ALA B 225 -16.71 8.52 -14.59
CA ALA B 225 -16.67 7.06 -14.53
C ALA B 225 -16.00 6.51 -15.77
N GLU B 226 -15.05 5.60 -15.57
CA GLU B 226 -14.39 4.93 -16.68
C GLU B 226 -15.00 3.57 -16.78
N ILE B 227 -15.41 3.18 -17.98
CA ILE B 227 -15.84 1.83 -18.25
C ILE B 227 -14.89 1.23 -19.27
N TYR B 228 -14.30 0.09 -18.93
CA TYR B 228 -13.40 -0.60 -19.86
C TYR B 228 -13.58 -2.10 -19.68
N VAL B 229 -14.40 -2.71 -20.54
CA VAL B 229 -14.79 -4.11 -20.38
C VAL B 229 -13.88 -5.12 -21.08
N ASN B 230 -12.84 -4.61 -21.75
CA ASN B 230 -11.80 -5.44 -22.32
C ASN B 230 -10.40 -5.00 -21.85
N CYS B 231 -10.23 -4.80 -20.55
CA CYS B 231 -8.96 -4.27 -20.04
C CYS B 231 -7.89 -5.35 -19.90
N LYS B 232 -8.29 -6.59 -20.18
CA LYS B 232 -7.39 -7.75 -20.18
C LYS B 232 -6.82 -8.13 -18.80
N TYR B 233 -6.31 -7.15 -18.05
CA TYR B 233 -5.57 -7.47 -16.82
C TYR B 233 -6.40 -8.08 -15.69
N GLY B 234 -7.70 -7.80 -15.68
CA GLY B 234 -8.53 -8.28 -14.58
C GLY B 234 -9.91 -7.66 -14.46
N TYR B 235 -10.64 -8.11 -13.44
CA TYR B 235 -11.90 -7.47 -13.07
C TYR B 235 -11.62 -6.50 -11.93
N ASP B 236 -11.95 -5.22 -12.12
CA ASP B 236 -11.47 -4.23 -11.17
C ASP B 236 -12.51 -3.13 -10.94
N ILE B 237 -12.90 -2.95 -9.68
CA ILE B 237 -13.82 -1.86 -9.32
C ILE B 237 -13.04 -0.87 -8.48
N GLN B 238 -13.00 0.39 -8.91
CA GLN B 238 -12.32 1.42 -8.15
C GLN B 238 -13.28 2.59 -7.92
N CYS B 239 -13.17 3.22 -6.75
CA CYS B 239 -14.05 4.32 -6.40
C CYS B 239 -13.38 5.25 -5.39
N GLU B 240 -13.17 6.48 -5.81
CA GLU B 240 -12.57 7.49 -4.96
C GLU B 240 -13.55 8.69 -4.83
N ILE B 241 -13.86 9.10 -3.61
CA ILE B 241 -14.76 10.24 -3.38
C ILE B 241 -13.95 11.40 -2.85
N VAL B 242 -13.90 12.49 -3.60
CA VAL B 242 -13.17 13.67 -3.17
C VAL B 242 -14.12 14.62 -2.47
N GLY B 243 -13.88 14.84 -1.19
CA GLY B 243 -14.71 15.74 -0.41
C GLY B 243 -13.99 17.05 -0.21
N GLU B 244 -14.66 18.01 0.42
CA GLU B 244 -14.04 19.30 0.69
C GLU B 244 -12.71 19.20 1.43
N ASP B 245 -12.64 18.33 2.44
CA ASP B 245 -11.50 18.37 3.34
C ASP B 245 -10.65 17.10 3.30
N GLY B 246 -11.06 16.15 2.49
CA GLY B 246 -10.26 14.95 2.29
C GLY B 246 -10.90 14.00 1.32
N ILE B 247 -10.30 12.81 1.22
CA ILE B 247 -10.67 11.86 0.19
C ILE B 247 -10.74 10.46 0.76
N ILE B 248 -11.80 9.75 0.41
CA ILE B 248 -11.95 8.36 0.84
C ILE B 248 -11.98 7.47 -0.41
N LYS B 249 -11.55 6.23 -0.27
CA LYS B 249 -11.40 5.36 -1.44
C LYS B 249 -11.68 3.91 -1.13
N LEU B 250 -12.38 3.26 -2.05
CA LEU B 250 -12.73 1.85 -1.89
C LEU B 250 -11.44 1.04 -1.82
N PRO B 251 -11.42 0.01 -0.98
CA PRO B 251 -10.20 -0.80 -0.88
C PRO B 251 -10.08 -1.84 -2.00
N GLU B 252 -8.87 -2.34 -2.26
CA GLU B 252 -8.67 -3.57 -3.05
C GLU B 252 -9.34 -4.72 -2.32
N PRO B 253 -9.81 -5.75 -3.06
CA PRO B 253 -10.22 -6.98 -2.37
C PRO B 253 -9.01 -7.60 -1.66
N SER B 254 -9.26 -8.26 -0.54
CA SER B 254 -8.20 -8.82 0.29
C SER B 254 -7.32 -9.84 -0.46
N SER B 255 -6.02 -9.72 -0.27
CA SER B 255 -5.10 -10.66 -0.92
C SER B 255 -3.77 -10.70 -0.18
N ILE B 256 -3.20 -11.90 -0.04
CA ILE B 256 -1.84 -11.97 0.46
C ILE B 256 -0.93 -11.24 -0.53
N SER B 257 0.17 -10.69 -0.03
CA SER B 257 1.20 -10.14 -0.89
C SER B 257 2.33 -11.14 -1.14
N LEU B 258 3.01 -10.92 -2.26
CA LEU B 258 4.09 -11.77 -2.70
C LEU B 258 5.30 -10.92 -3.12
N ARG B 259 6.49 -11.26 -2.62
CA ARG B 259 7.74 -10.73 -3.17
C ARG B 259 8.40 -11.86 -3.94
N LYS B 260 8.55 -11.69 -5.25
CA LYS B 260 9.13 -12.76 -6.06
C LYS B 260 9.54 -12.18 -7.37
N GLU B 261 10.69 -12.64 -7.87
CA GLU B 261 11.17 -12.24 -9.21
C GLU B 261 11.12 -10.73 -9.45
N GLY B 262 11.61 -9.94 -8.49
CA GLY B 262 11.74 -8.51 -8.71
C GLY B 262 10.45 -7.72 -8.58
N ARG B 263 9.39 -8.35 -8.09
CA ARG B 263 8.09 -7.68 -7.94
C ARG B 263 7.44 -7.93 -6.59
N PHE B 264 6.86 -6.87 -6.02
CA PHE B 264 6.06 -6.95 -4.80
C PHE B 264 4.62 -6.82 -5.27
N SER B 265 3.79 -7.83 -5.03
CA SER B 265 2.46 -7.84 -5.65
C SER B 265 1.35 -8.48 -4.83
N THR B 266 0.12 -8.16 -5.25
CA THR B 266 -1.11 -8.77 -4.73
C THR B 266 -1.97 -9.22 -5.92
N ASP B 267 -2.93 -10.11 -5.69
CA ASP B 267 -3.83 -10.59 -6.74
C ASP B 267 -4.83 -9.54 -7.17
N ILE B 268 -5.18 -9.53 -8.44
CA ILE B 268 -6.36 -8.81 -8.89
C ILE B 268 -7.30 -9.91 -9.36
N LEU B 269 -8.56 -9.88 -8.94
CA LEU B 269 -9.52 -10.92 -9.36
C LEU B 269 -9.69 -10.93 -10.87
N MET B 270 -9.85 -12.12 -11.44
CA MET B 270 -10.11 -12.28 -12.88
C MET B 270 -11.60 -12.39 -13.23
N ASP B 271 -12.43 -12.76 -12.27
CA ASP B 271 -13.86 -12.91 -12.58
C ASP B 271 -14.79 -12.23 -11.59
N TRP B 272 -15.78 -11.53 -12.14
CA TRP B 272 -16.74 -10.74 -11.37
C TRP B 272 -17.46 -11.49 -10.23
N GLN B 273 -17.59 -12.80 -10.35
CA GLN B 273 -18.35 -13.57 -9.34
C GLN B 273 -17.61 -13.69 -8.00
N ARG B 274 -16.31 -13.44 -7.99
CA ARG B 274 -15.58 -13.48 -6.73
C ARG B 274 -15.55 -12.13 -6.02
N ARG B 275 -15.79 -11.06 -6.78
CA ARG B 275 -15.69 -9.70 -6.25
C ARG B 275 -16.69 -9.44 -5.13
N PHE B 276 -17.95 -9.78 -5.38
CA PHE B 276 -19.03 -9.40 -4.46
C PHE B 276 -19.78 -10.57 -3.84
N VAL B 277 -19.14 -11.73 -3.74
CA VAL B 277 -19.83 -12.93 -3.24
C VAL B 277 -20.47 -12.72 -1.85
N ALA B 278 -19.76 -12.07 -0.96
CA ALA B 278 -20.27 -11.78 0.39
C ALA B 278 -21.50 -10.86 0.31
N ALA B 279 -21.48 -9.88 -0.59
CA ALA B 279 -22.59 -8.94 -0.70
C ALA B 279 -23.87 -9.62 -1.14
N TYR B 280 -23.76 -10.57 -2.08
CA TYR B 280 -24.94 -11.36 -2.49
C TYR B 280 -25.55 -12.10 -1.29
N ASP B 281 -24.70 -12.70 -0.44
CA ASP B 281 -25.19 -13.38 0.75
C ASP B 281 -25.90 -12.42 1.70
N VAL B 282 -25.29 -11.26 1.93
CA VAL B 282 -25.85 -10.27 2.84
C VAL B 282 -27.18 -9.70 2.32
N GLU B 283 -27.28 -9.48 1.01
CA GLU B 283 -28.49 -8.86 0.46
C GLU B 283 -29.71 -9.79 0.55
N ILE B 284 -29.51 -11.06 0.24
CA ILE B 284 -30.56 -12.07 0.37
C ILE B 284 -30.95 -12.27 1.83
N GLN B 285 -29.97 -12.35 2.71
CA GLN B 285 -30.24 -12.49 4.13
C GLN B 285 -31.05 -11.30 4.66
N ASP B 286 -30.75 -10.11 4.13
CA ASP B 286 -31.49 -8.90 4.50
C ASP B 286 -32.92 -8.93 3.96
N PHE B 287 -33.11 -9.50 2.79
CA PHE B 287 -34.43 -9.70 2.21
C PHE B 287 -35.27 -10.59 3.13
N ILE B 288 -34.67 -11.69 3.57
CA ILE B 288 -35.32 -12.64 4.45
C ILE B 288 -35.61 -11.99 5.80
N ASP B 289 -34.60 -11.35 6.37
CA ASP B 289 -34.71 -10.77 7.71
C ASP B 289 -35.69 -9.62 7.81
N SER B 290 -35.62 -8.70 6.85
CA SER B 290 -36.54 -7.57 6.83
C SER B 290 -37.98 -8.09 6.76
N ILE B 291 -38.25 -9.02 5.84
CA ILE B 291 -39.60 -9.57 5.69
C ILE B 291 -40.12 -10.17 6.99
N GLN B 292 -39.27 -10.95 7.67
CA GLN B 292 -39.68 -11.62 8.89
C GLN B 292 -39.83 -10.68 10.08
N LYS B 293 -39.09 -9.57 10.07
CA LYS B 293 -39.08 -8.65 11.21
C LYS B 293 -40.05 -7.49 11.08
N LYS B 294 -40.36 -7.12 9.84
CA LYS B 294 -41.09 -5.89 9.58
C LYS B 294 -42.23 -6.11 8.63
N GLY B 295 -42.30 -7.28 8.02
CA GLY B 295 -43.39 -7.58 7.10
C GLY B 295 -43.27 -6.82 5.80
N GLU B 296 -42.11 -6.20 5.57
CA GLU B 296 -41.78 -5.59 4.28
C GLU B 296 -40.27 -5.62 4.04
N VAL B 297 -39.86 -5.39 2.80
CA VAL B 297 -38.43 -5.44 2.44
C VAL B 297 -37.75 -4.12 2.76
N SER B 298 -36.42 -4.11 2.77
CA SER B 298 -35.66 -2.92 3.17
C SER B 298 -34.48 -2.54 2.27
N GLY B 299 -34.31 -3.20 1.13
CA GLY B 299 -33.11 -2.90 0.36
C GLY B 299 -33.34 -1.79 -0.66
N PRO B 300 -32.58 -1.83 -1.76
CA PRO B 300 -32.87 -0.96 -2.92
C PRO B 300 -34.32 -1.17 -3.39
N THR B 301 -35.00 -0.06 -3.68
CA THR B 301 -36.44 -0.05 -3.92
C THR B 301 -36.81 -0.08 -5.40
N ALA B 302 -38.11 -0.24 -5.67
CA ALA B 302 -38.60 -0.15 -7.03
C ALA B 302 -38.30 1.22 -7.58
N TRP B 303 -38.31 2.22 -6.70
CA TRP B 303 -37.98 3.58 -7.15
C TRP B 303 -36.50 3.69 -7.51
N ASP B 304 -35.64 2.96 -6.78
CA ASP B 304 -34.22 2.94 -7.13
C ASP B 304 -34.02 2.33 -8.52
N GLY B 305 -34.83 1.31 -8.83
CA GLY B 305 -34.83 0.71 -10.15
C GLY B 305 -35.18 1.75 -11.20
N TYR B 306 -36.18 2.58 -10.89
CA TYR B 306 -36.63 3.61 -11.81
C TYR B 306 -35.53 4.64 -12.07
N ILE B 307 -34.88 5.08 -10.99
CA ILE B 307 -33.79 6.04 -11.10
C ILE B 307 -32.71 5.49 -12.03
N ALA B 308 -32.37 4.23 -11.86
CA ALA B 308 -31.31 3.63 -12.68
C ALA B 308 -31.71 3.59 -14.15
N ALA B 309 -32.95 3.19 -14.41
CA ALA B 309 -33.50 3.16 -15.77
C ALA B 309 -33.44 4.52 -16.46
N VAL B 310 -33.92 5.55 -15.78
CA VAL B 310 -33.91 6.91 -16.33
C VAL B 310 -32.49 7.41 -16.55
N THR B 311 -31.57 7.04 -15.66
CA THR B 311 -30.22 7.54 -15.79
C THR B 311 -29.52 6.81 -16.93
N THR B 312 -29.77 5.51 -17.04
CA THR B 312 -29.17 4.72 -18.12
C THR B 312 -29.67 5.18 -19.49
N ASP B 313 -30.99 5.35 -19.62
CA ASP B 313 -31.57 5.96 -20.81
C ASP B 313 -30.86 7.25 -21.20
N ALA B 314 -30.67 8.16 -20.24
CA ALA B 314 -29.97 9.40 -20.56
C ALA B 314 -28.51 9.15 -21.00
N CYS B 315 -27.87 8.12 -20.43
CA CYS B 315 -26.52 7.77 -20.83
C CYS B 315 -26.47 7.18 -22.25
N VAL B 316 -27.43 6.33 -22.58
CA VAL B 316 -27.53 5.77 -23.92
C VAL B 316 -27.75 6.92 -24.93
N LYS B 317 -28.57 7.90 -24.56
CA LYS B 317 -28.79 9.06 -25.41
C LYS B 317 -27.49 9.81 -25.63
N ALA B 318 -26.75 10.06 -24.55
CA ALA B 318 -25.47 10.75 -24.63
C ALA B 318 -24.46 9.97 -25.49
N GLN B 319 -24.55 8.64 -25.43
CA GLN B 319 -23.70 7.78 -26.24
C GLN B 319 -23.88 8.08 -27.73
N GLU B 320 -25.13 8.27 -28.14
CA GLU B 320 -25.44 8.45 -29.56
C GLU B 320 -25.21 9.90 -30.00
N SER B 321 -25.60 10.85 -29.18
CA SER B 321 -25.56 12.26 -29.55
C SER B 321 -24.21 12.94 -29.30
N GLY B 322 -23.40 12.39 -28.39
CA GLY B 322 -22.11 13.01 -28.07
C GLY B 322 -22.25 14.34 -27.36
N GLN B 323 -23.46 14.64 -26.89
CA GLN B 323 -23.77 15.91 -26.23
C GLN B 323 -24.08 15.70 -24.75
N LYS B 324 -24.09 16.78 -23.99
CA LYS B 324 -24.58 16.73 -22.61
C LYS B 324 -26.08 16.47 -22.65
N GLU B 325 -26.55 15.45 -21.94
CA GLU B 325 -27.97 15.09 -21.94
C GLU B 325 -28.59 15.19 -20.55
N LYS B 326 -29.82 15.66 -20.48
CA LYS B 326 -30.51 15.79 -19.19
C LYS B 326 -31.04 14.45 -18.71
N VAL B 327 -31.01 14.22 -17.39
CA VAL B 327 -31.67 13.06 -16.83
C VAL B 327 -33.11 13.46 -16.47
N GLU B 328 -34.07 12.93 -17.20
CA GLU B 328 -35.48 13.29 -16.99
C GLU B 328 -36.05 12.60 -15.74
N LEU B 329 -35.78 13.15 -14.56
CA LEU B 329 -36.16 12.47 -13.31
C LEU B 329 -37.46 13.00 -12.67
N LYS B 330 -38.47 12.13 -12.61
CA LYS B 330 -39.72 12.48 -11.92
C LYS B 330 -39.49 12.57 -10.42
N GLU B 331 -40.40 13.24 -9.72
CA GLU B 331 -40.29 13.48 -8.29
C GLU B 331 -40.55 12.19 -7.50
N LYS B 332 -39.82 12.03 -6.40
CA LYS B 332 -39.85 10.80 -5.61
C LYS B 332 -41.08 10.72 -4.70
N PRO B 333 -41.98 9.75 -4.94
CA PRO B 333 -43.18 9.56 -4.11
C PRO B 333 -42.84 9.48 -2.62
N GLU B 334 -43.74 10.03 -1.80
CA GLU B 334 -43.55 10.03 -0.36
C GLU B 334 -43.54 8.60 0.18
N PHE B 335 -44.23 7.72 -0.53
CA PHE B 335 -44.21 6.30 -0.24
C PHE B 335 -42.79 5.76 -0.06
N TYR B 336 -41.84 6.26 -0.84
CA TYR B 336 -40.46 5.79 -0.75
C TYR B 336 -39.55 6.66 0.13
N GLN B 337 -40.12 7.61 0.83
CA GLN B 337 -39.33 8.44 1.73
C GLN B 337 -39.11 7.75 3.07
N MET C 1 37.10 28.28 -0.72
CA MET C 1 37.01 27.78 -2.08
C MET C 1 37.17 26.26 -2.11
N SER C 2 37.53 25.71 -3.27
CA SER C 2 37.49 24.25 -3.47
C SER C 2 38.31 23.44 -2.47
N LEU C 3 37.69 22.42 -1.90
CA LEU C 3 38.39 21.46 -1.04
C LEU C 3 39.16 20.49 -1.94
N ARG C 4 40.48 20.43 -1.74
CA ARG C 4 41.32 19.56 -2.56
C ARG C 4 41.46 18.18 -1.94
N ILE C 5 41.16 17.17 -2.73
CA ILE C 5 40.95 15.81 -2.22
C ILE C 5 41.85 14.82 -2.92
N GLY C 6 42.53 13.99 -2.13
CA GLY C 6 43.31 12.90 -2.67
C GLY C 6 42.58 11.60 -2.45
N VAL C 7 42.67 10.69 -3.42
CA VAL C 7 42.01 9.40 -3.33
C VAL C 7 42.99 8.23 -3.18
N ILE C 8 42.90 7.53 -2.05
CA ILE C 8 43.70 6.33 -1.79
C ILE C 8 42.89 5.08 -2.13
N GLY C 9 43.13 4.53 -3.31
CA GLY C 9 42.43 3.34 -3.76
C GLY C 9 41.40 3.65 -4.84
N THR C 10 41.76 3.37 -6.09
CA THR C 10 40.88 3.67 -7.21
C THR C 10 40.24 2.44 -7.82
N GLY C 11 39.59 1.63 -6.98
CA GLY C 11 38.74 0.56 -7.46
C GLY C 11 37.35 1.08 -7.83
N LYS C 12 36.35 0.21 -7.75
CA LYS C 12 34.98 0.58 -8.13
C LYS C 12 34.47 1.79 -7.37
N ILE C 13 34.47 1.69 -6.04
CA ILE C 13 33.89 2.74 -5.20
C ILE C 13 34.77 4.00 -5.12
N GLY C 14 36.06 3.85 -5.44
CA GLY C 14 36.90 5.02 -5.58
C GLY C 14 36.56 5.76 -6.85
N LYS C 15 36.32 5.00 -7.92
CA LYS C 15 35.89 5.58 -9.18
C LYS C 15 34.53 6.26 -9.06
N GLU C 16 33.64 5.66 -8.26
CA GLU C 16 32.30 6.24 -8.05
C GLU C 16 32.37 7.57 -7.33
N HIS C 17 33.12 7.60 -6.22
CA HIS C 17 33.25 8.83 -5.43
C HIS C 17 33.95 9.96 -6.20
N ILE C 18 34.88 9.57 -7.07
CA ILE C 18 35.57 10.54 -7.91
C ILE C 18 34.57 11.15 -8.89
N ASN C 19 33.78 10.29 -9.54
CA ASN C 19 32.75 10.75 -10.47
C ASN C 19 31.79 11.71 -9.78
N ARG C 20 31.42 11.33 -8.57
CA ARG C 20 30.58 12.12 -7.67
C ARG C 20 31.16 13.53 -7.46
N ILE C 21 32.38 13.58 -6.94
CA ILE C 21 33.03 14.84 -6.62
C ILE C 21 33.29 15.68 -7.86
N THR C 22 33.67 15.01 -8.95
CA THR C 22 34.02 15.68 -10.20
C THR C 22 32.79 16.15 -10.99
N ASN C 23 31.73 15.35 -10.99
CA ASN C 23 30.59 15.58 -11.88
C ASN C 23 29.23 15.87 -11.25
N LYS C 24 29.11 15.78 -9.94
CA LYS C 24 27.79 15.87 -9.30
C LYS C 24 27.69 16.82 -8.10
N LEU C 25 28.77 16.91 -7.32
CA LEU C 25 28.73 17.61 -6.05
C LEU C 25 29.40 18.98 -6.13
N SER C 26 29.26 19.77 -5.07
CA SER C 26 29.78 21.13 -5.08
C SER C 26 30.94 21.28 -4.10
N GLY C 27 31.94 22.08 -4.45
CA GLY C 27 32.92 22.53 -3.49
C GLY C 27 34.20 21.73 -3.38
N ALA C 28 34.43 20.79 -4.29
CA ALA C 28 35.62 19.95 -4.19
C ALA C 28 36.16 19.48 -5.52
N GLU C 29 37.40 19.01 -5.51
CA GLU C 29 38.10 18.59 -6.72
C GLU C 29 39.11 17.50 -6.38
N ILE C 30 39.29 16.56 -7.31
CA ILE C 30 40.28 15.51 -7.13
C ILE C 30 41.63 15.98 -7.69
N VAL C 31 42.64 16.09 -6.82
CA VAL C 31 43.95 16.60 -7.22
C VAL C 31 45.05 15.54 -7.15
N ALA C 32 44.74 14.39 -6.55
CA ALA C 32 45.72 13.32 -6.37
C ALA C 32 45.05 11.95 -6.27
N VAL C 33 45.79 10.94 -6.71
CA VAL C 33 45.27 9.58 -6.91
C VAL C 33 46.42 8.62 -6.58
N THR C 34 46.13 7.37 -6.23
CA THR C 34 47.17 6.35 -6.01
C THR C 34 46.67 4.90 -6.02
N SER C 35 47.59 3.98 -6.34
CA SER C 35 47.46 2.55 -6.02
C SER C 35 46.61 1.70 -6.98
N VAL C 36 47.04 0.48 -7.36
CA VAL C 36 48.30 -0.19 -6.93
C VAL C 36 48.71 -1.47 -7.74
N ASN C 37 49.04 -1.40 -9.04
CA ASN C 37 48.73 -0.39 -10.05
C ASN C 37 49.10 1.09 -9.93
N GLN C 38 50.26 1.44 -10.49
CA GLN C 38 50.61 2.81 -10.84
C GLN C 38 49.70 3.14 -12.02
N GLU C 39 49.58 2.15 -12.91
CA GLU C 39 48.57 2.16 -13.97
C GLU C 39 47.20 2.15 -13.33
N ALA C 40 46.16 2.12 -14.16
CA ALA C 40 44.78 2.18 -13.68
C ALA C 40 44.50 3.46 -12.89
N ALA C 41 45.31 3.71 -11.87
CA ALA C 41 45.30 4.99 -11.17
C ALA C 41 45.52 6.12 -12.16
N GLN C 42 46.37 5.86 -13.15
CA GLN C 42 46.62 6.81 -14.24
C GLN C 42 45.48 6.76 -15.26
N LYS C 43 44.91 5.57 -15.45
CA LYS C 43 43.77 5.37 -16.32
C LYS C 43 42.53 6.09 -15.77
N VAL C 44 42.45 6.19 -14.45
CA VAL C 44 41.34 6.88 -13.79
C VAL C 44 41.40 8.39 -13.97
N VAL C 45 42.58 9.00 -13.81
CA VAL C 45 42.73 10.43 -14.09
C VAL C 45 42.40 10.69 -15.56
N GLU C 46 42.76 9.73 -16.41
CA GLU C 46 42.44 9.78 -17.83
C GLU C 46 40.92 9.79 -18.04
N GLN C 47 40.26 8.74 -17.55
CA GLN C 47 38.82 8.55 -17.70
C GLN C 47 37.98 9.75 -17.25
N TYR C 48 38.44 10.46 -16.23
CA TYR C 48 37.67 11.55 -15.62
C TYR C 48 38.25 12.94 -15.89
N GLN C 49 39.33 13.01 -16.67
CA GLN C 49 39.96 14.27 -17.04
C GLN C 49 40.34 15.13 -15.83
N LEU C 50 41.14 14.55 -14.94
CA LEU C 50 41.46 15.19 -13.66
C LEU C 50 42.77 15.98 -13.67
N ASN C 51 42.75 17.12 -13.00
CA ASN C 51 43.97 17.85 -12.68
C ASN C 51 44.63 17.17 -11.49
N ALA C 52 45.12 15.95 -11.70
CA ALA C 52 45.56 15.09 -10.61
C ALA C 52 46.93 14.41 -10.79
N THR C 53 47.84 14.70 -9.86
CA THR C 53 49.12 14.02 -9.82
C THR C 53 48.92 12.58 -9.32
N VAL C 54 49.41 11.61 -10.09
CA VAL C 54 49.37 10.22 -9.66
C VAL C 54 50.56 9.87 -8.77
N TYR C 55 50.39 10.01 -7.46
CA TYR C 55 51.41 9.56 -6.49
C TYR C 55 51.48 8.03 -6.45
N PRO C 56 52.61 7.47 -5.97
CA PRO C 56 52.77 6.01 -5.89
C PRO C 56 52.36 5.36 -4.56
N ASN C 57 52.03 6.15 -3.53
CA ASN C 57 51.62 5.60 -2.23
C ASN C 57 50.94 6.60 -1.28
N ASP C 58 50.51 6.11 -0.12
CA ASP C 58 49.83 6.95 0.87
C ASP C 58 50.67 8.16 1.26
N ASP C 59 51.76 7.89 1.99
CA ASP C 59 52.68 8.93 2.46
C ASP C 59 53.00 9.96 1.38
N SER C 60 53.36 9.46 0.20
CA SER C 60 53.65 10.27 -0.99
C SER C 60 52.52 11.28 -1.28
N LEU C 61 51.32 10.75 -1.50
CA LEU C 61 50.14 11.59 -1.72
C LEU C 61 49.88 12.40 -0.46
N LEU C 62 50.02 11.74 0.70
CA LEU C 62 49.75 12.39 2.00
C LEU C 62 50.78 13.47 2.34
N ALA C 63 51.92 13.42 1.66
CA ALA C 63 52.97 14.43 1.87
C ALA C 63 52.55 15.77 1.27
N ASP C 64 51.86 15.73 0.14
CA ASP C 64 51.43 16.93 -0.57
C ASP C 64 50.66 17.92 0.32
N GLU C 65 51.11 19.17 0.28
CA GLU C 65 50.50 20.24 1.06
C GLU C 65 49.33 20.87 0.30
N ASN C 66 49.17 20.48 -0.96
CA ASN C 66 48.04 20.92 -1.76
C ASN C 66 46.85 19.95 -1.65
N VAL C 67 46.90 19.06 -0.66
CA VAL C 67 45.81 18.12 -0.38
C VAL C 67 45.26 18.38 1.02
N ASP C 68 43.97 18.69 1.12
CA ASP C 68 43.37 19.07 2.40
C ASP C 68 42.69 17.88 3.09
N ALA C 69 42.33 16.87 2.30
CA ALA C 69 41.52 15.77 2.80
C ALA C 69 41.61 14.60 1.85
N VAL C 70 41.38 13.40 2.38
CA VAL C 70 41.52 12.18 1.59
C VAL C 70 40.31 11.25 1.70
N LEU C 71 40.12 10.44 0.67
CA LEU C 71 39.16 9.36 0.72
C LEU C 71 39.96 8.07 0.75
N VAL C 72 39.69 7.23 1.74
CA VAL C 72 40.34 5.93 1.82
C VAL C 72 39.39 4.89 1.23
N THR C 73 39.69 4.48 0.00
CA THR C 73 38.78 3.64 -0.75
C THR C 73 39.42 2.33 -1.22
N SER C 74 40.56 1.97 -0.63
CA SER C 74 41.28 0.76 -1.01
C SER C 74 40.76 -0.50 -0.32
N TRP C 75 41.45 -1.61 -0.55
CA TRP C 75 41.19 -2.89 0.11
C TRP C 75 40.94 -2.70 1.60
N GLY C 76 39.92 -3.37 2.13
CA GLY C 76 39.54 -3.25 3.53
C GLY C 76 40.68 -3.26 4.53
N PRO C 77 41.50 -4.33 4.52
CA PRO C 77 42.59 -4.44 5.51
C PRO C 77 43.65 -3.34 5.38
N ALA C 78 43.67 -2.64 4.24
CA ALA C 78 44.61 -1.55 4.02
C ALA C 78 44.19 -0.25 4.70
N HIS C 79 42.90 -0.14 5.04
CA HIS C 79 42.32 1.11 5.54
C HIS C 79 42.99 1.69 6.77
N GLU C 80 43.15 0.86 7.79
CA GLU C 80 43.64 1.29 9.10
C GLU C 80 44.95 2.07 8.97
N SER C 81 45.86 1.55 8.15
CA SER C 81 47.15 2.16 7.90
C SER C 81 47.02 3.58 7.36
N SER C 82 46.32 3.69 6.22
CA SER C 82 46.13 4.99 5.56
C SER C 82 45.43 6.01 6.46
N VAL C 83 44.40 5.56 7.18
CA VAL C 83 43.71 6.46 8.10
C VAL C 83 44.67 7.02 9.16
N LEU C 84 45.39 6.14 9.84
CA LEU C 84 46.39 6.55 10.83
C LEU C 84 47.35 7.60 10.25
N LYS C 85 47.93 7.28 9.09
CA LYS C 85 48.85 8.20 8.41
C LYS C 85 48.23 9.57 8.15
N ALA C 86 46.99 9.58 7.64
CA ALA C 86 46.32 10.83 7.31
C ALA C 86 46.02 11.64 8.56
N ILE C 87 45.75 10.95 9.66
CA ILE C 87 45.57 11.65 10.93
C ILE C 87 46.89 12.30 11.39
N LYS C 88 47.99 11.58 11.28
CA LYS C 88 49.31 12.13 11.66
C LYS C 88 49.66 13.31 10.76
N ALA C 89 49.30 13.20 9.48
CA ALA C 89 49.46 14.30 8.54
C ALA C 89 48.43 15.39 8.79
N GLN C 90 47.50 15.11 9.70
CA GLN C 90 46.42 16.04 10.07
C GLN C 90 45.56 16.49 8.89
N LYS C 91 45.29 15.57 7.97
CA LYS C 91 44.33 15.78 6.91
C LYS C 91 42.99 15.17 7.34
N TYR C 92 41.90 15.71 6.82
CA TYR C 92 40.59 15.12 7.06
C TYR C 92 40.49 13.82 6.28
N VAL C 93 39.76 12.84 6.82
CA VAL C 93 39.70 11.57 6.12
C VAL C 93 38.28 11.00 6.06
N PHE C 94 37.87 10.62 4.86
CA PHE C 94 36.62 9.89 4.70
C PHE C 94 36.99 8.44 4.40
N CYS C 95 36.60 7.54 5.31
CA CYS C 95 37.02 6.15 5.17
C CYS C 95 35.84 5.24 4.90
N GLU C 96 35.88 4.58 3.75
CA GLU C 96 34.89 3.56 3.45
C GLU C 96 34.99 2.44 4.47
N LYS C 97 33.88 1.75 4.72
CA LYS C 97 33.92 0.62 5.67
C LYS C 97 34.84 -0.47 5.14
N PRO C 98 35.59 -1.13 6.04
CA PRO C 98 35.59 -0.87 7.48
C PRO C 98 36.62 0.19 7.83
N LEU C 99 36.51 0.75 9.02
CA LEU C 99 37.50 1.70 9.48
C LEU C 99 38.80 0.93 9.68
N ALA C 100 38.67 -0.25 10.26
CA ALA C 100 39.78 -1.20 10.39
C ALA C 100 39.15 -2.57 10.56
N THR C 101 39.92 -3.60 10.27
CA THR C 101 39.42 -4.98 10.35
C THR C 101 39.33 -5.51 11.77
N THR C 102 39.94 -4.81 12.72
CA THR C 102 39.88 -5.21 14.12
C THR C 102 39.41 -4.07 15.01
N ALA C 103 38.86 -4.42 16.17
CA ALA C 103 38.49 -3.41 17.15
C ALA C 103 39.73 -2.71 17.67
N GLU C 104 40.84 -3.46 17.76
CA GLU C 104 42.10 -2.89 18.21
C GLU C 104 42.55 -1.78 17.26
N GLY C 105 42.49 -2.05 15.97
CA GLY C 105 42.83 -1.05 14.97
C GLY C 105 41.92 0.17 14.99
N CYS C 106 40.61 -0.06 15.16
CA CYS C 106 39.68 1.05 15.32
C CYS C 106 40.06 1.86 16.54
N MET C 107 40.41 1.16 17.61
CA MET C 107 40.81 1.81 18.85
C MET C 107 42.05 2.69 18.65
N ARG C 108 42.99 2.20 17.84
CA ARG C 108 44.19 2.98 17.53
C ARG C 108 43.86 4.26 16.76
N ILE C 109 42.87 4.17 15.89
CA ILE C 109 42.46 5.34 15.13
C ILE C 109 41.80 6.32 16.11
N VAL C 110 40.94 5.79 16.97
CA VAL C 110 40.30 6.58 18.00
C VAL C 110 41.33 7.33 18.86
N GLU C 111 42.32 6.60 19.38
CA GLU C 111 43.42 7.19 20.14
C GLU C 111 44.08 8.36 19.42
N GLU C 112 44.55 8.11 18.19
CA GLU C 112 45.20 9.16 17.40
C GLU C 112 44.34 10.41 17.23
N GLU C 113 43.12 10.22 16.74
CA GLU C 113 42.22 11.32 16.51
C GLU C 113 42.05 12.18 17.75
N ILE C 114 41.91 11.52 18.90
CA ILE C 114 41.70 12.26 20.14
C ILE C 114 42.90 13.17 20.47
N LYS C 115 44.09 12.74 20.05
CA LYS C 115 45.30 13.53 20.26
C LYS C 115 45.27 14.80 19.43
N VAL C 116 44.89 14.67 18.16
CA VAL C 116 44.75 15.81 17.26
C VAL C 116 43.72 16.81 17.81
N GLY C 117 42.82 16.33 18.64
CA GLY C 117 41.93 17.20 19.39
C GLY C 117 40.64 17.60 18.69
N LYS C 118 40.49 17.22 17.41
CA LYS C 118 39.25 17.46 16.68
C LYS C 118 38.93 16.33 15.71
N ARG C 119 37.67 16.27 15.26
CA ARG C 119 37.22 15.19 14.40
C ARG C 119 37.71 15.33 12.96
N LEU C 120 38.53 14.37 12.54
CA LEU C 120 39.07 14.34 11.19
C LEU C 120 38.46 13.20 10.40
N VAL C 121 37.98 12.19 11.12
CA VAL C 121 37.58 10.93 10.50
C VAL C 121 36.06 10.80 10.37
N GLN C 122 35.62 10.49 9.16
CA GLN C 122 34.22 10.14 8.93
C GLN C 122 34.18 8.76 8.29
N VAL C 123 33.34 7.87 8.82
CA VAL C 123 33.22 6.53 8.26
C VAL C 123 32.03 6.46 7.30
N GLY C 124 32.18 5.72 6.19
CA GLY C 124 31.20 5.71 5.12
C GLY C 124 29.96 4.86 5.33
N PHE C 125 29.33 4.97 6.50
CA PHE C 125 28.04 4.33 6.74
C PHE C 125 26.91 5.21 6.18
N MET C 126 26.65 5.08 4.88
CA MET C 126 25.77 5.98 4.14
C MET C 126 24.29 5.90 4.55
N ARG C 127 23.88 4.80 5.18
CA ARG C 127 22.47 4.63 5.55
C ARG C 127 21.94 5.75 6.44
N ARG C 128 22.80 6.31 7.30
CA ARG C 128 22.38 7.41 8.16
C ARG C 128 21.99 8.65 7.37
N TYR C 129 22.36 8.70 6.10
CA TYR C 129 22.03 9.85 5.27
C TYR C 129 20.81 9.56 4.39
N ASP C 130 20.29 8.34 4.47
CA ASP C 130 19.15 7.98 3.62
C ASP C 130 17.86 8.62 4.18
N SER C 131 17.04 9.19 3.30
CA SER C 131 15.85 9.93 3.73
C SER C 131 14.88 9.11 4.59
N GLY C 132 14.75 7.83 4.29
CA GLY C 132 13.93 6.94 5.11
C GLY C 132 14.47 6.80 6.55
N TYR C 133 15.76 6.51 6.67
CA TYR C 133 16.31 6.42 8.03
C TYR C 133 16.28 7.78 8.75
N VAL C 134 16.50 8.86 8.00
CA VAL C 134 16.37 10.20 8.59
C VAL C 134 14.98 10.41 9.17
N GLN C 135 13.95 10.04 8.40
CA GLN C 135 12.58 10.16 8.90
C GLN C 135 12.35 9.30 10.13
N LEU C 136 12.86 8.07 10.12
CA LEU C 136 12.69 7.19 11.28
C LEU C 136 13.30 7.87 12.50
N LYS C 137 14.51 8.41 12.34
CA LYS C 137 15.22 9.11 13.41
C LYS C 137 14.41 10.31 13.93
N GLU C 138 13.86 11.10 13.01
CA GLU C 138 13.03 12.24 13.39
C GLU C 138 11.82 11.83 14.20
N ALA C 139 11.13 10.79 13.75
CA ALA C 139 9.93 10.32 14.45
C ALA C 139 10.28 9.87 15.88
N LEU C 140 11.40 9.16 16.02
CA LEU C 140 11.84 8.72 17.34
C LEU C 140 12.15 9.91 18.25
N ASP C 141 13.03 10.79 17.78
CA ASP C 141 13.39 12.01 18.51
C ASP C 141 12.18 12.85 18.90
N ASN C 142 11.15 12.87 18.08
CA ASN C 142 9.94 13.59 18.44
C ASN C 142 8.97 12.74 19.26
N HIS C 143 9.47 11.61 19.76
CA HIS C 143 8.72 10.74 20.67
C HIS C 143 7.38 10.27 20.09
N VAL C 144 7.34 10.08 18.77
CA VAL C 144 6.09 9.70 18.09
C VAL C 144 5.48 8.38 18.61
N ILE C 145 6.33 7.41 18.93
CA ILE C 145 5.86 6.08 19.33
C ILE C 145 6.18 5.69 20.78
N GLY C 146 6.63 6.65 21.58
CA GLY C 146 7.07 6.36 22.93
C GLY C 146 8.45 5.73 22.86
N GLU C 147 8.84 4.99 23.89
CA GLU C 147 10.14 4.33 23.93
C GLU C 147 10.17 3.14 22.97
N PRO C 148 11.27 2.99 22.22
CA PRO C 148 11.46 1.82 21.37
C PRO C 148 11.58 0.57 22.23
N LEU C 149 10.88 -0.51 21.88
CA LEU C 149 10.97 -1.77 22.60
C LEU C 149 11.64 -2.86 21.77
N MET C 150 11.27 -2.97 20.49
CA MET C 150 11.79 -4.00 19.60
C MET C 150 12.06 -3.47 18.20
N ILE C 151 13.03 -4.06 17.52
CA ILE C 151 13.31 -3.76 16.12
C ILE C 151 13.35 -5.04 15.30
N HIS C 152 12.56 -5.09 14.24
CA HIS C 152 12.58 -6.21 13.30
C HIS C 152 13.14 -5.77 11.97
N CYS C 153 14.23 -6.40 11.54
CA CYS C 153 14.76 -6.01 10.24
C CYS C 153 15.23 -7.16 9.39
N ALA C 154 15.39 -6.85 8.12
CA ALA C 154 15.81 -7.83 7.14
C ALA C 154 16.76 -7.17 6.18
N HIS C 155 17.82 -7.90 5.84
CA HIS C 155 18.75 -7.43 4.84
C HIS C 155 18.82 -8.61 3.87
N ARG C 156 18.30 -8.42 2.67
CA ARG C 156 18.16 -9.51 1.72
C ARG C 156 18.86 -9.18 0.42
N ASN C 157 19.45 -10.21 -0.19
CA ASN C 157 20.18 -10.03 -1.43
C ASN C 157 19.80 -11.17 -2.37
N PRO C 158 19.69 -10.89 -3.68
CA PRO C 158 19.24 -11.94 -4.59
C PRO C 158 20.19 -13.13 -4.67
N THR C 159 21.50 -12.89 -4.80
CA THR C 159 22.49 -13.97 -4.85
C THR C 159 23.88 -13.41 -4.59
N VAL C 160 24.78 -14.23 -4.03
CA VAL C 160 26.16 -13.81 -3.82
C VAL C 160 27.15 -14.67 -4.61
N GLY C 161 28.36 -14.16 -4.83
CA GLY C 161 29.39 -14.89 -5.56
C GLY C 161 29.94 -16.09 -4.79
N ASP C 162 30.83 -16.84 -5.44
CA ASP C 162 31.48 -18.05 -4.87
C ASP C 162 32.14 -17.78 -3.52
N ASN C 163 32.76 -16.62 -3.40
CA ASN C 163 33.69 -16.36 -2.31
C ASN C 163 33.05 -15.70 -1.09
N TYR C 164 31.78 -15.37 -1.19
CA TYR C 164 31.04 -14.87 -0.05
C TYR C 164 30.94 -15.99 0.99
N THR C 165 31.32 -15.68 2.23
CA THR C 165 31.41 -16.69 3.28
C THR C 165 30.55 -16.30 4.44
N THR C 166 30.29 -17.28 5.31
CA THR C 166 29.40 -17.15 6.45
C THR C 166 29.64 -15.94 7.35
N ASP C 167 30.91 -15.66 7.64
CA ASP C 167 31.26 -14.49 8.44
C ASP C 167 30.90 -13.16 7.74
N MET C 168 30.95 -13.13 6.40
CA MET C 168 30.60 -11.93 5.64
C MET C 168 29.14 -11.55 5.83
N ALA C 169 28.31 -12.51 6.23
CA ALA C 169 26.90 -12.23 6.46
C ALA C 169 26.79 -11.16 7.52
N VAL C 170 27.68 -11.20 8.51
CA VAL C 170 27.66 -10.17 9.54
C VAL C 170 28.66 -9.04 9.27
N VAL C 171 29.86 -9.40 8.81
CA VAL C 171 30.95 -8.44 8.65
C VAL C 171 30.75 -7.43 7.49
N ASP C 172 30.30 -7.91 6.33
CA ASP C 172 30.09 -7.04 5.18
C ASP C 172 28.62 -6.67 4.98
N THR C 173 27.72 -7.45 5.54
CA THR C 173 26.30 -7.27 5.25
C THR C 173 25.57 -6.60 6.42
N LEU C 174 25.49 -7.30 7.56
CA LEU C 174 24.78 -6.80 8.75
C LEU C 174 25.42 -5.57 9.41
N VAL C 175 26.68 -5.32 9.10
CA VAL C 175 27.41 -4.21 9.69
C VAL C 175 26.64 -2.88 9.47
N HIS C 176 25.98 -2.77 8.32
CA HIS C 176 25.16 -1.58 8.01
C HIS C 176 24.02 -1.41 9.02
N GLU C 177 23.33 -2.51 9.30
CA GLU C 177 22.27 -2.52 10.31
C GLU C 177 22.83 -2.20 11.69
N ILE C 178 23.94 -2.85 11.99
CA ILE C 178 24.63 -2.68 13.26
C ILE C 178 24.99 -1.21 13.48
N ASP C 179 25.57 -0.54 12.50
CA ASP C 179 25.82 0.88 12.65
C ASP C 179 24.53 1.72 12.77
N VAL C 180 23.54 1.45 11.91
CA VAL C 180 22.40 2.37 11.88
C VAL C 180 21.44 2.23 13.06
N LEU C 181 21.31 1.03 13.62
CA LEU C 181 20.32 0.84 14.66
C LEU C 181 20.65 1.55 15.99
N HIS C 182 21.90 1.45 16.43
CA HIS C 182 22.27 2.07 17.71
C HIS C 182 22.17 3.59 17.59
N TRP C 183 22.54 4.12 16.44
CA TRP C 183 22.33 5.52 16.12
C TRP C 183 20.85 5.93 16.24
N LEU C 184 19.94 5.11 15.71
CA LEU C 184 18.51 5.45 15.73
C LEU C 184 17.93 5.53 17.13
N VAL C 185 18.16 4.48 17.91
CA VAL C 185 17.56 4.37 19.23
C VAL C 185 18.47 4.86 20.37
N ASN C 186 19.68 5.27 20.03
CA ASN C 186 20.62 5.85 20.98
C ASN C 186 20.80 4.97 22.21
N ASP C 187 21.36 3.80 21.99
CA ASP C 187 21.49 2.80 23.04
C ASP C 187 22.60 1.88 22.58
N ASP C 188 23.23 1.19 23.53
CA ASP C 188 24.38 0.37 23.17
C ASP C 188 24.06 -1.12 23.22
N TYR C 189 24.70 -1.86 22.33
CA TYR C 189 24.53 -3.32 22.25
C TYR C 189 25.16 -3.99 23.46
N GLU C 190 24.57 -5.11 23.89
CA GLU C 190 25.02 -5.81 25.09
C GLU C 190 25.32 -7.27 24.78
N SER C 191 24.38 -7.93 24.10
CA SER C 191 24.52 -9.36 23.77
C SER C 191 24.01 -9.70 22.38
N VAL C 192 24.62 -10.70 21.75
CA VAL C 192 24.17 -11.19 20.45
C VAL C 192 23.98 -12.70 20.45
N GLN C 193 23.09 -13.20 19.61
CA GLN C 193 22.90 -14.63 19.41
C GLN C 193 22.56 -14.90 17.94
N VAL C 194 23.06 -16.00 17.39
CA VAL C 194 22.80 -16.35 15.99
C VAL C 194 22.06 -17.68 15.88
N ILE C 195 20.92 -17.67 15.18
CA ILE C 195 20.14 -18.89 14.95
C ILE C 195 20.16 -19.22 13.46
N TYR C 196 20.40 -20.48 13.13
CA TYR C 196 20.38 -20.89 11.71
C TYR C 196 19.12 -21.67 11.36
N PRO C 197 18.31 -21.11 10.45
CA PRO C 197 17.22 -21.88 9.83
C PRO C 197 17.86 -22.90 8.90
N LYS C 198 17.09 -23.85 8.41
CA LYS C 198 17.57 -24.77 7.39
C LYS C 198 18.19 -23.96 6.25
N LYS C 199 19.18 -24.55 5.59
CA LYS C 199 19.91 -23.86 4.55
C LYS C 199 19.07 -23.77 3.30
N SER C 200 19.08 -22.59 2.68
CA SER C 200 18.39 -22.39 1.43
C SER C 200 19.11 -23.11 0.28
N LYS C 201 18.32 -23.72 -0.60
CA LYS C 201 18.83 -24.36 -1.82
C LYS C 201 19.68 -23.41 -2.66
N ASN C 202 19.48 -22.10 -2.49
CA ASN C 202 20.16 -21.13 -3.35
C ASN C 202 21.54 -20.79 -2.82
N ALA C 203 21.85 -21.32 -1.64
CA ALA C 203 23.13 -21.03 -1.00
C ALA C 203 24.14 -22.15 -1.30
N LEU C 204 25.40 -21.78 -1.56
CA LEU C 204 26.44 -22.79 -1.78
C LEU C 204 26.75 -23.58 -0.50
N PRO C 205 27.22 -24.84 -0.64
CA PRO C 205 27.42 -25.72 0.53
C PRO C 205 28.31 -25.14 1.64
N HIS C 206 29.26 -24.29 1.29
CA HIS C 206 30.14 -23.72 2.28
C HIS C 206 29.50 -22.60 3.07
N LEU C 207 28.42 -22.03 2.54
CA LEU C 207 27.78 -20.84 3.13
C LEU C 207 26.53 -21.16 3.98
N LYS C 208 26.50 -20.63 5.20
CA LYS C 208 25.30 -20.73 6.02
C LYS C 208 24.39 -19.52 5.77
N ASP C 209 23.26 -19.79 5.11
CA ASP C 209 22.34 -18.75 4.63
C ASP C 209 20.97 -19.42 4.48
N PRO C 210 19.91 -18.84 5.06
CA PRO C 210 19.88 -17.56 5.78
C PRO C 210 20.36 -17.70 7.20
N GLN C 211 20.38 -16.58 7.92
CA GLN C 211 20.55 -16.59 9.37
C GLN C 211 19.75 -15.50 10.08
N ILE C 212 19.46 -15.76 11.34
CA ILE C 212 18.78 -14.80 12.20
C ILE C 212 19.72 -14.39 13.32
N VAL C 213 19.89 -13.08 13.49
CA VAL C 213 20.76 -12.52 14.50
C VAL C 213 19.90 -11.76 15.49
N VAL C 214 19.96 -12.17 16.76
CA VAL C 214 19.20 -11.47 17.80
C VAL C 214 20.17 -10.63 18.62
N ILE C 215 19.87 -9.34 18.78
CA ILE C 215 20.75 -8.42 19.50
C ILE C 215 19.95 -7.70 20.58
N GLU C 216 20.50 -7.61 21.79
CA GLU C 216 19.86 -6.87 22.87
C GLU C 216 20.72 -5.67 23.21
N THR C 217 20.06 -4.54 23.45
CA THR C 217 20.75 -3.33 23.90
C THR C 217 20.75 -3.26 25.43
N LYS C 218 21.65 -2.46 26.00
CA LYS C 218 21.70 -2.28 27.46
C LYS C 218 20.36 -1.78 28.00
N GLY C 219 19.68 -0.94 27.22
CA GLY C 219 18.36 -0.47 27.58
C GLY C 219 17.32 -1.57 27.54
N GLY C 220 17.65 -2.71 26.93
CA GLY C 220 16.72 -3.83 26.85
C GLY C 220 15.88 -3.84 25.57
N ILE C 221 16.40 -3.23 24.51
CA ILE C 221 15.74 -3.28 23.20
C ILE C 221 16.21 -4.56 22.52
N VAL C 222 15.28 -5.33 21.98
CA VAL C 222 15.64 -6.55 21.30
C VAL C 222 15.47 -6.35 19.81
N ILE C 223 16.54 -6.66 19.07
CA ILE C 223 16.53 -6.56 17.63
C ILE C 223 16.62 -7.98 17.09
N ASN C 224 15.72 -8.35 16.19
CA ASN C 224 15.96 -9.56 15.39
C ASN C 224 16.14 -9.20 13.93
N ALA C 225 17.27 -9.60 13.40
CA ALA C 225 17.65 -9.26 12.05
C ALA C 225 17.75 -10.51 11.23
N GLU C 226 17.01 -10.56 10.13
CA GLU C 226 17.13 -11.66 9.20
C GLU C 226 18.17 -11.28 8.18
N ILE C 227 19.10 -12.19 7.88
CA ILE C 227 20.07 -11.97 6.82
C ILE C 227 19.85 -13.10 5.84
N TYR C 228 19.62 -12.78 4.57
CA TYR C 228 19.35 -13.82 3.60
C TYR C 228 19.88 -13.35 2.25
N VAL C 229 21.08 -13.82 1.91
CA VAL C 229 21.81 -13.22 0.79
C VAL C 229 21.59 -13.96 -0.53
N ASN C 230 20.83 -15.03 -0.49
CA ASN C 230 20.45 -15.73 -1.72
C ASN C 230 18.92 -15.83 -1.85
N CYS C 231 18.21 -14.72 -1.60
CA CYS C 231 16.75 -14.76 -1.54
C CYS C 231 16.11 -14.86 -2.93
N LYS C 232 16.93 -14.63 -3.96
CA LYS C 232 16.55 -14.74 -5.37
C LYS C 232 15.62 -13.62 -5.89
N TYR C 233 14.64 -13.20 -5.10
CA TYR C 233 13.63 -12.25 -5.60
C TYR C 233 14.11 -10.82 -5.80
N GLY C 234 15.11 -10.40 -5.01
CA GLY C 234 15.61 -9.04 -5.14
C GLY C 234 16.55 -8.60 -4.03
N TYR C 235 16.99 -7.35 -4.10
CA TYR C 235 17.73 -6.75 -3.00
C TYR C 235 16.70 -6.01 -2.15
N ASP C 236 16.71 -6.25 -0.85
CA ASP C 236 15.59 -5.80 -0.02
C ASP C 236 16.00 -5.45 1.41
N ILE C 237 15.84 -4.19 1.77
CA ILE C 237 16.12 -3.73 3.13
C ILE C 237 14.79 -3.41 3.81
N GLN C 238 14.50 -4.09 4.92
CA GLN C 238 13.26 -3.84 5.66
C GLN C 238 13.60 -3.54 7.11
N CYS C 239 12.93 -2.56 7.69
CA CYS C 239 13.22 -2.18 9.08
C CYS C 239 12.00 -1.62 9.79
N GLU C 240 11.62 -2.28 10.88
CA GLU C 240 10.42 -1.91 11.60
C GLU C 240 10.76 -1.70 13.07
N ILE C 241 10.42 -0.51 13.59
CA ILE C 241 10.66 -0.21 14.99
C ILE C 241 9.36 -0.22 15.81
N VAL C 242 9.29 -1.10 16.80
CA VAL C 242 8.10 -1.23 17.61
C VAL C 242 8.27 -0.47 18.91
N GLY C 243 7.42 0.52 19.14
CA GLY C 243 7.55 1.33 20.33
C GLY C 243 6.38 1.10 21.25
N GLU C 244 6.37 1.80 22.38
CA GLU C 244 5.34 1.63 23.38
C GLU C 244 3.95 1.93 22.83
N ASP C 245 3.83 3.03 22.10
CA ASP C 245 2.50 3.52 21.71
C ASP C 245 2.22 3.43 20.20
N GLY C 246 3.21 2.97 19.43
CA GLY C 246 3.03 2.84 18.00
C GLY C 246 4.24 2.21 17.33
N ILE C 247 4.17 2.08 16.00
CA ILE C 247 5.20 1.40 15.21
C ILE C 247 5.52 2.20 13.95
N ILE C 248 6.80 2.41 13.68
CA ILE C 248 7.24 3.05 12.45
C ILE C 248 8.04 2.06 11.61
N LYS C 249 7.97 2.23 10.29
CA LYS C 249 8.60 1.30 9.36
C LYS C 249 9.24 1.99 8.16
N LEU C 250 10.45 1.57 7.80
CA LEU C 250 11.15 2.08 6.61
C LEU C 250 10.28 1.83 5.37
N PRO C 251 10.24 2.81 4.44
CA PRO C 251 9.42 2.64 3.23
C PRO C 251 10.15 1.84 2.17
N GLU C 252 9.41 1.33 1.19
CA GLU C 252 9.95 0.71 -0.01
C GLU C 252 10.56 1.81 -0.86
N PRO C 253 11.60 1.48 -1.66
CA PRO C 253 12.09 2.46 -2.63
C PRO C 253 10.99 2.82 -3.62
N SER C 254 11.01 4.04 -4.11
CA SER C 254 9.95 4.53 -4.98
C SER C 254 9.84 3.70 -6.26
N SER C 255 8.60 3.33 -6.62
CA SER C 255 8.34 2.62 -7.87
C SER C 255 6.95 2.96 -8.37
N ILE C 256 6.79 3.06 -9.68
CA ILE C 256 5.43 3.16 -10.24
C ILE C 256 4.73 1.84 -9.95
N SER C 257 3.41 1.83 -9.94
CA SER C 257 2.70 0.58 -9.78
C SER C 257 2.13 0.16 -11.12
N LEU C 258 1.79 -1.12 -11.22
CA LEU C 258 1.38 -1.70 -12.48
C LEU C 258 0.25 -2.66 -12.20
N ARG C 259 -0.85 -2.51 -12.94
CA ARG C 259 -1.89 -3.54 -12.96
C ARG C 259 -1.74 -4.25 -14.30
N LYS C 260 -1.55 -5.57 -14.28
CA LYS C 260 -1.30 -6.30 -15.52
C LYS C 260 -1.39 -7.78 -15.23
N GLU C 261 -2.09 -8.51 -16.10
CA GLU C 261 -2.14 -9.96 -16.01
C GLU C 261 -2.45 -10.47 -14.61
N GLY C 262 -3.52 -9.96 -14.00
CA GLY C 262 -3.99 -10.50 -12.74
C GLY C 262 -3.22 -10.10 -11.49
N ARG C 263 -2.27 -9.17 -11.61
CA ARG C 263 -1.46 -8.73 -10.47
C ARG C 263 -1.36 -7.21 -10.38
N PHE C 264 -1.36 -6.69 -9.16
CA PHE C 264 -1.11 -5.27 -8.88
C PHE C 264 0.27 -5.28 -8.25
N SER C 265 1.24 -4.57 -8.81
CA SER C 265 2.63 -4.73 -8.36
C SER C 265 3.48 -3.48 -8.46
N THR C 266 4.54 -3.45 -7.65
CA THR C 266 5.62 -2.46 -7.74
C THR C 266 6.95 -3.19 -7.91
N ASP C 267 7.98 -2.48 -8.39
CA ASP C 267 9.30 -3.08 -8.57
C ASP C 267 10.04 -3.32 -7.26
N ILE C 268 10.81 -4.40 -7.21
CA ILE C 268 11.79 -4.58 -6.16
C ILE C 268 13.15 -4.47 -6.84
N LEU C 269 14.04 -3.64 -6.28
CA LEU C 269 15.39 -3.51 -6.84
C LEU C 269 16.10 -4.87 -6.86
N MET C 270 16.87 -5.12 -7.93
CA MET C 270 17.71 -6.30 -8.03
C MET C 270 19.16 -5.96 -7.65
N ASP C 271 19.52 -4.68 -7.74
CA ASP C 271 20.91 -4.24 -7.64
C ASP C 271 21.14 -3.36 -6.40
N TRP C 272 21.99 -3.83 -5.49
CA TRP C 272 22.29 -3.08 -4.27
C TRP C 272 22.77 -1.64 -4.51
N GLN C 273 23.37 -1.41 -5.67
CA GLN C 273 23.95 -0.11 -6.00
C GLN C 273 22.91 0.97 -6.30
N ARG C 274 21.67 0.56 -6.52
CA ARG C 274 20.59 1.51 -6.76
C ARG C 274 19.82 1.89 -5.50
N ARG C 275 20.06 1.16 -4.41
CA ARG C 275 19.25 1.32 -3.20
C ARG C 275 19.57 2.61 -2.47
N PHE C 276 20.86 2.93 -2.37
CA PHE C 276 21.28 4.06 -1.54
C PHE C 276 22.08 5.14 -2.28
N VAL C 277 21.91 5.21 -3.59
CA VAL C 277 22.68 6.14 -4.42
C VAL C 277 22.61 7.61 -3.96
N ALA C 278 21.43 8.04 -3.52
CA ALA C 278 21.30 9.41 -3.05
C ALA C 278 22.07 9.61 -1.75
N ALA C 279 21.99 8.62 -0.87
CA ALA C 279 22.68 8.66 0.42
C ALA C 279 24.19 8.88 0.26
N TYR C 280 24.80 8.18 -0.70
CA TYR C 280 26.23 8.33 -0.97
C TYR C 280 26.59 9.75 -1.39
N ASP C 281 25.71 10.36 -2.18
CA ASP C 281 25.93 11.73 -2.62
C ASP C 281 25.83 12.67 -1.43
N VAL C 282 24.84 12.41 -0.58
CA VAL C 282 24.62 13.26 0.58
C VAL C 282 25.79 13.16 1.58
N GLU C 283 26.27 11.94 1.85
CA GLU C 283 27.34 11.78 2.84
C GLU C 283 28.63 12.48 2.43
N ILE C 284 28.99 12.36 1.15
CA ILE C 284 30.18 13.04 0.63
C ILE C 284 30.02 14.56 0.63
N GLN C 285 28.83 15.04 0.26
CA GLN C 285 28.55 16.48 0.27
C GLN C 285 28.66 17.02 1.68
N ASP C 286 28.18 16.23 2.64
CA ASP C 286 28.20 16.63 4.04
C ASP C 286 29.66 16.63 4.57
N PHE C 287 30.46 15.69 4.09
CA PHE C 287 31.89 15.64 4.39
C PHE C 287 32.50 16.98 4.00
N ILE C 288 32.35 17.32 2.72
CA ILE C 288 32.84 18.56 2.14
C ILE C 288 32.32 19.81 2.86
N ASP C 289 31.02 19.87 3.11
CA ASP C 289 30.43 21.06 3.68
C ASP C 289 30.82 21.24 5.14
N SER C 290 30.83 20.13 5.89
CA SER C 290 31.22 20.16 7.30
C SER C 290 32.60 20.77 7.47
N ILE C 291 33.54 20.33 6.66
CA ILE C 291 34.91 20.82 6.70
C ILE C 291 34.96 22.33 6.42
N GLN C 292 34.34 22.74 5.31
CA GLN C 292 34.35 24.15 4.88
C GLN C 292 33.65 25.13 5.83
N LYS C 293 32.90 24.61 6.79
CA LYS C 293 32.09 25.44 7.67
C LYS C 293 32.48 25.33 9.13
N LYS C 294 32.98 24.16 9.51
CA LYS C 294 33.16 23.81 10.92
C LYS C 294 34.62 23.45 11.23
N GLY C 295 35.44 23.27 10.19
CA GLY C 295 36.81 22.86 10.36
C GLY C 295 36.94 21.43 10.86
N GLU C 296 35.85 20.67 10.76
CA GLU C 296 35.85 19.26 11.15
C GLU C 296 34.68 18.52 10.51
N VAL C 297 34.76 17.19 10.49
CA VAL C 297 33.72 16.36 9.89
C VAL C 297 32.56 16.11 10.84
N SER C 298 31.43 15.65 10.29
CA SER C 298 30.19 15.56 11.04
C SER C 298 29.49 14.21 11.07
N GLY C 299 29.90 13.28 10.21
CA GLY C 299 29.14 12.05 10.07
C GLY C 299 29.37 11.00 11.15
N PRO C 300 29.17 9.73 10.79
CA PRO C 300 29.56 8.62 11.68
C PRO C 300 31.05 8.75 12.02
N THR C 301 31.37 8.52 13.29
CA THR C 301 32.69 8.83 13.86
C THR C 301 33.57 7.61 13.94
N ALA C 302 34.86 7.83 14.26
CA ALA C 302 35.79 6.73 14.51
C ALA C 302 35.26 5.79 15.58
N TRP C 303 34.61 6.35 16.60
CA TRP C 303 33.96 5.52 17.62
C TRP C 303 32.88 4.62 17.02
N ASP C 304 32.05 5.16 16.12
CA ASP C 304 31.04 4.34 15.44
C ASP C 304 31.69 3.18 14.68
N GLY C 305 32.85 3.44 14.07
CA GLY C 305 33.61 2.38 13.43
C GLY C 305 34.01 1.31 14.44
N TYR C 306 34.43 1.76 15.62
CA TYR C 306 34.82 0.85 16.70
C TYR C 306 33.62 0.03 17.19
N ILE C 307 32.48 0.68 17.38
CA ILE C 307 31.27 0.01 17.85
C ILE C 307 30.89 -1.12 16.88
N ALA C 308 31.00 -0.82 15.60
CA ALA C 308 30.70 -1.80 14.56
C ALA C 308 31.68 -2.97 14.62
N ALA C 309 32.97 -2.65 14.65
CA ALA C 309 34.06 -3.64 14.71
C ALA C 309 33.87 -4.64 15.86
N VAL C 310 33.57 -4.12 17.05
CA VAL C 310 33.32 -4.93 18.22
C VAL C 310 32.04 -5.75 18.09
N THR C 311 30.98 -5.12 17.59
CA THR C 311 29.72 -5.82 17.44
C THR C 311 29.81 -6.94 16.40
N THR C 312 30.43 -6.67 15.25
CA THR C 312 30.62 -7.72 14.26
C THR C 312 31.44 -8.89 14.81
N ASP C 313 32.44 -8.60 15.63
CA ASP C 313 33.27 -9.67 16.22
C ASP C 313 32.42 -10.58 17.09
N ALA C 314 31.65 -10.00 17.98
CA ALA C 314 30.76 -10.79 18.82
C ALA C 314 29.81 -11.64 17.98
N CYS C 315 29.28 -11.06 16.89
CA CYS C 315 28.40 -11.80 15.99
C CYS C 315 29.06 -13.02 15.36
N VAL C 316 30.28 -12.85 14.86
CA VAL C 316 31.03 -13.96 14.28
C VAL C 316 31.28 -15.04 15.35
N LYS C 317 31.53 -14.60 16.58
CA LYS C 317 31.75 -15.53 17.68
C LYS C 317 30.45 -16.27 17.96
N ALA C 318 29.33 -15.55 17.84
CA ALA C 318 28.02 -16.13 18.04
C ALA C 318 27.69 -17.13 16.94
N GLN C 319 28.17 -16.83 15.73
CA GLN C 319 28.02 -17.74 14.60
C GLN C 319 28.71 -19.07 14.89
N GLU C 320 29.88 -18.98 15.50
CA GLU C 320 30.72 -20.15 15.76
C GLU C 320 30.20 -20.96 16.94
N SER C 321 29.90 -20.26 18.05
CA SER C 321 29.60 -20.92 19.30
C SER C 321 28.14 -21.36 19.40
N GLY C 322 27.28 -20.75 18.61
CA GLY C 322 25.86 -21.07 18.69
C GLY C 322 25.26 -20.65 20.01
N GLN C 323 26.02 -19.86 20.77
CA GLN C 323 25.59 -19.42 22.09
C GLN C 323 25.44 -17.90 22.14
N LYS C 324 24.71 -17.42 23.14
CA LYS C 324 24.61 -16.00 23.43
C LYS C 324 25.97 -15.41 23.83
N GLU C 325 26.47 -14.46 23.03
CA GLU C 325 27.78 -13.83 23.29
C GLU C 325 27.67 -12.38 23.76
N LYS C 326 28.53 -11.99 24.69
CA LYS C 326 28.59 -10.61 25.16
C LYS C 326 29.23 -9.69 24.13
N VAL C 327 28.76 -8.44 24.07
CA VAL C 327 29.40 -7.42 23.24
C VAL C 327 30.30 -6.56 24.11
N GLU C 328 31.61 -6.69 23.91
CA GLU C 328 32.57 -6.05 24.81
C GLU C 328 32.80 -4.58 24.45
N LEU C 329 31.96 -3.69 24.97
CA LEU C 329 32.06 -2.27 24.61
C LEU C 329 32.66 -1.40 25.71
N LYS C 330 33.78 -0.74 25.41
CA LYS C 330 34.30 0.29 26.29
C LYS C 330 33.27 1.41 26.38
N GLU C 331 33.21 2.09 27.51
CA GLU C 331 32.36 3.27 27.64
C GLU C 331 32.82 4.32 26.63
N LYS C 332 31.86 5.09 26.13
CA LYS C 332 32.14 6.08 25.11
C LYS C 332 32.96 7.24 25.66
N PRO C 333 34.07 7.57 24.99
CA PRO C 333 34.91 8.71 25.38
C PRO C 333 34.13 10.03 25.37
N GLU C 334 34.57 10.97 26.20
CA GLU C 334 33.99 12.31 26.25
C GLU C 334 34.09 13.01 24.89
N PHE C 335 35.20 12.77 24.20
CA PHE C 335 35.49 13.43 22.94
C PHE C 335 34.43 13.17 21.85
N TYR C 336 33.70 12.08 21.99
CA TYR C 336 32.65 11.74 21.03
C TYR C 336 31.25 11.90 21.60
N GLN C 337 31.15 12.43 22.81
CA GLN C 337 29.87 12.45 23.52
C GLN C 337 28.93 13.52 22.99
N MET D 1 -32.98 -33.53 9.96
CA MET D 1 -33.00 -32.35 9.10
C MET D 1 -32.06 -31.25 9.63
N SER D 2 -32.50 -30.54 10.67
CA SER D 2 -31.61 -29.60 11.35
C SER D 2 -30.75 -30.32 12.39
N LEU D 3 -29.48 -29.94 12.47
CA LEU D 3 -28.60 -30.43 13.53
C LEU D 3 -29.01 -29.74 14.84
N ARG D 4 -29.35 -30.55 15.83
CA ARG D 4 -29.85 -30.04 17.11
C ARG D 4 -28.69 -29.86 18.07
N ILE D 5 -28.41 -28.61 18.43
CA ILE D 5 -27.16 -28.29 19.12
C ILE D 5 -27.47 -27.83 20.54
N GLY D 6 -26.70 -28.36 21.50
CA GLY D 6 -26.74 -27.87 22.87
C GLY D 6 -25.51 -27.02 23.14
N VAL D 7 -25.67 -25.99 23.95
CA VAL D 7 -24.55 -25.12 24.28
C VAL D 7 -24.22 -25.19 25.76
N ILE D 8 -22.97 -25.51 26.07
CA ILE D 8 -22.53 -25.54 27.46
C ILE D 8 -21.76 -24.26 27.78
N GLY D 9 -22.36 -23.39 28.57
CA GLY D 9 -21.78 -22.11 28.92
C GLY D 9 -22.35 -20.99 28.08
N THR D 10 -23.19 -20.15 28.68
CA THR D 10 -23.74 -19.02 27.94
C THR D 10 -23.04 -17.72 28.32
N GLY D 11 -21.71 -17.73 28.24
CA GLY D 11 -20.92 -16.53 28.39
C GLY D 11 -20.95 -15.73 27.10
N LYS D 12 -19.91 -14.93 26.88
CA LYS D 12 -19.87 -14.05 25.72
C LYS D 12 -19.72 -14.80 24.41
N ILE D 13 -18.76 -15.73 24.36
CA ILE D 13 -18.53 -16.50 23.14
C ILE D 13 -19.71 -17.44 22.87
N GLY D 14 -20.26 -18.02 23.94
CA GLY D 14 -21.41 -18.89 23.81
C GLY D 14 -22.57 -18.16 23.14
N LYS D 15 -22.79 -16.93 23.59
CA LYS D 15 -23.85 -16.09 23.05
C LYS D 15 -23.64 -15.82 21.56
N GLU D 16 -22.40 -15.52 21.18
CA GLU D 16 -22.06 -15.24 19.79
C GLU D 16 -22.36 -16.45 18.91
N HIS D 17 -21.98 -17.63 19.38
CA HIS D 17 -22.22 -18.84 18.60
C HIS D 17 -23.69 -19.13 18.46
N ILE D 18 -24.44 -18.92 19.55
CA ILE D 18 -25.88 -19.09 19.49
C ILE D 18 -26.45 -18.12 18.46
N ASN D 19 -25.87 -16.93 18.39
CA ASN D 19 -26.38 -15.92 17.48
C ASN D 19 -26.18 -16.33 16.02
N ARG D 20 -24.97 -16.78 15.70
CA ARG D 20 -24.68 -17.15 14.31
C ARG D 20 -25.49 -18.37 13.90
N ILE D 21 -25.62 -19.33 14.80
CA ILE D 21 -26.39 -20.54 14.50
C ILE D 21 -27.86 -20.22 14.29
N THR D 22 -28.40 -19.36 15.14
CA THR D 22 -29.82 -19.03 15.08
C THR D 22 -30.14 -18.05 13.95
N ASN D 23 -29.25 -17.10 13.69
CA ASN D 23 -29.57 -16.00 12.77
C ASN D 23 -28.74 -15.87 11.50
N LYS D 24 -27.65 -16.62 11.38
CA LYS D 24 -26.76 -16.41 10.24
C LYS D 24 -26.49 -17.67 9.41
N LEU D 25 -26.36 -18.82 10.07
CA LEU D 25 -25.90 -20.02 9.39
C LEU D 25 -27.03 -20.97 8.99
N SER D 26 -26.65 -22.02 8.26
CA SER D 26 -27.58 -22.97 7.68
C SER D 26 -27.52 -24.31 8.40
N GLY D 27 -28.69 -24.89 8.64
CA GLY D 27 -28.77 -26.31 8.93
C GLY D 27 -28.72 -26.78 10.37
N ALA D 28 -28.83 -25.86 11.32
CA ALA D 28 -28.76 -26.26 12.73
C ALA D 28 -29.64 -25.35 13.58
N GLU D 29 -29.95 -25.78 14.79
CA GLU D 29 -30.61 -24.90 15.75
C GLU D 29 -30.21 -25.23 17.19
N ILE D 30 -30.33 -24.22 18.05
CA ILE D 30 -30.03 -24.39 19.46
C ILE D 30 -31.27 -24.98 20.12
N VAL D 31 -31.14 -26.15 20.73
CA VAL D 31 -32.30 -26.81 21.37
C VAL D 31 -32.12 -26.97 22.88
N ALA D 32 -30.93 -26.67 23.37
CA ALA D 32 -30.62 -26.86 24.78
C ALA D 32 -29.47 -25.97 25.16
N VAL D 33 -29.55 -25.37 26.35
CA VAL D 33 -28.40 -24.64 26.90
C VAL D 33 -28.22 -24.93 28.37
N THR D 34 -26.99 -24.77 28.84
CA THR D 34 -26.71 -24.84 30.27
C THR D 34 -25.55 -23.92 30.63
N SER D 35 -25.53 -23.47 31.87
CA SER D 35 -24.56 -22.51 32.37
C SER D 35 -24.58 -22.54 33.89
N VAL D 36 -23.44 -22.24 34.51
CA VAL D 36 -23.40 -22.07 35.96
C VAL D 36 -24.41 -21.02 36.40
N ASN D 37 -24.55 -19.97 35.59
CA ASN D 37 -25.57 -18.95 35.83
C ASN D 37 -26.89 -19.30 35.14
N GLN D 38 -27.85 -19.78 35.94
CA GLN D 38 -29.15 -20.22 35.43
C GLN D 38 -29.98 -19.09 34.85
N GLU D 39 -30.00 -17.95 35.52
CA GLU D 39 -30.78 -16.80 35.07
C GLU D 39 -30.25 -16.27 33.74
N ALA D 40 -28.92 -16.17 33.65
CA ALA D 40 -28.26 -15.77 32.41
C ALA D 40 -28.67 -16.71 31.28
N ALA D 41 -28.56 -18.01 31.54
CA ALA D 41 -28.94 -19.02 30.55
C ALA D 41 -30.40 -18.85 30.08
N GLN D 42 -31.33 -18.77 31.02
CA GLN D 42 -32.75 -18.61 30.64
C GLN D 42 -32.96 -17.28 29.91
N LYS D 43 -32.18 -16.28 30.29
CA LYS D 43 -32.26 -14.96 29.65
C LYS D 43 -31.71 -14.99 28.22
N VAL D 44 -30.75 -15.88 27.97
CA VAL D 44 -30.22 -16.08 26.61
C VAL D 44 -31.29 -16.69 25.70
N VAL D 45 -32.00 -17.68 26.23
CA VAL D 45 -33.12 -18.32 25.54
C VAL D 45 -34.23 -17.32 25.17
N GLU D 46 -34.53 -16.40 26.09
CA GLU D 46 -35.49 -15.34 25.78
C GLU D 46 -34.91 -14.40 24.74
N GLN D 47 -33.71 -13.90 25.01
CA GLN D 47 -33.03 -12.92 24.16
C GLN D 47 -32.97 -13.34 22.69
N TYR D 48 -32.59 -14.60 22.44
CA TYR D 48 -32.53 -15.09 21.06
C TYR D 48 -33.81 -15.81 20.65
N GLN D 49 -34.80 -15.76 21.53
CA GLN D 49 -36.10 -16.39 21.27
C GLN D 49 -35.93 -17.84 20.78
N LEU D 50 -35.18 -18.62 21.55
CA LEU D 50 -34.84 -19.98 21.19
C LEU D 50 -35.95 -20.96 21.56
N ASN D 51 -36.02 -22.06 20.83
CA ASN D 51 -36.91 -23.14 21.17
C ASN D 51 -36.10 -24.18 21.93
N ALA D 52 -35.60 -23.77 23.08
CA ALA D 52 -34.60 -24.54 23.82
C ALA D 52 -34.95 -24.72 25.29
N THR D 53 -34.40 -25.77 25.88
CA THR D 53 -34.60 -26.05 27.29
C THR D 53 -33.34 -25.69 28.08
N VAL D 54 -33.51 -24.93 29.17
CA VAL D 54 -32.37 -24.67 30.05
C VAL D 54 -32.17 -25.84 31.01
N TYR D 55 -30.97 -26.42 30.99
CA TYR D 55 -30.63 -27.51 31.88
C TYR D 55 -29.72 -27.02 32.98
N PRO D 56 -29.83 -27.58 34.18
CA PRO D 56 -29.04 -27.11 35.33
C PRO D 56 -27.58 -27.52 35.26
N ASN D 57 -27.25 -28.48 34.40
CA ASN D 57 -25.88 -28.94 34.25
C ASN D 57 -25.63 -29.65 32.93
N ASP D 58 -24.36 -29.94 32.64
CA ASP D 58 -24.02 -30.57 31.37
C ASP D 58 -24.47 -32.03 31.32
N ASP D 59 -24.53 -32.68 32.47
CA ASP D 59 -25.04 -34.05 32.56
C ASP D 59 -26.45 -34.13 31.99
N SER D 60 -27.35 -33.29 32.51
CA SER D 60 -28.70 -33.22 31.97
C SER D 60 -28.69 -33.00 30.46
N LEU D 61 -27.94 -31.99 30.01
CA LEU D 61 -27.96 -31.62 28.60
C LEU D 61 -27.46 -32.76 27.71
N LEU D 62 -26.36 -33.38 28.09
CA LEU D 62 -25.80 -34.47 27.32
C LEU D 62 -26.66 -35.74 27.35
N ALA D 63 -27.48 -35.89 28.38
CA ALA D 63 -28.38 -37.05 28.43
C ALA D 63 -29.59 -36.86 27.54
N ASP D 64 -29.77 -35.63 27.03
CA ASP D 64 -30.93 -35.33 26.19
C ASP D 64 -30.72 -35.94 24.79
N GLU D 65 -31.56 -36.93 24.47
CA GLU D 65 -31.44 -37.62 23.19
C GLU D 65 -31.89 -36.76 22.02
N ASN D 66 -32.48 -35.61 22.31
CA ASN D 66 -32.80 -34.68 21.25
C ASN D 66 -31.64 -33.73 20.95
N VAL D 67 -30.53 -33.90 21.67
CA VAL D 67 -29.31 -33.15 21.39
C VAL D 67 -28.34 -33.97 20.53
N ASP D 68 -28.07 -33.49 19.32
CA ASP D 68 -27.15 -34.18 18.40
C ASP D 68 -25.68 -33.82 18.64
N ALA D 69 -25.44 -32.58 19.02
CA ALA D 69 -24.06 -32.09 19.16
C ALA D 69 -23.99 -30.95 20.14
N VAL D 70 -22.80 -30.69 20.67
CA VAL D 70 -22.63 -29.64 21.67
C VAL D 70 -21.49 -28.68 21.34
N LEU D 71 -21.65 -27.44 21.79
CA LEU D 71 -20.55 -26.47 21.80
C LEU D 71 -20.15 -26.28 23.24
N VAL D 72 -18.87 -26.39 23.52
CA VAL D 72 -18.39 -26.18 24.88
C VAL D 72 -17.71 -24.82 24.93
N THR D 73 -18.38 -23.87 25.59
CA THR D 73 -18.00 -22.47 25.58
C THR D 73 -18.03 -21.98 27.01
N SER D 74 -17.75 -22.90 27.93
CA SER D 74 -17.73 -22.55 29.34
C SER D 74 -16.33 -22.07 29.71
N TRP D 75 -16.18 -21.70 30.97
CA TRP D 75 -14.89 -21.37 31.58
C TRP D 75 -13.83 -22.42 31.21
N GLY D 76 -12.65 -21.92 30.80
CA GLY D 76 -11.55 -22.76 30.33
C GLY D 76 -11.27 -24.08 31.05
N PRO D 77 -11.01 -24.03 32.36
CA PRO D 77 -10.70 -25.24 33.14
C PRO D 77 -11.83 -26.29 33.13
N ALA D 78 -13.06 -25.86 32.85
CA ALA D 78 -14.20 -26.78 32.87
C ALA D 78 -14.43 -27.50 31.53
N HIS D 79 -13.64 -27.15 30.53
CA HIS D 79 -13.80 -27.72 29.18
C HIS D 79 -13.52 -29.21 29.10
N GLU D 80 -12.39 -29.64 29.65
CA GLU D 80 -11.99 -31.04 29.64
C GLU D 80 -13.11 -31.95 30.12
N SER D 81 -13.73 -31.57 31.23
CA SER D 81 -14.82 -32.35 31.83
C SER D 81 -15.94 -32.57 30.82
N SER D 82 -16.48 -31.48 30.29
CA SER D 82 -17.60 -31.55 29.36
C SER D 82 -17.26 -32.32 28.08
N VAL D 83 -16.04 -32.15 27.56
CA VAL D 83 -15.62 -32.87 26.36
C VAL D 83 -15.66 -34.39 26.56
N LEU D 84 -15.12 -34.86 27.68
CA LEU D 84 -15.11 -36.28 27.97
C LEU D 84 -16.53 -36.83 28.12
N LYS D 85 -17.36 -36.14 28.88
CA LYS D 85 -18.78 -36.52 29.00
C LYS D 85 -19.48 -36.60 27.64
N ALA D 86 -19.13 -35.70 26.73
CA ALA D 86 -19.79 -35.67 25.43
C ALA D 86 -19.34 -36.82 24.51
N ILE D 87 -18.05 -37.12 24.56
CA ILE D 87 -17.52 -38.25 23.80
C ILE D 87 -18.14 -39.55 24.33
N LYS D 88 -18.27 -39.67 25.65
CA LYS D 88 -18.89 -40.84 26.26
C LYS D 88 -20.32 -40.98 25.77
N ALA D 89 -21.03 -39.86 25.69
CA ALA D 89 -22.38 -39.86 25.18
C ALA D 89 -22.39 -39.98 23.65
N GLN D 90 -21.19 -40.03 23.07
CA GLN D 90 -21.01 -40.05 21.61
C GLN D 90 -21.75 -38.92 20.90
N LYS D 91 -21.60 -37.71 21.45
CA LYS D 91 -22.12 -36.50 20.81
C LYS D 91 -20.97 -35.80 20.08
N TYR D 92 -21.26 -35.16 18.96
CA TYR D 92 -20.25 -34.33 18.31
C TYR D 92 -19.99 -33.11 19.18
N VAL D 93 -18.71 -32.71 19.27
CA VAL D 93 -18.27 -31.65 20.19
C VAL D 93 -17.43 -30.59 19.48
N PHE D 94 -17.93 -29.36 19.46
CA PHE D 94 -17.08 -28.22 19.13
C PHE D 94 -16.61 -27.62 20.44
N CYS D 95 -15.30 -27.62 20.64
CA CYS D 95 -14.74 -27.11 21.89
C CYS D 95 -13.97 -25.84 21.62
N GLU D 96 -14.36 -24.76 22.28
CA GLU D 96 -13.58 -23.53 22.20
C GLU D 96 -12.29 -23.79 22.94
N LYS D 97 -11.20 -23.20 22.46
CA LYS D 97 -9.89 -23.37 23.09
C LYS D 97 -9.94 -22.90 24.55
N PRO D 98 -9.18 -23.56 25.44
CA PRO D 98 -8.32 -24.71 25.16
C PRO D 98 -9.10 -26.01 25.25
N LEU D 99 -8.54 -27.05 24.65
CA LEU D 99 -9.13 -28.38 24.70
C LEU D 99 -9.17 -28.86 26.16
N ALA D 100 -8.03 -28.72 26.83
CA ALA D 100 -7.92 -28.90 28.27
C ALA D 100 -6.78 -28.03 28.77
N THR D 101 -6.69 -27.82 30.07
CA THR D 101 -5.68 -26.94 30.66
C THR D 101 -4.30 -27.59 30.78
N THR D 102 -4.22 -28.88 30.46
CA THR D 102 -2.96 -29.61 30.53
C THR D 102 -2.81 -30.54 29.33
N ALA D 103 -1.58 -30.91 29.02
CA ALA D 103 -1.32 -31.91 27.99
C ALA D 103 -1.93 -33.26 28.36
N GLU D 104 -2.01 -33.53 29.66
CA GLU D 104 -2.62 -34.75 30.17
C GLU D 104 -4.11 -34.76 29.86
N GLY D 105 -4.77 -33.64 30.15
CA GLY D 105 -6.19 -33.50 29.83
C GLY D 105 -6.48 -33.80 28.38
N CYS D 106 -5.72 -33.19 27.48
CA CYS D 106 -5.86 -33.41 26.04
C CYS D 106 -5.63 -34.87 25.66
N MET D 107 -4.66 -35.50 26.29
CA MET D 107 -4.33 -36.90 25.99
C MET D 107 -5.49 -37.84 26.33
N ARG D 108 -6.14 -37.60 27.46
CA ARG D 108 -7.32 -38.36 27.86
C ARG D 108 -8.43 -38.24 26.80
N ILE D 109 -8.62 -37.03 26.29
CA ILE D 109 -9.60 -36.79 25.25
C ILE D 109 -9.19 -37.54 23.98
N VAL D 110 -7.92 -37.41 23.61
CA VAL D 110 -7.40 -38.14 22.46
C VAL D 110 -7.72 -39.63 22.63
N GLU D 111 -7.42 -40.15 23.82
CA GLU D 111 -7.68 -41.55 24.17
C GLU D 111 -9.14 -41.94 23.96
N GLU D 112 -10.06 -41.22 24.60
CA GLU D 112 -11.49 -41.58 24.52
C GLU D 112 -12.04 -41.50 23.10
N GLU D 113 -11.55 -40.55 22.32
CA GLU D 113 -12.00 -40.40 20.94
C GLU D 113 -11.58 -41.57 20.05
N ILE D 114 -10.34 -42.02 20.20
CA ILE D 114 -9.84 -43.15 19.42
C ILE D 114 -10.69 -44.40 19.68
N LYS D 115 -11.11 -44.58 20.93
CA LYS D 115 -11.98 -45.69 21.30
C LYS D 115 -13.29 -45.66 20.53
N VAL D 116 -13.87 -44.47 20.41
CA VAL D 116 -15.10 -44.26 19.66
C VAL D 116 -14.95 -44.69 18.19
N GLY D 117 -13.81 -44.37 17.59
CA GLY D 117 -13.53 -44.85 16.25
C GLY D 117 -13.74 -43.83 15.14
N LYS D 118 -14.19 -42.63 15.51
CA LYS D 118 -14.34 -41.55 14.54
C LYS D 118 -14.18 -40.18 15.20
N ARG D 119 -14.02 -39.15 14.37
CA ARG D 119 -13.78 -37.80 14.88
C ARG D 119 -15.06 -37.14 15.39
N LEU D 120 -15.12 -36.89 16.69
CA LEU D 120 -16.25 -36.20 17.31
C LEU D 120 -15.84 -34.80 17.76
N VAL D 121 -14.54 -34.61 17.98
CA VAL D 121 -14.04 -33.38 18.58
C VAL D 121 -13.44 -32.44 17.54
N GLN D 122 -13.98 -31.22 17.46
CA GLN D 122 -13.39 -30.17 16.64
C GLN D 122 -12.98 -29.06 17.59
N VAL D 123 -11.71 -28.65 17.54
CA VAL D 123 -11.23 -27.57 18.40
C VAL D 123 -11.37 -26.22 17.67
N GLY D 124 -11.80 -25.18 18.41
CA GLY D 124 -12.11 -23.88 17.85
C GLY D 124 -10.92 -22.97 17.52
N PHE D 125 -9.99 -23.49 16.75
CA PHE D 125 -8.86 -22.68 16.26
C PHE D 125 -9.27 -22.04 14.94
N MET D 126 -9.95 -20.90 15.02
CA MET D 126 -10.63 -20.35 13.84
C MET D 126 -9.71 -19.78 12.76
N ARG D 127 -8.49 -19.40 13.13
CA ARG D 127 -7.59 -18.80 12.14
C ARG D 127 -7.43 -19.64 10.88
N ARG D 128 -7.54 -20.97 11.03
CA ARG D 128 -7.41 -21.89 9.90
C ARG D 128 -8.51 -21.69 8.88
N TYR D 129 -9.59 -21.06 9.31
CA TYR D 129 -10.68 -20.77 8.40
C TYR D 129 -10.69 -19.31 7.93
N ASP D 130 -9.69 -18.54 8.34
CA ASP D 130 -9.61 -17.15 7.87
C ASP D 130 -9.09 -17.11 6.43
N SER D 131 -9.72 -16.30 5.59
CA SER D 131 -9.40 -16.26 4.16
C SER D 131 -7.94 -15.90 3.87
N GLY D 132 -7.35 -15.07 4.73
CA GLY D 132 -5.95 -14.70 4.59
C GLY D 132 -5.05 -15.91 4.83
N TYR D 133 -5.36 -16.67 5.88
CA TYR D 133 -4.54 -17.82 6.20
C TYR D 133 -4.71 -18.95 5.19
N VAL D 134 -5.92 -19.09 4.68
CA VAL D 134 -6.21 -20.04 3.62
C VAL D 134 -5.42 -19.74 2.35
N GLN D 135 -5.37 -18.47 1.94
CA GLN D 135 -4.54 -18.08 0.80
C GLN D 135 -3.06 -18.36 1.03
N LEU D 136 -2.55 -18.09 2.23
CA LEU D 136 -1.15 -18.41 2.55
C LEU D 136 -0.87 -19.91 2.37
N LYS D 137 -1.79 -20.72 2.87
CA LYS D 137 -1.70 -22.18 2.81
C LYS D 137 -1.71 -22.67 1.37
N GLU D 138 -2.62 -22.10 0.59
CA GLU D 138 -2.74 -22.41 -0.83
C GLU D 138 -1.45 -22.05 -1.55
N ALA D 139 -0.92 -20.85 -1.30
CA ALA D 139 0.34 -20.46 -1.94
C ALA D 139 1.47 -21.43 -1.56
N LEU D 140 1.56 -21.78 -0.29
CA LEU D 140 2.63 -22.68 0.15
C LEU D 140 2.51 -24.05 -0.51
N ASP D 141 1.29 -24.55 -0.59
CA ASP D 141 1.05 -25.89 -1.11
C ASP D 141 1.22 -25.94 -2.62
N ASN D 142 1.20 -24.77 -3.24
CA ASN D 142 1.49 -24.69 -4.67
C ASN D 142 2.96 -24.37 -4.88
N HIS D 143 3.71 -24.31 -3.77
CA HIS D 143 5.14 -24.03 -3.78
C HIS D 143 5.53 -22.74 -4.50
N VAL D 144 4.71 -21.71 -4.33
CA VAL D 144 4.95 -20.41 -4.94
C VAL D 144 6.30 -19.86 -4.56
N ILE D 145 6.72 -20.07 -3.31
CA ILE D 145 7.94 -19.47 -2.80
C ILE D 145 9.06 -20.49 -2.49
N GLY D 146 8.86 -21.73 -2.92
CA GLY D 146 9.78 -22.80 -2.59
C GLY D 146 9.57 -23.30 -1.18
N GLU D 147 10.63 -23.78 -0.54
CA GLU D 147 10.54 -24.26 0.85
C GLU D 147 10.50 -23.09 1.80
N PRO D 148 9.58 -23.13 2.77
CA PRO D 148 9.58 -22.14 3.86
C PRO D 148 10.84 -22.26 4.73
N LEU D 149 11.49 -21.14 5.01
CA LEU D 149 12.68 -21.13 5.86
C LEU D 149 12.44 -20.43 7.19
N MET D 150 11.72 -19.31 7.15
CA MET D 150 11.52 -18.48 8.35
C MET D 150 10.09 -17.94 8.36
N ILE D 151 9.56 -17.72 9.55
CA ILE D 151 8.26 -17.05 9.70
C ILE D 151 8.41 -15.93 10.71
N HIS D 152 7.96 -14.73 10.34
CA HIS D 152 7.96 -13.61 11.27
C HIS D 152 6.51 -13.26 11.56
N CYS D 153 6.15 -13.29 12.84
CA CYS D 153 4.77 -12.96 13.15
CA CYS D 153 4.76 -13.15 13.29
C CYS D 153 4.66 -12.10 14.39
N ALA D 154 3.50 -11.46 14.49
CA ALA D 154 3.24 -10.56 15.60
C ALA D 154 1.78 -10.72 15.99
N HIS D 155 1.53 -10.71 17.29
CA HIS D 155 0.18 -10.74 17.83
C HIS D 155 0.10 -9.58 18.81
N ARG D 156 -0.65 -8.53 18.46
CA ARG D 156 -0.65 -7.31 19.24
C ARG D 156 -2.06 -6.93 19.72
N ASN D 157 -2.13 -6.30 20.88
CA ASN D 157 -3.40 -5.97 21.52
C ASN D 157 -3.27 -4.62 22.21
N PRO D 158 -4.34 -3.80 22.15
CA PRO D 158 -4.21 -2.42 22.64
C PRO D 158 -3.93 -2.40 24.14
N THR D 159 -4.74 -3.13 24.90
CA THR D 159 -4.57 -3.14 26.34
C THR D 159 -5.19 -4.38 26.97
N VAL D 160 -4.60 -4.83 28.08
CA VAL D 160 -5.20 -5.92 28.86
C VAL D 160 -5.53 -5.47 30.28
N GLY D 161 -6.44 -6.19 30.92
CA GLY D 161 -6.85 -5.89 32.28
C GLY D 161 -5.86 -6.34 33.34
N ASP D 162 -6.22 -6.16 34.60
CA ASP D 162 -5.31 -6.40 35.72
C ASP D 162 -5.17 -7.89 36.03
N ASN D 163 -6.03 -8.70 35.42
CA ASN D 163 -6.01 -10.15 35.57
C ASN D 163 -4.96 -10.85 34.70
N TYR D 164 -4.63 -10.22 33.58
CA TYR D 164 -3.73 -10.82 32.59
C TYR D 164 -2.32 -11.02 33.16
N THR D 165 -1.83 -12.26 33.07
CA THR D 165 -0.52 -12.62 33.60
C THR D 165 0.46 -12.99 32.48
N THR D 166 1.75 -12.99 32.82
CA THR D 166 2.85 -13.29 31.89
C THR D 166 2.65 -14.59 31.12
N ASP D 167 2.14 -15.62 31.80
CA ASP D 167 1.96 -16.92 31.18
C ASP D 167 0.81 -16.90 30.18
N MET D 168 -0.17 -16.03 30.42
CA MET D 168 -1.30 -15.91 29.49
C MET D 168 -0.85 -15.42 28.11
N ALA D 169 0.30 -14.77 28.04
CA ALA D 169 0.84 -14.32 26.75
C ALA D 169 1.01 -15.48 25.77
N VAL D 170 1.43 -16.63 26.28
CA VAL D 170 1.59 -17.81 25.43
C VAL D 170 0.36 -18.73 25.50
N VAL D 171 -0.23 -18.85 26.68
CA VAL D 171 -1.37 -19.73 26.90
C VAL D 171 -2.65 -19.28 26.19
N ASP D 172 -2.97 -17.99 26.29
CA ASP D 172 -4.24 -17.48 25.76
C ASP D 172 -4.10 -16.73 24.44
N THR D 173 -2.89 -16.31 24.14
CA THR D 173 -2.66 -15.41 23.01
C THR D 173 -1.88 -16.11 21.91
N LEU D 174 -0.61 -16.42 22.17
CA LEU D 174 0.25 -17.07 21.18
C LEU D 174 -0.26 -18.43 20.73
N VAL D 175 -1.12 -19.05 21.54
CA VAL D 175 -1.66 -20.38 21.24
C VAL D 175 -2.30 -20.42 19.84
N HIS D 176 -2.88 -19.31 19.42
CA HIS D 176 -3.45 -19.24 18.07
C HIS D 176 -2.36 -19.38 17.01
N GLU D 177 -1.26 -18.63 17.16
CA GLU D 177 -0.11 -18.76 16.26
C GLU D 177 0.44 -20.19 16.29
N ILE D 178 0.58 -20.71 17.51
CA ILE D 178 1.13 -22.05 17.70
C ILE D 178 0.35 -23.07 16.89
N ASP D 179 -0.97 -22.99 16.93
CA ASP D 179 -1.76 -23.90 16.12
C ASP D 179 -1.66 -23.65 14.62
N VAL D 180 -1.74 -22.39 14.21
CA VAL D 180 -1.87 -22.12 12.79
C VAL D 180 -0.56 -22.36 12.02
N LEU D 181 0.58 -22.12 12.66
CA LEU D 181 1.84 -22.23 11.94
C LEU D 181 2.22 -23.68 11.60
N HIS D 182 2.03 -24.62 12.53
CA HIS D 182 2.43 -25.99 12.19
C HIS D 182 1.48 -26.52 11.11
N TRP D 183 0.24 -26.06 11.15
CA TRP D 183 -0.71 -26.38 10.10
C TRP D 183 -0.29 -25.82 8.75
N LEU D 184 0.14 -24.56 8.72
CA LEU D 184 0.61 -23.94 7.48
C LEU D 184 1.78 -24.68 6.83
N VAL D 185 2.81 -24.97 7.62
CA VAL D 185 4.05 -25.49 7.06
C VAL D 185 4.20 -27.02 7.19
N ASN D 186 3.24 -27.67 7.83
CA ASN D 186 3.23 -29.14 7.92
C ASN D 186 4.56 -29.66 8.46
N ASP D 187 4.91 -29.24 9.68
CA ASP D 187 6.17 -29.59 10.28
C ASP D 187 5.93 -29.52 11.78
N ASP D 188 6.73 -30.24 12.57
CA ASP D 188 6.50 -30.26 14.00
C ASP D 188 7.48 -29.38 14.73
N TYR D 189 7.02 -28.81 15.84
CA TYR D 189 7.86 -27.98 16.68
C TYR D 189 8.89 -28.84 17.42
N GLU D 190 10.04 -28.26 17.70
CA GLU D 190 11.15 -28.96 18.33
C GLU D 190 11.56 -28.27 19.62
N SER D 191 11.92 -26.99 19.48
CA SER D 191 12.42 -26.21 20.60
C SER D 191 11.84 -24.80 20.62
N VAL D 192 11.74 -24.21 21.80
CA VAL D 192 11.28 -22.85 21.93
C VAL D 192 12.22 -22.08 22.85
N GLN D 193 12.25 -20.76 22.69
CA GLN D 193 13.09 -19.87 23.49
C GLN D 193 12.35 -18.56 23.62
N VAL D 194 12.43 -17.93 24.80
CA VAL D 194 11.72 -16.68 25.05
C VAL D 194 12.71 -15.58 25.38
N ILE D 195 12.51 -14.41 24.78
CA ILE D 195 13.36 -13.25 25.03
C ILE D 195 12.51 -12.08 25.47
N TYR D 196 12.89 -11.44 26.58
CA TYR D 196 12.13 -10.31 27.08
C TYR D 196 12.87 -9.00 26.79
N PRO D 197 12.25 -8.13 25.97
CA PRO D 197 12.79 -6.77 25.89
C PRO D 197 12.29 -5.99 27.09
N LYS D 198 12.79 -4.76 27.26
CA LYS D 198 12.33 -3.88 28.33
C LYS D 198 10.80 -3.81 28.40
N LYS D 199 10.27 -3.61 29.59
CA LYS D 199 8.82 -3.58 29.77
C LYS D 199 8.20 -2.26 29.24
N SER D 200 7.07 -2.38 28.56
CA SER D 200 6.31 -1.22 28.14
C SER D 200 5.68 -0.49 29.33
N LYS D 201 5.70 0.84 29.29
CA LYS D 201 5.01 1.66 30.29
C LYS D 201 3.52 1.37 30.34
N ASN D 202 3.00 0.75 29.28
CA ASN D 202 1.58 0.41 29.23
C ASN D 202 1.24 -0.90 29.94
N ALA D 203 2.27 -1.58 30.46
CA ALA D 203 2.08 -2.85 31.16
C ALA D 203 2.08 -2.70 32.68
N LEU D 204 1.14 -3.37 33.35
CA LEU D 204 1.17 -3.45 34.82
C LEU D 204 2.45 -4.16 35.22
N PRO D 205 3.04 -3.79 36.37
CA PRO D 205 4.37 -4.31 36.72
C PRO D 205 4.38 -5.81 36.99
N HIS D 206 3.21 -6.38 37.27
CA HIS D 206 3.12 -7.82 37.46
C HIS D 206 3.22 -8.60 36.15
N LEU D 207 3.19 -7.88 35.03
CA LEU D 207 3.16 -8.48 33.70
C LEU D 207 4.43 -8.22 32.92
N LYS D 208 4.96 -9.26 32.27
CA LYS D 208 6.06 -9.07 31.33
C LYS D 208 5.50 -8.96 29.91
N ASP D 209 5.59 -7.76 29.35
CA ASP D 209 4.99 -7.44 28.06
C ASP D 209 5.79 -6.26 27.52
N PRO D 210 6.31 -6.37 26.28
CA PRO D 210 6.12 -7.44 25.30
C PRO D 210 7.03 -8.64 25.52
N GLN D 211 6.84 -9.69 24.73
CA GLN D 211 7.77 -10.84 24.71
C GLN D 211 8.08 -11.23 23.28
N ILE D 212 9.28 -11.75 23.06
CA ILE D 212 9.63 -12.37 21.79
C ILE D 212 9.83 -13.87 22.00
N VAL D 213 9.09 -14.68 21.24
CA VAL D 213 9.19 -16.13 21.32
C VAL D 213 9.78 -16.64 20.02
N VAL D 214 10.79 -17.49 20.12
CA VAL D 214 11.45 -18.05 18.96
C VAL D 214 11.23 -19.56 18.95
N ILE D 215 10.67 -20.07 17.86
CA ILE D 215 10.36 -21.49 17.75
C ILE D 215 11.07 -22.10 16.56
N GLU D 216 11.74 -23.23 16.76
CA GLU D 216 12.29 -24.00 15.64
C GLU D 216 11.46 -25.26 15.38
N THR D 217 11.27 -25.59 14.11
CA THR D 217 10.60 -26.84 13.75
C THR D 217 11.64 -27.94 13.53
N LYS D 218 11.19 -29.19 13.46
CA LYS D 218 12.11 -30.30 13.19
C LYS D 218 12.76 -30.16 11.83
N GLY D 219 12.04 -29.60 10.86
CA GLY D 219 12.60 -29.38 9.54
C GLY D 219 13.57 -28.21 9.51
N GLY D 220 13.67 -27.47 10.61
CA GLY D 220 14.54 -26.31 10.65
C GLY D 220 13.89 -24.99 10.24
N ILE D 221 12.57 -24.88 10.32
CA ILE D 221 11.93 -23.58 10.10
C ILE D 221 12.11 -22.79 11.39
N VAL D 222 12.54 -21.54 11.27
CA VAL D 222 12.68 -20.73 12.47
C VAL D 222 11.54 -19.71 12.52
N ILE D 223 10.80 -19.71 13.62
CA ILE D 223 9.69 -18.78 13.78
C ILE D 223 10.03 -17.75 14.84
N ASN D 224 9.90 -16.47 14.49
CA ASN D 224 10.06 -15.37 15.45
C ASN D 224 8.71 -14.72 15.68
N ALA D 225 8.18 -14.82 16.89
CA ALA D 225 6.85 -14.31 17.17
C ALA D 225 6.91 -13.22 18.22
N GLU D 226 6.44 -12.03 17.86
CA GLU D 226 6.33 -10.94 18.82
C GLU D 226 4.95 -10.98 19.47
N ILE D 227 4.91 -10.92 20.79
CA ILE D 227 3.62 -10.79 21.48
C ILE D 227 3.62 -9.47 22.23
N TYR D 228 2.60 -8.63 22.01
CA TYR D 228 2.57 -7.33 22.68
C TYR D 228 1.12 -6.91 22.97
N VAL D 229 0.72 -7.11 24.22
CA VAL D 229 -0.69 -7.04 24.56
C VAL D 229 -1.13 -5.69 25.13
N ASN D 230 -0.18 -4.78 25.30
CA ASN D 230 -0.51 -3.40 25.64
C ASN D 230 0.11 -2.43 24.63
N CYS D 231 -0.01 -2.73 23.33
CA CYS D 231 0.60 -1.89 22.30
C CYS D 231 -0.15 -0.58 22.04
N LYS D 232 -1.32 -0.43 22.67
CA LYS D 232 -2.10 0.80 22.65
C LYS D 232 -2.76 1.16 21.30
N TYR D 233 -2.03 0.99 20.20
CA TYR D 233 -2.54 1.46 18.90
C TYR D 233 -3.68 0.66 18.29
N GLY D 234 -3.77 -0.64 18.61
CA GLY D 234 -4.83 -1.46 18.06
C GLY D 234 -4.64 -2.96 18.25
N TYR D 235 -5.60 -3.75 17.79
CA TYR D 235 -5.44 -5.19 17.72
C TYR D 235 -4.84 -5.50 16.35
N ASP D 236 -3.74 -6.23 16.32
CA ASP D 236 -3.00 -6.39 15.07
C ASP D 236 -2.34 -7.76 14.96
N ILE D 237 -2.65 -8.47 13.88
CA ILE D 237 -2.05 -9.77 13.59
C ILE D 237 -1.25 -9.64 12.31
N GLN D 238 0.06 -9.86 12.40
CA GLN D 238 0.92 -9.89 11.22
C GLN D 238 1.61 -11.26 11.08
N CYS D 239 1.78 -11.71 9.85
CA CYS D 239 2.46 -12.99 9.59
C CYS D 239 3.10 -12.97 8.22
N GLU D 240 4.41 -13.20 8.20
CA GLU D 240 5.18 -13.19 6.97
C GLU D 240 5.96 -14.49 6.87
N ILE D 241 5.85 -15.17 5.74
CA ILE D 241 6.57 -16.41 5.54
C ILE D 241 7.64 -16.24 4.50
N VAL D 242 8.90 -16.38 4.92
CA VAL D 242 10.02 -16.26 4.00
C VAL D 242 10.44 -17.62 3.45
N GLY D 243 10.32 -17.78 2.14
CA GLY D 243 10.69 -19.04 1.52
C GLY D 243 11.99 -18.87 0.75
N GLU D 244 12.45 -19.95 0.13
CA GLU D 244 13.69 -19.91 -0.64
C GLU D 244 13.68 -18.86 -1.74
N ASP D 245 12.57 -18.77 -2.46
CA ASP D 245 12.55 -17.96 -3.66
C ASP D 245 11.62 -16.75 -3.58
N GLY D 246 10.86 -16.66 -2.50
CA GLY D 246 9.94 -15.55 -2.34
C GLY D 246 9.40 -15.43 -0.93
N ILE D 247 8.57 -14.42 -0.75
CA ILE D 247 7.98 -14.12 0.54
C ILE D 247 6.47 -13.87 0.41
N ILE D 248 5.68 -14.53 1.24
CA ILE D 248 4.24 -14.28 1.28
C ILE D 248 3.82 -13.72 2.64
N LYS D 249 2.81 -12.85 2.63
CA LYS D 249 2.47 -12.11 3.84
C LYS D 249 0.96 -11.96 4.00
N LEU D 250 0.46 -12.18 5.21
CA LEU D 250 -0.96 -12.04 5.52
C LEU D 250 -1.39 -10.59 5.24
N PRO D 251 -2.59 -10.39 4.67
CA PRO D 251 -3.04 -9.01 4.38
C PRO D 251 -3.57 -8.24 5.59
N GLU D 252 -3.65 -6.91 5.50
CA GLU D 252 -4.37 -6.10 6.49
C GLU D 252 -5.83 -6.39 6.29
N PRO D 253 -6.64 -6.33 7.37
CA PRO D 253 -8.09 -6.42 7.18
C PRO D 253 -8.57 -5.27 6.32
N SER D 254 -9.59 -5.53 5.53
CA SER D 254 -10.11 -4.60 4.54
C SER D 254 -10.50 -3.25 5.15
N SER D 255 -9.97 -2.15 4.62
CA SER D 255 -10.38 -0.83 5.09
C SER D 255 -10.37 0.18 3.96
N ILE D 256 -11.32 1.11 3.97
CA ILE D 256 -11.25 2.21 3.01
C ILE D 256 -10.03 3.01 3.40
N SER D 257 -9.47 3.75 2.45
CA SER D 257 -8.36 4.64 2.76
C SER D 257 -8.85 6.09 2.86
N LEU D 258 -8.07 6.91 3.55
CA LEU D 258 -8.44 8.29 3.78
C LEU D 258 -7.22 9.18 3.59
N ARG D 259 -7.38 10.25 2.81
CA ARG D 259 -6.38 11.32 2.77
C ARG D 259 -6.97 12.50 3.55
N LYS D 260 -6.31 12.93 4.61
CA LYS D 260 -6.87 13.99 5.47
C LYS D 260 -5.78 14.48 6.41
N GLU D 261 -5.68 15.81 6.53
CA GLU D 261 -4.74 16.42 7.48
C GLU D 261 -3.32 15.87 7.38
N GLY D 262 -2.78 15.87 6.17
CA GLY D 262 -1.40 15.51 5.96
C GLY D 262 -1.10 14.04 6.12
N ARG D 263 -2.14 13.20 6.21
CA ARG D 263 -1.96 11.74 6.30
C ARG D 263 -2.81 10.97 5.30
N PHE D 264 -2.21 9.94 4.72
CA PHE D 264 -2.90 8.92 3.95
C PHE D 264 -3.00 7.68 4.86
N SER D 265 -4.22 7.22 5.16
CA SER D 265 -4.39 6.23 6.23
C SER D 265 -5.48 5.22 5.99
N THR D 266 -5.38 4.08 6.69
CA THR D 266 -6.43 3.07 6.71
C THR D 266 -6.68 2.73 8.17
N ASP D 267 -7.82 2.12 8.46
CA ASP D 267 -8.14 1.77 9.84
C ASP D 267 -7.36 0.56 10.32
N ILE D 268 -7.03 0.57 11.61
CA ILE D 268 -6.57 -0.61 12.31
C ILE D 268 -7.65 -0.93 13.35
N LEU D 269 -8.17 -2.16 13.34
CA LEU D 269 -9.16 -2.54 14.34
C LEU D 269 -8.63 -2.32 15.77
N MET D 270 -9.53 -1.90 16.65
CA MET D 270 -9.19 -1.75 18.07
C MET D 270 -9.71 -2.95 18.85
N ASP D 271 -10.54 -3.73 18.17
CA ASP D 271 -11.39 -4.74 18.78
C ASP D 271 -11.08 -6.12 18.21
N TRP D 272 -10.56 -7.02 19.05
CA TRP D 272 -10.20 -8.38 18.61
C TRP D 272 -11.38 -9.17 18.00
N GLN D 273 -12.61 -8.88 18.45
CA GLN D 273 -13.79 -9.62 18.01
C GLN D 273 -14.11 -9.35 16.54
N ARG D 274 -13.47 -8.34 15.97
CA ARG D 274 -13.76 -7.91 14.59
C ARG D 274 -12.79 -8.47 13.53
N ARG D 275 -11.64 -8.93 14.01
N ARG D 275 -11.60 -8.91 13.94
CA ARG D 275 -10.56 -9.43 13.15
CA ARG D 275 -10.61 -9.38 12.96
C ARG D 275 -10.99 -10.69 12.41
C ARG D 275 -11.02 -10.71 12.35
N PHE D 276 -11.66 -11.58 13.14
CA PHE D 276 -12.00 -12.91 12.66
C PHE D 276 -13.47 -13.32 12.65
N VAL D 277 -14.40 -12.36 12.63
CA VAL D 277 -15.83 -12.70 12.64
C VAL D 277 -16.22 -13.69 11.53
N ALA D 278 -15.70 -13.49 10.31
CA ALA D 278 -16.02 -14.42 9.21
C ALA D 278 -15.48 -15.83 9.45
N ALA D 279 -14.29 -15.93 10.03
CA ALA D 279 -13.68 -17.25 10.28
C ALA D 279 -14.56 -18.06 11.22
N TYR D 280 -15.11 -17.39 12.24
CA TYR D 280 -16.00 -18.04 13.19
C TYR D 280 -17.23 -18.59 12.48
N ASP D 281 -17.83 -17.81 11.59
CA ASP D 281 -19.00 -18.28 10.85
C ASP D 281 -18.63 -19.49 10.03
N VAL D 282 -17.49 -19.42 9.36
CA VAL D 282 -17.08 -20.50 8.49
C VAL D 282 -16.77 -21.76 9.31
N GLU D 283 -16.07 -21.61 10.43
CA GLU D 283 -15.71 -22.79 11.23
C GLU D 283 -16.93 -23.54 11.76
N ILE D 284 -17.92 -22.81 12.26
CA ILE D 284 -19.13 -23.43 12.79
C ILE D 284 -19.96 -24.05 11.67
N GLN D 285 -20.03 -23.36 10.55
CA GLN D 285 -20.72 -23.90 9.39
C GLN D 285 -20.02 -25.18 8.91
N ASP D 286 -18.69 -25.20 9.02
CA ASP D 286 -17.92 -26.40 8.67
C ASP D 286 -18.26 -27.56 9.61
N PHE D 287 -18.32 -27.27 10.91
CA PHE D 287 -18.78 -28.20 11.94
C PHE D 287 -20.13 -28.82 11.61
N ILE D 288 -21.09 -27.98 11.22
CA ILE D 288 -22.44 -28.43 10.87
C ILE D 288 -22.45 -29.27 9.59
N ASP D 289 -21.81 -28.76 8.55
CA ASP D 289 -21.80 -29.44 7.25
C ASP D 289 -21.05 -30.77 7.28
N SER D 290 -19.93 -30.81 7.99
CA SER D 290 -19.13 -32.03 8.10
C SER D 290 -19.93 -33.13 8.79
N ILE D 291 -20.50 -32.83 9.94
CA ILE D 291 -21.41 -33.76 10.63
C ILE D 291 -22.50 -34.28 9.68
N GLN D 292 -23.24 -33.36 9.05
CA GLN D 292 -24.41 -33.74 8.26
C GLN D 292 -24.10 -34.48 6.95
N LYS D 293 -22.88 -34.35 6.45
CA LYS D 293 -22.52 -34.97 5.18
C LYS D 293 -21.54 -36.14 5.29
N LYS D 294 -20.74 -36.16 6.36
CA LYS D 294 -19.70 -37.19 6.53
C LYS D 294 -19.85 -38.00 7.81
N GLY D 295 -20.74 -37.59 8.69
CA GLY D 295 -20.95 -38.29 9.95
C GLY D 295 -19.82 -38.11 10.94
N GLU D 296 -18.91 -37.20 10.65
CA GLU D 296 -17.86 -36.82 11.60
C GLU D 296 -17.37 -35.39 11.35
N VAL D 297 -16.76 -34.79 12.36
CA VAL D 297 -16.28 -33.41 12.25
C VAL D 297 -14.95 -33.37 11.54
N SER D 298 -14.54 -32.19 11.09
CA SER D 298 -13.30 -32.10 10.33
C SER D 298 -12.61 -30.77 10.39
N GLY D 299 -12.38 -30.24 11.58
CA GLY D 299 -11.57 -29.04 11.68
C GLY D 299 -10.25 -29.42 12.33
N PRO D 300 -9.66 -28.50 13.09
CA PRO D 300 -8.53 -28.87 13.95
C PRO D 300 -8.96 -30.00 14.90
N THR D 301 -8.10 -30.98 15.13
CA THR D 301 -8.48 -32.18 15.87
C THR D 301 -8.11 -32.13 17.34
N ALA D 302 -8.52 -33.15 18.08
CA ALA D 302 -8.07 -33.33 19.46
C ALA D 302 -6.54 -33.38 19.53
N TRP D 303 -5.93 -33.95 18.50
CA TRP D 303 -4.48 -34.03 18.46
C TRP D 303 -3.88 -32.62 18.30
N ASP D 304 -4.51 -31.80 17.47
CA ASP D 304 -4.08 -30.41 17.35
C ASP D 304 -4.17 -29.71 18.70
N GLY D 305 -5.22 -30.02 19.45
CA GLY D 305 -5.34 -29.48 20.80
C GLY D 305 -4.17 -29.93 21.67
N TYR D 306 -3.79 -31.20 21.54
CA TYR D 306 -2.69 -31.76 22.33
C TYR D 306 -1.34 -31.10 21.98
N ILE D 307 -1.05 -30.98 20.69
CA ILE D 307 0.12 -30.23 20.25
C ILE D 307 0.20 -28.82 20.88
N ALA D 308 -0.91 -28.10 20.84
CA ALA D 308 -0.97 -26.74 21.38
C ALA D 308 -0.61 -26.75 22.86
N ALA D 309 -1.21 -27.69 23.59
CA ALA D 309 -0.94 -27.85 25.01
C ALA D 309 0.57 -28.12 25.30
N VAL D 310 1.16 -29.09 24.62
CA VAL D 310 2.57 -29.39 24.84
C VAL D 310 3.46 -28.18 24.49
N THR D 311 3.20 -27.58 23.33
CA THR D 311 4.02 -26.47 22.86
C THR D 311 3.90 -25.26 23.79
N THR D 312 2.67 -24.93 24.19
CA THR D 312 2.44 -23.87 25.16
C THR D 312 3.12 -24.16 26.49
N ASP D 313 3.02 -25.41 26.96
CA ASP D 313 3.73 -25.80 28.18
C ASP D 313 5.21 -25.49 28.10
N ALA D 314 5.85 -25.90 27.01
CA ALA D 314 7.28 -25.63 26.85
C ALA D 314 7.59 -24.13 26.76
N CYS D 315 6.67 -23.35 26.19
CA CYS D 315 6.87 -21.90 26.12
C CYS D 315 6.86 -21.29 27.51
N VAL D 316 5.94 -21.77 28.35
CA VAL D 316 5.87 -21.30 29.73
C VAL D 316 7.14 -21.72 30.48
N LYS D 317 7.65 -22.91 30.14
CA LYS D 317 8.91 -23.35 30.72
C LYS D 317 10.04 -22.39 30.33
N ALA D 318 10.11 -22.08 29.04
CA ALA D 318 11.12 -21.13 28.55
C ALA D 318 10.97 -19.73 29.18
N GLN D 319 9.73 -19.31 29.44
CA GLN D 319 9.45 -18.04 30.12
C GLN D 319 10.16 -17.95 31.46
N GLU D 320 10.12 -19.03 32.24
CA GLU D 320 10.72 -19.07 33.57
C GLU D 320 12.24 -19.30 33.54
N SER D 321 12.70 -20.19 32.67
CA SER D 321 14.11 -20.59 32.67
C SER D 321 15.04 -19.68 31.87
N GLY D 322 14.51 -19.02 30.84
CA GLY D 322 15.34 -18.16 30.01
C GLY D 322 16.21 -18.94 29.03
N GLN D 323 16.02 -20.25 28.98
CA GLN D 323 16.83 -21.12 28.13
C GLN D 323 16.03 -21.74 26.99
N LYS D 324 16.74 -22.20 25.97
CA LYS D 324 16.11 -22.99 24.91
C LYS D 324 15.50 -24.29 25.47
N GLU D 325 14.18 -24.42 25.36
CA GLU D 325 13.46 -25.57 25.90
C GLU D 325 12.90 -26.52 24.84
N LYS D 326 12.84 -27.80 25.18
CA LYS D 326 12.43 -28.83 24.23
C LYS D 326 10.91 -28.97 24.15
N VAL D 327 10.40 -29.17 22.94
CA VAL D 327 9.01 -29.53 22.74
C VAL D 327 8.95 -31.05 22.64
N GLU D 328 8.41 -31.66 23.67
CA GLU D 328 8.40 -33.12 23.77
C GLU D 328 7.09 -33.64 23.23
N LEU D 329 7.05 -33.98 21.93
CA LEU D 329 5.83 -34.44 21.28
C LEU D 329 5.86 -35.94 21.07
N LYS D 330 4.76 -36.61 21.36
CA LYS D 330 4.65 -38.04 21.11
C LYS D 330 4.33 -38.29 19.64
N GLU D 331 4.41 -39.55 19.22
CA GLU D 331 4.12 -39.87 17.84
C GLU D 331 2.62 -39.76 17.56
N LYS D 332 2.29 -39.09 16.46
CA LYS D 332 0.90 -38.91 16.06
C LYS D 332 0.23 -40.23 15.71
N PRO D 333 -0.85 -40.58 16.43
CA PRO D 333 -1.66 -41.77 16.18
C PRO D 333 -2.15 -41.88 14.73
N GLU D 334 -2.24 -43.11 14.23
CA GLU D 334 -2.72 -43.36 12.86
C GLU D 334 -4.14 -42.83 12.65
N PHE D 335 -4.89 -42.77 13.73
CA PHE D 335 -6.26 -42.28 13.72
C PHE D 335 -6.33 -40.85 13.17
N TYR D 336 -5.30 -40.06 13.46
CA TYR D 336 -5.28 -38.66 13.06
C TYR D 336 -4.49 -38.39 11.76
N GLN D 337 -4.45 -39.38 10.87
CA GLN D 337 -3.76 -39.21 9.58
C GLN D 337 -4.70 -39.55 8.43
#